data_7A0A
#
_entry.id   7A0A
#
_cell.length_a   73.060
_cell.length_b   114.880
_cell.length_c   113.760
_cell.angle_alpha   90.000
_cell.angle_beta   95.804
_cell.angle_gamma   90.000
#
_symmetry.space_group_name_H-M   'P 1 21 1'
#
loop_
_entity.id
_entity.type
_entity.pdbx_description
1 polymer 'Cysteine sulfinic acid decarboxylase'
2 non-polymer 'SULFATE ION'
3 non-polymer 'SODIUM ION'
4 water water
#
_entity_poly.entity_id   1
_entity_poly.type   'polypeptide(L)'
_entity_poly.pdbx_seq_one_letter_code
;MGPHHHHHHLESTSLYKKAGSENLYFQGMADSKPLRTLDGDPVAVEALLQDVFGIVVDEAILKGTSASEKVCEWKEPEEL
KQLLDLELQSQGESREQILERCRTVIHYSVKTGHPRFFNQLFSGLDPHALAGRIITESLNTSQYTYEIAPVFVLMEEEVL
KKLRALVGWNSGDGVFCPGGSISNMYAMNLARFQRYPDCKQRGLRALPPLALFTSKECHYSITKGAAFLGLGTDSVRVVK
ADERGRMIPEDLERQIILAEAEGSVPFLVSATSGTTVLGAFDPLDAIADVCQRHGLWFHVDAAWGGSVLLSRTHRHLLDG
IQRADSVAWNPHKLLAAGLQCSALLLRDTSNLLKRCHGSQASYLFQQDKFYDVALDTGDKVVQCGRRVDCLKLWLMWKAQ
GGQGLERRIDQAFALTRYLVEEIKKREGFELVMEPEFVNVCFWFVPPSLRGKKESPDYSQRLSQVAPVLKERMVKKGTMM
IGYQPHGTRANFFRMVVANPILAQADIDFLLGELELLGQDL
;
_entity_poly.pdbx_strand_id   A,B,C,D
#
loop_
_chem_comp.id
_chem_comp.type
_chem_comp.name
_chem_comp.formula
NA non-polymer 'SODIUM ION' 'Na 1'
SO4 non-polymer 'SULFATE ION' 'O4 S -2'
#
# COMPACT_ATOMS: atom_id res chain seq x y z
N ASP A 41 44.34 -17.71 -19.47
CA ASP A 41 45.60 -18.44 -19.36
C ASP A 41 45.41 -19.72 -18.54
N PRO A 42 45.42 -20.88 -19.22
CA PRO A 42 45.25 -22.15 -18.48
C PRO A 42 46.28 -22.34 -17.38
N VAL A 43 47.55 -22.03 -17.65
CA VAL A 43 48.61 -22.26 -16.67
C VAL A 43 48.39 -21.40 -15.42
N ALA A 44 47.94 -20.16 -15.60
CA ALA A 44 47.68 -19.30 -14.45
C ALA A 44 46.58 -19.87 -13.57
N VAL A 45 45.52 -20.42 -14.18
CA VAL A 45 44.42 -20.99 -13.40
C VAL A 45 44.92 -22.19 -12.60
N GLU A 46 45.58 -23.12 -13.28
CA GLU A 46 46.10 -24.31 -12.61
C GLU A 46 47.04 -23.92 -11.47
N ALA A 47 47.99 -23.02 -11.74
CA ALA A 47 48.92 -22.60 -10.71
C ALA A 47 48.21 -21.91 -9.56
N LEU A 48 47.15 -21.15 -9.85
CA LEU A 48 46.43 -20.46 -8.80
C LEU A 48 45.77 -21.46 -7.85
N LEU A 49 44.98 -22.38 -8.39
CA LEU A 49 44.26 -23.33 -7.53
C LEU A 49 45.22 -24.27 -6.82
N GLN A 50 46.29 -24.70 -7.50
CA GLN A 50 47.25 -25.59 -6.86
C GLN A 50 47.88 -24.90 -5.65
N ASP A 51 48.20 -23.61 -5.78
CA ASP A 51 48.72 -22.86 -4.65
C ASP A 51 47.66 -22.72 -3.56
N VAL A 52 46.41 -22.51 -3.94
CA VAL A 52 45.34 -22.38 -2.95
C VAL A 52 45.10 -23.71 -2.24
N PHE A 53 45.14 -24.82 -2.97
CA PHE A 53 44.89 -26.10 -2.34
C PHE A 53 45.99 -26.47 -1.37
N GLY A 54 47.22 -26.01 -1.61
CA GLY A 54 48.29 -26.23 -0.66
C GLY A 54 48.01 -25.58 0.68
N ILE A 55 47.42 -24.38 0.65
CA ILE A 55 47.05 -23.70 1.90
C ILE A 55 45.93 -24.47 2.60
N VAL A 56 44.97 -24.97 1.82
CA VAL A 56 43.85 -25.71 2.40
C VAL A 56 44.33 -26.97 3.11
N VAL A 57 45.23 -27.71 2.46
CA VAL A 57 45.74 -28.94 3.06
C VAL A 57 46.41 -28.64 4.38
N ASP A 58 47.36 -27.71 4.39
CA ASP A 58 48.17 -27.47 5.59
C ASP A 58 47.33 -26.90 6.73
N GLU A 59 46.61 -25.81 6.49
CA GLU A 59 45.96 -25.09 7.58
C GLU A 59 44.58 -25.61 7.92
N ALA A 60 43.82 -26.11 6.95
CA ALA A 60 42.44 -26.53 7.17
C ALA A 60 42.30 -28.03 7.43
N ILE A 61 42.99 -28.85 6.66
CA ILE A 61 42.83 -30.30 6.77
C ILE A 61 43.80 -30.83 7.80
N LEU A 62 45.10 -30.64 7.56
CA LEU A 62 46.10 -31.21 8.46
C LEU A 62 46.11 -30.51 9.81
N LYS A 63 46.34 -29.19 9.82
CA LYS A 63 46.33 -28.48 11.09
C LYS A 63 44.95 -28.46 11.72
N GLY A 64 43.90 -28.65 10.92
CA GLY A 64 42.55 -28.69 11.48
C GLY A 64 42.24 -29.98 12.20
N THR A 65 42.98 -31.05 11.89
CA THR A 65 42.79 -32.34 12.53
C THR A 65 43.93 -32.68 13.50
N SER A 66 44.82 -31.74 13.78
CA SER A 66 45.94 -31.97 14.69
C SER A 66 45.55 -31.58 16.10
N ALA A 67 45.65 -32.53 17.03
CA ALA A 67 45.31 -32.26 18.42
C ALA A 67 46.27 -31.28 19.07
N SER A 68 47.44 -31.07 18.48
CA SER A 68 48.38 -30.09 19.01
C SER A 68 47.95 -28.66 18.69
N GLU A 69 47.06 -28.48 17.72
CA GLU A 69 46.59 -27.15 17.33
C GLU A 69 45.32 -26.79 18.11
N LYS A 70 44.88 -25.54 17.96
CA LYS A 70 43.70 -25.06 18.64
C LYS A 70 42.44 -25.38 17.85
N VAL A 71 41.32 -25.49 18.57
CA VAL A 71 40.02 -25.70 17.92
C VAL A 71 39.49 -24.39 17.36
N CYS A 72 39.67 -23.29 18.09
CA CYS A 72 39.17 -22.00 17.66
C CYS A 72 40.14 -20.91 18.08
N GLU A 73 40.28 -19.90 17.22
CA GLU A 73 41.10 -18.72 17.50
C GLU A 73 40.17 -17.56 17.82
N TRP A 74 39.74 -17.48 19.07
CA TRP A 74 38.70 -16.53 19.45
C TRP A 74 39.17 -15.10 19.22
N LYS A 75 38.28 -14.29 18.65
CA LYS A 75 38.51 -12.86 18.45
C LYS A 75 37.19 -12.14 18.69
N GLU A 76 37.24 -11.04 19.45
CA GLU A 76 36.03 -10.25 19.67
C GLU A 76 35.53 -9.73 18.33
N PRO A 77 34.20 -9.75 18.10
CA PRO A 77 33.66 -9.40 16.77
C PRO A 77 34.31 -8.18 16.13
N GLU A 78 34.36 -7.07 16.85
CA GLU A 78 34.89 -5.84 16.26
C GLU A 78 36.34 -6.01 15.83
N GLU A 79 37.15 -6.70 16.64
CA GLU A 79 38.55 -6.90 16.25
C GLU A 79 38.66 -7.73 14.99
N LEU A 80 37.83 -8.78 14.86
CA LEU A 80 37.91 -9.64 13.69
C LEU A 80 37.48 -8.90 12.42
N LYS A 81 36.48 -8.03 12.50
CA LYS A 81 36.15 -7.22 11.34
C LYS A 81 37.36 -6.46 10.82
N GLN A 82 38.03 -5.69 11.70
CA GLN A 82 39.18 -4.91 11.28
C GLN A 82 40.30 -5.81 10.77
N LEU A 83 40.55 -6.92 11.47
CA LEU A 83 41.62 -7.82 11.05
C LEU A 83 41.39 -8.36 9.65
N LEU A 84 40.14 -8.69 9.32
CA LEU A 84 39.84 -9.35 8.06
C LEU A 84 39.85 -8.38 6.88
N ASP A 85 39.44 -7.13 7.11
CA ASP A 85 39.36 -6.12 6.05
C ASP A 85 38.44 -6.60 4.92
N LEU A 86 37.16 -6.70 5.28
CA LEU A 86 36.17 -7.34 4.42
C LEU A 86 35.60 -6.39 3.36
N GLU A 87 35.77 -5.09 3.54
CA GLU A 87 35.09 -4.12 2.67
C GLU A 87 35.51 -4.31 1.22
N LEU A 88 34.52 -4.51 0.35
CA LEU A 88 34.75 -4.70 -1.07
C LEU A 88 34.96 -3.38 -1.80
N GLN A 89 35.83 -3.38 -2.80
CA GLN A 89 36.28 -2.16 -3.43
C GLN A 89 36.22 -2.27 -4.95
N SER A 90 36.51 -1.14 -5.60
CA SER A 90 36.45 -1.06 -7.06
C SER A 90 37.66 -1.72 -7.70
N GLN A 91 38.82 -1.66 -7.06
CA GLN A 91 40.03 -2.27 -7.58
C GLN A 91 40.17 -3.69 -7.05
N GLY A 92 40.58 -4.60 -7.92
CA GLY A 92 40.90 -5.95 -7.52
C GLY A 92 42.23 -6.00 -6.80
N GLU A 93 42.60 -7.19 -6.37
CA GLU A 93 43.84 -7.43 -5.63
C GLU A 93 44.69 -8.48 -6.35
N SER A 94 45.97 -8.53 -5.97
CA SER A 94 46.92 -9.41 -6.63
C SER A 94 46.80 -10.84 -6.09
N ARG A 95 47.47 -11.76 -6.81
CA ARG A 95 47.48 -13.15 -6.40
C ARG A 95 48.01 -13.29 -4.97
N GLU A 96 49.10 -12.60 -4.66
CA GLU A 96 49.69 -12.71 -3.33
C GLU A 96 48.70 -12.27 -2.26
N GLN A 97 47.97 -11.18 -2.49
CA GLN A 97 47.01 -10.71 -1.50
C GLN A 97 45.84 -11.68 -1.36
N ILE A 98 45.49 -12.39 -2.42
CA ILE A 98 44.39 -13.36 -2.33
C ILE A 98 44.82 -14.56 -1.52
N LEU A 99 46.00 -15.12 -1.84
CA LEU A 99 46.48 -16.27 -1.07
C LEU A 99 46.57 -15.94 0.41
N GLU A 100 46.94 -14.71 0.74
CA GLU A 100 47.02 -14.32 2.14
C GLU A 100 45.64 -14.26 2.78
N ARG A 101 44.63 -13.84 2.00
CA ARG A 101 43.26 -13.85 2.50
C ARG A 101 42.74 -15.26 2.71
N CYS A 102 43.22 -16.24 1.94
CA CYS A 102 42.81 -17.63 2.18
C CYS A 102 43.34 -18.14 3.51
N ARG A 103 44.64 -17.99 3.76
CA ARG A 103 45.20 -18.43 5.03
C ARG A 103 44.54 -17.75 6.22
N THR A 104 44.19 -16.47 6.07
CA THR A 104 43.58 -15.76 7.20
C THR A 104 42.17 -16.27 7.46
N VAL A 105 41.37 -16.46 6.40
CA VAL A 105 40.02 -16.98 6.60
C VAL A 105 40.05 -18.35 7.26
N ILE A 106 41.04 -19.17 6.89
CA ILE A 106 41.18 -20.50 7.49
C ILE A 106 41.59 -20.38 8.94
N HIS A 107 42.61 -19.57 9.22
CA HIS A 107 43.20 -19.49 10.56
C HIS A 107 42.15 -19.18 11.61
N TYR A 108 41.31 -18.17 11.37
CA TYR A 108 40.36 -17.70 12.36
C TYR A 108 39.03 -18.43 12.34
N SER A 109 38.84 -19.38 11.44
CA SER A 109 37.63 -20.20 11.45
C SER A 109 37.79 -21.38 12.41
N VAL A 110 36.66 -21.89 12.87
CA VAL A 110 36.68 -23.06 13.74
C VAL A 110 37.07 -24.29 12.92
N LYS A 111 37.75 -25.23 13.59
CA LYS A 111 38.20 -26.48 12.97
C LYS A 111 37.19 -27.55 13.35
N THR A 112 36.13 -27.67 12.55
CA THR A 112 35.07 -28.61 12.88
C THR A 112 35.53 -30.06 12.85
N GLY A 113 36.67 -30.35 12.23
CA GLY A 113 37.24 -31.67 12.22
C GLY A 113 38.25 -31.96 13.31
N HIS A 114 38.37 -31.08 14.32
CA HIS A 114 39.37 -31.25 15.37
C HIS A 114 38.94 -32.36 16.33
N PRO A 115 39.89 -33.14 16.85
CA PRO A 115 39.50 -34.19 17.81
C PRO A 115 38.80 -33.67 19.04
N ARG A 116 38.96 -32.37 19.36
CA ARG A 116 38.33 -31.76 20.52
C ARG A 116 37.21 -30.80 20.15
N PHE A 117 36.53 -31.06 19.04
CA PHE A 117 35.35 -30.29 18.66
C PHE A 117 34.13 -31.16 18.96
N PHE A 118 33.37 -30.78 20.00
CA PHE A 118 32.16 -31.49 20.40
C PHE A 118 30.97 -30.53 20.53
N ASN A 119 30.96 -29.46 19.73
CA ASN A 119 29.98 -28.40 19.90
C ASN A 119 28.68 -28.65 19.16
N GLN A 120 28.69 -29.46 18.11
CA GLN A 120 27.51 -29.72 17.31
C GLN A 120 27.34 -31.22 17.10
N LEU A 121 26.21 -31.58 16.49
CA LEU A 121 25.95 -32.97 16.19
C LEU A 121 26.84 -33.48 15.06
N PHE A 122 27.46 -32.59 14.29
CA PHE A 122 28.41 -32.98 13.26
C PHE A 122 29.83 -32.70 13.76
N SER A 123 30.76 -33.58 13.39
CA SER A 123 32.16 -33.40 13.74
C SER A 123 32.98 -34.43 12.97
N GLY A 124 34.09 -34.00 12.39
CA GLY A 124 34.92 -34.90 11.63
C GLY A 124 35.10 -34.50 10.19
N LEU A 125 36.16 -35.03 9.56
CA LEU A 125 36.54 -34.70 8.19
C LEU A 125 36.83 -36.00 7.44
N ASP A 126 35.80 -36.59 6.85
CA ASP A 126 36.01 -37.75 6.00
C ASP A 126 36.71 -37.29 4.72
N PRO A 127 37.91 -37.78 4.40
CA PRO A 127 38.59 -37.28 3.20
C PRO A 127 37.90 -37.68 1.91
N HIS A 128 37.30 -38.87 1.87
CA HIS A 128 36.58 -39.30 0.68
C HIS A 128 35.37 -38.40 0.41
N ALA A 129 34.61 -38.08 1.46
CA ALA A 129 33.50 -37.15 1.31
C ALA A 129 34.00 -35.78 0.85
N LEU A 130 35.14 -35.33 1.41
CA LEU A 130 35.72 -34.07 1.00
C LEU A 130 36.10 -34.09 -0.47
N ALA A 131 36.75 -35.17 -0.91
CA ALA A 131 37.05 -35.33 -2.33
C ALA A 131 35.79 -35.17 -3.17
N GLY A 132 34.71 -35.84 -2.75
CA GLY A 132 33.46 -35.68 -3.46
C GLY A 132 32.98 -34.24 -3.49
N ARG A 133 33.09 -33.55 -2.36
CA ARG A 133 32.65 -32.15 -2.32
C ARG A 133 33.40 -31.29 -3.32
N ILE A 134 34.72 -31.48 -3.42
CA ILE A 134 35.51 -30.67 -4.35
C ILE A 134 35.12 -31.00 -5.79
N ILE A 135 34.97 -32.28 -6.10
CA ILE A 135 34.51 -32.66 -7.43
C ILE A 135 33.15 -32.04 -7.71
N THR A 136 32.29 -31.98 -6.69
CA THR A 136 30.98 -31.37 -6.85
C THR A 136 31.10 -29.90 -7.21
N GLU A 137 31.93 -29.15 -6.46
CA GLU A 137 32.04 -27.72 -6.69
C GLU A 137 32.71 -27.41 -8.03
N SER A 138 33.60 -28.28 -8.51
CA SER A 138 34.30 -27.99 -9.76
C SER A 138 33.39 -28.21 -10.96
N LEU A 139 32.58 -29.26 -10.94
CA LEU A 139 31.68 -29.52 -12.06
C LEU A 139 30.47 -28.60 -12.06
N ASN A 140 30.16 -27.98 -10.91
CA ASN A 140 29.13 -26.95 -10.79
C ASN A 140 27.93 -27.17 -11.72
N THR A 141 27.09 -28.14 -11.40
CA THR A 141 25.85 -28.37 -12.14
C THR A 141 24.67 -28.35 -11.18
N SER A 142 23.47 -28.54 -11.71
CA SER A 142 22.24 -28.50 -10.93
C SER A 142 21.54 -29.84 -10.99
N GLN A 143 21.21 -30.40 -9.81
CA GLN A 143 20.50 -31.66 -9.68
C GLN A 143 19.05 -31.42 -10.08
N TYR A 144 18.83 -31.30 -11.39
CA TYR A 144 17.57 -30.78 -11.91
C TYR A 144 17.09 -31.58 -13.11
N THR A 145 18.01 -31.96 -13.99
CA THR A 145 17.65 -32.73 -15.16
C THR A 145 18.80 -33.67 -15.51
N TYR A 146 18.44 -34.82 -16.08
CA TYR A 146 19.46 -35.73 -16.61
C TYR A 146 20.25 -35.06 -17.72
N GLU A 147 19.68 -34.05 -18.36
CA GLU A 147 20.32 -33.38 -19.49
C GLU A 147 21.60 -32.67 -19.06
N ILE A 148 21.59 -32.02 -17.90
CA ILE A 148 22.75 -31.28 -17.43
C ILE A 148 23.50 -31.99 -16.31
N ALA A 149 22.92 -33.04 -15.71
CA ALA A 149 23.55 -33.78 -14.62
C ALA A 149 23.27 -35.27 -14.78
N PRO A 150 23.77 -35.88 -15.85
CA PRO A 150 23.43 -37.29 -16.10
C PRO A 150 23.99 -38.24 -15.06
N VAL A 151 25.25 -38.05 -14.66
CA VAL A 151 25.86 -38.96 -13.70
C VAL A 151 25.12 -38.91 -12.37
N PHE A 152 24.84 -37.70 -11.88
CA PHE A 152 24.26 -37.55 -10.55
C PHE A 152 22.75 -37.80 -10.52
N VAL A 153 22.05 -37.65 -11.64
CA VAL A 153 20.63 -38.00 -11.64
C VAL A 153 20.47 -39.49 -11.36
N LEU A 154 21.41 -40.31 -11.81
CA LEU A 154 21.37 -41.73 -11.49
C LEU A 154 21.97 -42.01 -10.11
N MET A 155 23.09 -41.38 -9.79
CA MET A 155 23.75 -41.60 -8.50
C MET A 155 22.79 -41.33 -7.33
N GLU A 156 22.03 -40.23 -7.39
CA GLU A 156 21.18 -39.89 -6.26
C GLU A 156 20.11 -40.96 -6.03
N GLU A 157 19.44 -41.42 -7.10
CA GLU A 157 18.44 -42.46 -6.92
C GLU A 157 19.01 -43.70 -6.27
N GLU A 158 20.20 -44.13 -6.70
CA GLU A 158 20.78 -45.32 -6.10
C GLU A 158 21.02 -45.09 -4.62
N VAL A 159 21.61 -43.94 -4.27
CA VAL A 159 21.83 -43.64 -2.86
C VAL A 159 20.51 -43.65 -2.12
N LEU A 160 19.52 -42.90 -2.62
CA LEU A 160 18.21 -42.88 -1.99
C LEU A 160 17.60 -44.29 -1.95
N LYS A 161 17.93 -45.13 -2.93
CA LYS A 161 17.44 -46.51 -2.94
C LYS A 161 18.09 -47.33 -1.84
N LYS A 162 19.38 -47.11 -1.58
CA LYS A 162 20.06 -47.79 -0.49
C LYS A 162 19.53 -47.31 0.85
N LEU A 163 19.31 -46.00 0.99
CA LEU A 163 18.74 -45.48 2.23
C LEU A 163 17.36 -46.07 2.50
N ARG A 164 16.50 -46.15 1.47
CA ARG A 164 15.21 -46.79 1.65
C ARG A 164 15.36 -48.26 2.02
N ALA A 165 16.43 -48.91 1.55
CA ALA A 165 16.68 -50.29 1.93
C ALA A 165 17.02 -50.39 3.41
N LEU A 166 17.96 -49.56 3.89
CA LEU A 166 18.31 -49.54 5.30
C LEU A 166 17.12 -49.18 6.17
N VAL A 167 16.15 -48.44 5.63
CA VAL A 167 14.92 -48.18 6.37
C VAL A 167 14.05 -49.44 6.39
N GLY A 168 14.14 -50.27 5.34
CA GLY A 168 13.37 -51.49 5.27
C GLY A 168 12.38 -51.53 4.12
N TRP A 169 12.51 -50.60 3.18
CA TRP A 169 11.62 -50.48 2.04
C TRP A 169 12.33 -50.95 0.78
N ASN A 170 11.65 -51.78 -0.02
CA ASN A 170 12.16 -52.19 -1.32
C ASN A 170 11.67 -51.31 -2.46
N SER A 171 10.95 -50.24 -2.15
CA SER A 171 10.44 -49.34 -3.18
C SER A 171 9.96 -48.07 -2.49
N GLY A 172 9.96 -46.99 -3.24
CA GLY A 172 9.45 -45.73 -2.70
C GLY A 172 9.91 -44.55 -3.54
N ASP A 173 10.03 -43.41 -2.87
CA ASP A 173 10.39 -42.15 -3.49
C ASP A 173 11.26 -41.38 -2.50
N GLY A 174 11.73 -40.21 -2.92
CA GLY A 174 12.53 -39.38 -2.03
C GLY A 174 13.37 -38.40 -2.81
N VAL A 175 13.95 -37.46 -2.06
CA VAL A 175 14.84 -36.44 -2.63
C VAL A 175 15.74 -35.92 -1.53
N PHE A 176 16.83 -35.25 -1.92
CA PHE A 176 17.69 -34.54 -0.98
C PHE A 176 17.22 -33.10 -0.82
N CYS A 177 17.40 -32.57 0.39
CA CYS A 177 16.96 -31.23 0.73
C CYS A 177 18.08 -30.45 1.40
N PRO A 178 17.99 -29.11 1.38
CA PRO A 178 19.01 -28.26 2.06
C PRO A 178 18.72 -28.07 3.54
N GLY A 179 19.03 -29.11 4.30
CA GLY A 179 18.85 -29.10 5.74
C GLY A 179 17.65 -29.92 6.17
N GLY A 180 17.73 -30.46 7.38
CA GLY A 180 16.63 -31.25 7.91
C GLY A 180 15.40 -30.46 8.23
N SER A 181 15.53 -29.15 8.49
CA SER A 181 14.35 -28.33 8.72
C SER A 181 13.47 -28.32 7.47
N ILE A 182 14.09 -28.33 6.29
CA ILE A 182 13.31 -28.40 5.06
C ILE A 182 12.77 -29.81 4.85
N SER A 183 13.52 -30.83 5.26
CA SER A 183 13.04 -32.21 5.16
C SER A 183 11.77 -32.40 5.96
N ASN A 184 11.66 -31.73 7.11
CA ASN A 184 10.44 -31.81 7.90
C ASN A 184 9.34 -30.94 7.33
N MET A 185 9.70 -29.79 6.73
CA MET A 185 8.67 -28.96 6.09
C MET A 185 8.07 -29.66 4.88
N TYR A 186 8.90 -30.32 4.09
CA TYR A 186 8.37 -31.15 3.01
C TYR A 186 7.43 -32.21 3.56
N ALA A 187 7.84 -32.89 4.63
CA ALA A 187 7.03 -33.97 5.20
C ALA A 187 5.68 -33.45 5.67
N MET A 188 5.67 -32.33 6.39
CA MET A 188 4.42 -31.71 6.77
C MET A 188 3.55 -31.47 5.54
N ASN A 189 4.12 -30.79 4.54
CA ASN A 189 3.37 -30.43 3.34
C ASN A 189 2.85 -31.65 2.61
N LEU A 190 3.66 -32.70 2.51
CA LEU A 190 3.23 -33.91 1.82
C LEU A 190 2.04 -34.55 2.51
N ALA A 191 2.02 -34.52 3.85
CA ALA A 191 0.86 -35.05 4.57
C ALA A 191 -0.36 -34.18 4.33
N ARG A 192 -0.21 -32.86 4.43
CA ARG A 192 -1.34 -31.97 4.17
C ARG A 192 -1.90 -32.19 2.77
N PHE A 193 -1.02 -32.33 1.78
CA PHE A 193 -1.48 -32.51 0.40
C PHE A 193 -2.06 -33.90 0.18
N GLN A 194 -1.48 -34.91 0.81
CA GLN A 194 -1.96 -36.29 0.62
C GLN A 194 -3.37 -36.47 1.18
N ARG A 195 -3.70 -35.77 2.27
CA ARG A 195 -5.05 -35.85 2.84
C ARG A 195 -5.99 -34.87 2.16
N TYR A 196 -5.52 -33.65 1.91
CA TYR A 196 -6.32 -32.59 1.29
C TYR A 196 -5.58 -32.04 0.08
N PRO A 197 -5.67 -32.73 -1.07
CA PRO A 197 -4.98 -32.22 -2.26
C PRO A 197 -5.51 -30.88 -2.75
N ASP A 198 -6.77 -30.54 -2.45
CA ASP A 198 -7.30 -29.23 -2.82
C ASP A 198 -6.52 -28.09 -2.17
N CYS A 199 -5.75 -28.38 -1.12
CA CYS A 199 -5.00 -27.33 -0.44
C CYS A 199 -4.02 -26.65 -1.38
N LYS A 200 -3.41 -27.41 -2.29
CA LYS A 200 -2.39 -26.83 -3.16
C LYS A 200 -2.91 -25.62 -3.92
N GLN A 201 -4.19 -25.65 -4.29
CA GLN A 201 -4.81 -24.63 -5.11
C GLN A 201 -5.65 -23.64 -4.30
N ARG A 202 -6.50 -24.14 -3.40
CA ARG A 202 -7.41 -23.27 -2.66
C ARG A 202 -6.83 -22.73 -1.36
N GLY A 203 -5.77 -23.35 -0.83
CA GLY A 203 -5.17 -22.87 0.41
C GLY A 203 -5.81 -23.48 1.64
N LEU A 204 -5.35 -23.02 2.80
CA LEU A 204 -5.78 -23.58 4.07
C LEU A 204 -7.17 -23.11 4.51
N ARG A 205 -7.66 -21.97 3.99
CA ARG A 205 -9.00 -21.53 4.35
C ARG A 205 -10.06 -22.44 3.75
N ALA A 206 -9.69 -23.27 2.77
CA ALA A 206 -10.60 -24.25 2.19
C ALA A 206 -10.58 -25.57 2.95
N LEU A 207 -9.81 -25.66 4.02
CA LEU A 207 -9.62 -26.87 4.79
C LEU A 207 -10.05 -26.63 6.24
N PRO A 208 -10.41 -27.68 6.95
CA PRO A 208 -10.72 -27.54 8.38
C PRO A 208 -9.44 -27.34 9.17
N PRO A 209 -9.55 -26.89 10.42
CA PRO A 209 -8.35 -26.74 11.25
C PRO A 209 -7.59 -28.06 11.32
N LEU A 210 -6.27 -27.99 11.09
CA LEU A 210 -5.41 -29.16 11.09
C LEU A 210 -4.54 -29.16 12.33
N ALA A 211 -4.28 -30.35 12.86
CA ALA A 211 -3.49 -30.53 14.07
C ALA A 211 -2.44 -31.61 13.84
N LEU A 212 -1.19 -31.29 14.17
CA LEU A 212 -0.08 -32.24 14.16
C LEU A 212 0.44 -32.42 15.59
N PHE A 213 1.16 -33.52 15.82
CA PHE A 213 1.56 -33.90 17.17
C PHE A 213 3.04 -34.28 17.20
N THR A 214 3.76 -33.76 18.20
CA THR A 214 5.17 -34.06 18.34
C THR A 214 5.60 -33.97 19.79
N SER A 215 6.76 -34.56 20.07
CA SER A 215 7.29 -34.63 21.42
C SER A 215 7.84 -33.28 21.87
N LYS A 216 8.01 -33.15 23.20
CA LYS A 216 8.67 -31.97 23.74
C LYS A 216 10.15 -31.92 23.40
N GLU A 217 10.73 -33.01 22.93
CA GLU A 217 12.13 -33.04 22.54
C GLU A 217 12.30 -32.89 21.03
N CYS A 218 11.31 -32.35 20.34
CA CYS A 218 11.35 -32.22 18.90
C CYS A 218 12.33 -31.13 18.47
N HIS A 219 12.70 -31.17 17.20
CA HIS A 219 13.49 -30.09 16.62
C HIS A 219 12.61 -28.86 16.46
N TYR A 220 13.18 -27.68 16.71
CA TYR A 220 12.36 -26.47 16.64
C TYR A 220 11.85 -26.19 15.23
N SER A 221 12.39 -26.86 14.22
CA SER A 221 11.91 -26.70 12.85
C SER A 221 10.46 -27.10 12.70
N ILE A 222 9.92 -27.88 13.64
CA ILE A 222 8.52 -28.28 13.55
C ILE A 222 7.62 -27.07 13.76
N THR A 223 7.92 -26.27 14.80
CA THR A 223 7.13 -25.08 15.08
C THR A 223 7.38 -24.00 14.04
N LYS A 224 8.60 -23.90 13.52
CA LYS A 224 8.86 -22.95 12.45
C LYS A 224 8.16 -23.38 11.16
N GLY A 225 8.34 -24.65 10.78
CA GLY A 225 7.72 -25.13 9.55
C GLY A 225 6.21 -25.00 9.58
N ALA A 226 5.60 -25.28 10.74
CA ALA A 226 4.15 -25.16 10.84
C ALA A 226 3.70 -23.73 10.57
N ALA A 227 4.46 -22.75 11.08
CA ALA A 227 4.11 -21.35 10.86
C ALA A 227 4.43 -20.94 9.42
N PHE A 228 5.56 -21.40 8.89
CA PHE A 228 5.94 -21.06 7.52
C PHE A 228 4.95 -21.63 6.51
N LEU A 229 4.41 -22.82 6.78
CA LEU A 229 3.40 -23.43 5.91
C LEU A 229 2.00 -22.88 6.14
N GLY A 230 1.85 -21.86 6.99
CA GLY A 230 0.59 -21.20 7.23
C GLY A 230 -0.33 -21.85 8.24
N LEU A 231 0.04 -23.00 8.79
CA LEU A 231 -0.81 -23.67 9.76
C LEU A 231 -0.86 -22.93 11.09
N GLY A 232 0.24 -22.30 11.48
CA GLY A 232 0.33 -21.63 12.78
C GLY A 232 0.93 -22.54 13.84
N THR A 233 1.65 -21.91 14.78
CA THR A 233 2.28 -22.68 15.84
C THR A 233 1.24 -23.40 16.69
N ASP A 234 0.05 -22.82 16.85
CA ASP A 234 -0.99 -23.48 17.64
C ASP A 234 -1.38 -24.83 17.04
N SER A 235 -1.18 -25.03 15.74
CA SER A 235 -1.46 -26.31 15.12
C SER A 235 -0.51 -27.41 15.58
N VAL A 236 0.59 -27.05 16.25
CA VAL A 236 1.53 -28.03 16.79
C VAL A 236 1.09 -28.38 18.21
N ARG A 237 0.56 -29.58 18.40
CA ARG A 237 0.14 -30.08 19.70
C ARG A 237 1.29 -30.87 20.34
N VAL A 238 1.78 -30.39 21.48
CA VAL A 238 2.94 -31.00 22.12
C VAL A 238 2.53 -32.18 22.98
N VAL A 239 3.30 -33.26 22.89
CA VAL A 239 3.08 -34.48 23.67
C VAL A 239 4.18 -34.60 24.71
N LYS A 240 3.83 -35.11 25.89
CA LYS A 240 4.78 -35.24 26.98
C LYS A 240 5.79 -36.35 26.72
N ALA A 241 7.01 -36.15 27.20
CA ALA A 241 8.07 -37.13 27.10
C ALA A 241 8.37 -37.73 28.47
N ASP A 242 8.85 -38.98 28.45
CA ASP A 242 9.09 -39.72 29.69
C ASP A 242 10.40 -39.32 30.35
N GLU A 243 10.89 -40.17 31.27
CA GLU A 243 12.12 -39.86 31.99
C GLU A 243 13.34 -39.85 31.08
N ARG A 244 13.31 -40.63 30.00
CA ARG A 244 14.42 -40.77 29.07
C ARG A 244 14.35 -39.78 27.92
N GLY A 245 13.41 -38.84 27.95
CA GLY A 245 13.25 -37.89 26.86
C GLY A 245 12.47 -38.43 25.68
N ARG A 246 11.68 -39.48 25.89
CA ARG A 246 11.00 -40.21 24.83
C ARG A 246 9.51 -39.89 24.85
N MET A 247 8.89 -39.82 23.67
CA MET A 247 7.47 -39.53 23.59
C MET A 247 6.66 -40.64 24.27
N ILE A 248 5.55 -40.23 24.88
CA ILE A 248 4.68 -41.13 25.64
C ILE A 248 3.45 -41.49 24.83
N PRO A 249 3.37 -42.68 24.20
CA PRO A 249 2.21 -42.97 23.36
C PRO A 249 0.87 -42.77 24.07
N GLU A 250 0.83 -42.93 25.40
CA GLU A 250 -0.43 -42.72 26.11
C GLU A 250 -0.87 -41.26 26.01
N ASP A 251 0.09 -40.34 26.10
CA ASP A 251 -0.23 -38.92 25.97
C ASP A 251 -0.44 -38.50 24.52
N LEU A 252 0.27 -39.13 23.58
CA LEU A 252 0.03 -38.86 22.17
C LEU A 252 -1.43 -39.12 21.78
N GLU A 253 -1.92 -40.32 22.07
CA GLU A 253 -3.28 -40.68 21.69
C GLU A 253 -4.31 -39.85 22.44
N ARG A 254 -4.02 -39.49 23.70
CA ARG A 254 -4.92 -38.61 24.45
C ARG A 254 -5.07 -37.26 23.76
N GLN A 255 -3.96 -36.68 23.29
CA GLN A 255 -4.04 -35.40 22.60
C GLN A 255 -4.85 -35.54 21.30
N ILE A 256 -4.57 -36.58 20.52
CA ILE A 256 -5.29 -36.78 19.26
C ILE A 256 -6.80 -36.76 19.51
N ILE A 257 -7.24 -37.44 20.57
CA ILE A 257 -8.67 -37.52 20.86
C ILE A 257 -9.19 -36.15 21.29
N LEU A 258 -8.38 -35.37 21.99
CA LEU A 258 -8.79 -34.01 22.36
C LEU A 258 -8.88 -33.12 21.13
N ALA A 259 -7.90 -33.23 20.23
CA ALA A 259 -7.95 -32.46 18.99
C ALA A 259 -9.25 -32.72 18.23
N GLU A 260 -9.65 -33.99 18.15
CA GLU A 260 -10.91 -34.32 17.49
C GLU A 260 -12.09 -33.69 18.21
N ALA A 261 -12.02 -33.61 19.53
CA ALA A 261 -13.14 -33.06 20.29
C ALA A 261 -13.24 -31.54 20.17
N GLU A 262 -12.16 -30.86 19.78
CA GLU A 262 -12.17 -29.41 19.64
C GLU A 262 -12.52 -28.96 18.24
N GLY A 263 -12.78 -29.88 17.32
CA GLY A 263 -13.12 -29.54 15.95
C GLY A 263 -11.97 -29.65 14.98
N SER A 264 -10.75 -29.86 15.45
CA SER A 264 -9.60 -29.96 14.57
C SER A 264 -9.53 -31.34 13.93
N VAL A 265 -8.76 -31.44 12.86
CA VAL A 265 -8.61 -32.67 12.10
C VAL A 265 -7.18 -33.16 12.23
N PRO A 266 -6.89 -34.16 13.06
CA PRO A 266 -5.53 -34.73 13.09
C PRO A 266 -5.13 -35.28 11.74
N PHE A 267 -3.90 -34.97 11.32
CA PHE A 267 -3.39 -35.47 10.05
C PHE A 267 -1.96 -35.99 10.09
N LEU A 268 -1.13 -35.59 11.05
CA LEU A 268 0.27 -36.00 11.03
C LEU A 268 0.79 -36.19 12.45
N VAL A 269 1.69 -37.16 12.59
CA VAL A 269 2.45 -37.39 13.81
C VAL A 269 3.92 -37.40 13.42
N SER A 270 4.72 -36.59 14.12
CA SER A 270 6.15 -36.45 13.83
C SER A 270 6.93 -36.99 15.02
N ALA A 271 7.53 -38.16 14.85
CA ALA A 271 8.40 -38.74 15.87
C ALA A 271 9.85 -38.35 15.63
N THR A 272 10.65 -38.53 16.67
CA THR A 272 12.08 -38.25 16.63
C THR A 272 12.83 -39.52 16.99
N SER A 273 13.78 -39.91 16.15
CA SER A 273 14.66 -41.05 16.42
C SER A 273 16.09 -40.53 16.54
N GLY A 274 16.33 -39.75 17.60
CA GLY A 274 17.63 -39.16 17.87
C GLY A 274 17.56 -37.68 18.16
N THR A 275 16.93 -37.30 19.27
CA THR A 275 16.75 -35.90 19.61
C THR A 275 18.09 -35.18 19.65
N THR A 276 18.03 -33.85 19.51
CA THR A 276 19.24 -33.05 19.40
C THR A 276 19.96 -32.87 20.73
N VAL A 277 19.25 -32.98 21.86
CA VAL A 277 19.87 -32.77 23.17
C VAL A 277 20.30 -34.10 23.79
N LEU A 278 19.32 -34.92 24.20
CA LEU A 278 19.60 -36.10 24.99
C LEU A 278 19.98 -37.32 24.15
N GLY A 279 19.63 -37.33 22.87
CA GLY A 279 19.84 -38.51 22.07
C GLY A 279 18.75 -39.55 22.21
N ALA A 280 17.57 -39.16 22.64
CA ALA A 280 16.48 -40.09 22.83
C ALA A 280 16.08 -40.70 21.48
N PHE A 281 15.22 -41.71 21.55
CA PHE A 281 14.63 -42.36 20.37
C PHE A 281 13.19 -42.66 20.72
N ASP A 282 12.24 -41.99 20.08
CA ASP A 282 10.85 -42.27 20.38
C ASP A 282 10.55 -43.74 20.09
N PRO A 283 9.59 -44.34 20.79
CA PRO A 283 9.19 -45.71 20.47
C PRO A 283 8.42 -45.76 19.16
N LEU A 284 9.11 -46.04 18.05
CA LEU A 284 8.47 -45.91 16.76
C LEU A 284 7.37 -46.95 16.55
N ASP A 285 7.53 -48.14 17.13
CA ASP A 285 6.52 -49.18 16.90
C ASP A 285 5.27 -48.89 17.71
N ALA A 286 5.40 -48.19 18.84
CA ALA A 286 4.23 -47.82 19.63
C ALA A 286 3.48 -46.63 19.02
N ILE A 287 4.22 -45.66 18.49
CA ILE A 287 3.58 -44.51 17.85
C ILE A 287 2.91 -44.94 16.55
N ALA A 288 3.55 -45.84 15.80
CA ALA A 288 2.93 -46.38 14.59
C ALA A 288 1.57 -46.97 14.90
N ASP A 289 1.46 -47.72 16.00
CA ASP A 289 0.16 -48.27 16.38
C ASP A 289 -0.88 -47.17 16.52
N VAL A 290 -0.52 -46.07 17.19
CA VAL A 290 -1.45 -44.97 17.38
C VAL A 290 -1.83 -44.35 16.04
N CYS A 291 -0.83 -44.06 15.21
CA CYS A 291 -1.11 -43.55 13.88
C CYS A 291 -2.01 -44.51 13.11
N GLN A 292 -1.77 -45.81 13.28
CA GLN A 292 -2.56 -46.81 12.56
C GLN A 292 -4.02 -46.78 13.01
N ARG A 293 -4.25 -46.62 14.32
CA ARG A 293 -5.61 -46.58 14.85
C ARG A 293 -6.36 -45.32 14.49
N HIS A 294 -5.65 -44.24 14.12
CA HIS A 294 -6.28 -42.99 13.76
C HIS A 294 -6.01 -42.60 12.31
N GLY A 295 -5.39 -43.49 11.52
CA GLY A 295 -5.14 -43.19 10.13
C GLY A 295 -4.44 -41.87 9.92
N LEU A 296 -3.28 -41.71 10.56
CA LEU A 296 -2.51 -40.47 10.51
C LEU A 296 -1.17 -40.71 9.85
N TRP A 297 -0.65 -39.66 9.20
CA TRP A 297 0.67 -39.70 8.61
C TRP A 297 1.73 -39.89 9.70
N PHE A 298 2.58 -40.90 9.53
CA PHE A 298 3.63 -41.20 10.51
C PHE A 298 4.96 -40.79 9.90
N HIS A 299 5.51 -39.68 10.39
CA HIS A 299 6.80 -39.15 9.94
C HIS A 299 7.83 -39.31 11.05
N VAL A 300 9.03 -39.74 10.68
CA VAL A 300 10.11 -40.00 11.62
C VAL A 300 11.27 -39.05 11.31
N ASP A 301 11.51 -38.10 12.22
CA ASP A 301 12.64 -37.17 12.09
C ASP A 301 13.89 -37.89 12.58
N ALA A 302 14.52 -38.64 11.68
CA ALA A 302 15.76 -39.36 11.97
C ALA A 302 16.98 -38.65 11.41
N ALA A 303 16.93 -37.32 11.34
CA ALA A 303 18.06 -36.57 10.80
C ALA A 303 19.35 -36.91 11.53
N TRP A 304 19.28 -37.03 12.86
CA TRP A 304 20.46 -37.27 13.68
C TRP A 304 20.71 -38.76 13.88
N GLY A 305 19.69 -39.51 14.29
CA GLY A 305 19.82 -40.90 14.61
C GLY A 305 19.56 -41.89 13.50
N GLY A 306 19.19 -41.41 12.30
CA GLY A 306 18.93 -42.33 11.21
C GLY A 306 20.17 -43.08 10.76
N SER A 307 21.35 -42.51 10.99
CA SER A 307 22.59 -43.15 10.59
C SER A 307 22.85 -44.44 11.35
N VAL A 308 22.17 -44.64 12.48
CA VAL A 308 22.34 -45.87 13.25
C VAL A 308 21.90 -47.08 12.46
N LEU A 309 21.04 -46.90 11.46
CA LEU A 309 20.53 -48.02 10.68
C LEU A 309 21.63 -48.78 9.96
N LEU A 310 22.87 -48.28 9.96
CA LEU A 310 23.97 -48.94 9.27
C LEU A 310 24.66 -49.99 10.14
N SER A 311 24.33 -50.07 11.42
CA SER A 311 24.95 -51.02 12.34
C SER A 311 23.94 -52.08 12.76
N ARG A 312 24.25 -53.34 12.48
CA ARG A 312 23.36 -54.42 12.92
C ARG A 312 23.22 -54.41 14.43
N THR A 313 24.28 -54.02 15.15
CA THR A 313 24.22 -54.00 16.60
C THR A 313 23.16 -53.02 17.08
N HIS A 314 23.23 -51.77 16.65
CA HIS A 314 22.44 -50.71 17.25
C HIS A 314 21.19 -50.33 16.48
N ARG A 315 20.92 -50.94 15.33
CA ARG A 315 19.76 -50.52 14.56
C ARG A 315 18.45 -50.90 15.24
N HIS A 316 18.49 -51.67 16.33
CA HIS A 316 17.26 -51.96 17.07
C HIS A 316 16.64 -50.70 17.65
N LEU A 317 17.42 -49.61 17.75
CA LEU A 317 16.90 -48.36 18.29
C LEU A 317 15.80 -47.77 17.42
N LEU A 318 15.73 -48.13 16.14
CA LEU A 318 14.71 -47.60 15.25
C LEU A 318 13.72 -48.67 14.79
N ASP A 319 13.40 -49.63 15.67
CA ASP A 319 12.43 -50.65 15.29
C ASP A 319 11.07 -50.01 15.05
N GLY A 320 10.45 -50.36 13.93
CA GLY A 320 9.19 -49.76 13.51
C GLY A 320 9.33 -48.63 12.52
N ILE A 321 10.56 -48.22 12.20
CA ILE A 321 10.74 -47.15 11.23
C ILE A 321 10.22 -47.58 9.86
N GLN A 322 10.24 -48.89 9.58
CA GLN A 322 9.70 -49.37 8.32
C GLN A 322 8.19 -49.17 8.23
N ARG A 323 7.53 -48.85 9.33
CA ARG A 323 6.10 -48.59 9.34
C ARG A 323 5.76 -47.12 9.12
N ALA A 324 6.75 -46.28 8.85
CA ALA A 324 6.54 -44.86 8.66
C ALA A 324 6.15 -44.55 7.22
N ASP A 325 5.43 -43.44 7.05
CA ASP A 325 5.14 -42.95 5.71
C ASP A 325 6.29 -42.10 5.16
N SER A 326 7.06 -41.46 6.04
CA SER A 326 8.17 -40.62 5.62
C SER A 326 9.25 -40.61 6.69
N VAL A 327 10.49 -40.38 6.25
CA VAL A 327 11.64 -40.40 7.16
C VAL A 327 12.68 -39.38 6.71
N ALA A 328 13.02 -38.45 7.61
CA ALA A 328 14.11 -37.50 7.39
C ALA A 328 15.40 -38.06 7.97
N TRP A 329 16.48 -38.00 7.20
CA TRP A 329 17.75 -38.66 7.55
C TRP A 329 18.89 -37.82 7.01
N ASN A 330 19.78 -37.38 7.91
CA ASN A 330 20.92 -36.54 7.54
C ASN A 330 22.21 -37.30 7.69
N PRO A 331 22.77 -37.87 6.62
CA PRO A 331 24.09 -38.50 6.74
C PRO A 331 25.23 -37.53 7.02
N HIS A 332 25.01 -36.21 6.94
CA HIS A 332 26.11 -35.30 7.19
C HIS A 332 26.45 -35.20 8.68
N LYS A 333 25.52 -35.54 9.57
CA LYS A 333 25.77 -35.35 11.00
C LYS A 333 26.71 -36.44 11.53
N LEU A 334 26.25 -37.69 11.58
CA LEU A 334 27.05 -38.72 12.21
C LEU A 334 28.16 -39.24 11.29
N LEU A 335 27.85 -39.47 10.03
CA LEU A 335 28.77 -40.08 9.08
C LEU A 335 29.81 -39.10 8.53
N ALA A 336 29.72 -37.83 8.87
CA ALA A 336 30.69 -36.81 8.47
C ALA A 336 30.72 -36.64 6.94
N ALA A 337 29.53 -36.60 6.34
CA ALA A 337 29.46 -36.43 4.90
C ALA A 337 29.61 -34.97 4.49
N GLY A 338 29.28 -34.04 5.38
CA GLY A 338 29.37 -32.64 5.06
C GLY A 338 28.03 -32.03 4.69
N LEU A 339 27.75 -30.83 5.17
CA LEU A 339 26.45 -30.19 4.93
C LEU A 339 26.30 -29.91 3.44
N GLN A 340 25.08 -30.04 2.89
CA GLN A 340 23.83 -30.41 3.56
C GLN A 340 23.36 -31.79 3.09
N CYS A 341 23.95 -32.85 3.63
CA CYS A 341 23.47 -34.19 3.33
C CYS A 341 22.23 -34.43 4.19
N SER A 342 21.06 -34.13 3.62
CA SER A 342 19.79 -34.30 4.32
C SER A 342 18.80 -34.91 3.34
N ALA A 343 18.35 -36.13 3.62
CA ALA A 343 17.46 -36.85 2.72
C ALA A 343 16.05 -36.91 3.30
N LEU A 344 15.08 -37.08 2.40
CA LEU A 344 13.69 -37.29 2.76
C LEU A 344 13.20 -38.51 1.99
N LEU A 345 12.95 -39.59 2.71
CA LEU A 345 12.53 -40.87 2.13
C LEU A 345 11.02 -41.02 2.25
N LEU A 346 10.44 -41.73 1.30
CA LEU A 346 9.00 -41.96 1.27
C LEU A 346 8.72 -43.42 0.94
N ARG A 347 7.71 -43.98 1.61
CA ARG A 347 7.23 -45.31 1.26
C ARG A 347 6.35 -45.29 0.02
N ASP A 348 5.87 -44.11 -0.37
CA ASP A 348 4.95 -43.98 -1.49
C ASP A 348 5.62 -44.29 -2.83
N THR A 349 4.86 -44.95 -3.71
CA THR A 349 5.31 -45.29 -5.05
C THR A 349 4.31 -44.81 -6.09
N SER A 350 3.56 -43.76 -5.78
CA SER A 350 2.55 -43.22 -6.68
C SER A 350 2.87 -41.80 -7.13
N ASN A 351 4.14 -41.42 -7.04
CA ASN A 351 4.59 -40.08 -7.45
C ASN A 351 3.86 -38.98 -6.69
N LEU A 352 3.55 -39.24 -5.41
CA LEU A 352 3.02 -38.17 -4.58
C LEU A 352 3.97 -36.98 -4.52
N LEU A 353 5.27 -37.24 -4.63
CA LEU A 353 6.26 -36.17 -4.53
C LEU A 353 6.16 -35.20 -5.70
N LYS A 354 5.96 -35.72 -6.91
CA LYS A 354 5.83 -34.85 -8.07
C LYS A 354 4.48 -34.13 -8.08
N ARG A 355 3.40 -34.85 -7.77
CA ARG A 355 2.08 -34.23 -7.73
C ARG A 355 1.99 -33.13 -6.69
N CYS A 356 2.84 -33.14 -5.68
CA CYS A 356 2.74 -32.16 -4.60
C CYS A 356 3.60 -30.93 -4.85
N HIS A 357 4.87 -31.13 -5.23
CA HIS A 357 5.80 -30.02 -5.44
C HIS A 357 6.01 -29.70 -6.92
N GLY A 358 5.28 -30.37 -7.82
CA GLY A 358 5.45 -30.13 -9.23
C GLY A 358 4.83 -28.83 -9.69
N SER A 359 5.08 -28.50 -10.95
CA SER A 359 4.51 -27.30 -11.55
C SER A 359 3.59 -27.70 -12.69
N GLN A 360 2.51 -26.95 -12.83
CA GLN A 360 1.41 -27.33 -13.71
C GLN A 360 1.11 -26.26 -14.76
N GLN A 366 2.93 -31.36 -25.43
CA GLN A 366 4.10 -32.02 -24.86
C GLN A 366 5.31 -31.09 -25.01
N GLN A 367 6.41 -31.46 -24.36
CA GLN A 367 7.64 -30.68 -24.46
C GLN A 367 8.55 -31.16 -25.58
N ASP A 368 8.53 -32.45 -25.89
CA ASP A 368 9.26 -33.09 -27.00
C ASP A 368 10.70 -33.44 -26.67
N LYS A 369 11.09 -33.45 -25.39
CA LYS A 369 12.47 -33.77 -25.04
C LYS A 369 12.78 -35.20 -25.48
N PHE A 370 14.06 -35.47 -25.78
CA PHE A 370 14.44 -36.70 -26.45
C PHE A 370 14.89 -37.80 -25.49
N TYR A 371 14.40 -37.80 -24.27
CA TYR A 371 14.70 -38.89 -23.36
C TYR A 371 13.60 -38.95 -22.30
N ASP A 372 13.52 -40.09 -21.62
CA ASP A 372 12.48 -40.27 -20.62
C ASP A 372 12.57 -39.19 -19.56
N VAL A 373 11.68 -38.18 -19.67
CA VAL A 373 11.72 -37.05 -18.75
C VAL A 373 11.37 -37.45 -17.32
N ALA A 374 10.93 -38.68 -17.09
CA ALA A 374 10.71 -39.16 -15.74
C ALA A 374 11.99 -39.13 -14.91
N LEU A 375 13.16 -39.09 -15.56
CA LEU A 375 14.42 -39.06 -14.84
C LEU A 375 14.66 -37.71 -14.17
N ASP A 376 14.11 -36.64 -14.74
CA ASP A 376 14.24 -35.31 -14.16
C ASP A 376 13.49 -35.24 -12.83
N THR A 377 14.13 -34.64 -11.83
CA THR A 377 13.56 -34.55 -10.49
C THR A 377 13.20 -33.12 -10.10
N GLY A 378 12.91 -32.28 -11.09
CA GLY A 378 12.59 -30.89 -10.78
C GLY A 378 11.24 -30.73 -10.10
N ASP A 379 10.27 -31.55 -10.48
CA ASP A 379 8.93 -31.44 -9.90
C ASP A 379 8.85 -32.06 -8.51
N LYS A 380 9.91 -32.70 -8.03
CA LYS A 380 9.88 -33.32 -6.71
C LYS A 380 10.07 -32.28 -5.60
N VAL A 381 10.87 -31.25 -5.84
CA VAL A 381 11.18 -30.24 -4.85
C VAL A 381 10.53 -28.92 -5.26
N VAL A 382 10.43 -28.00 -4.28
CA VAL A 382 9.95 -26.65 -4.57
C VAL A 382 11.07 -25.72 -5.02
N GLN A 383 12.33 -26.13 -4.91
CA GLN A 383 13.42 -25.34 -5.45
C GLN A 383 13.40 -25.45 -6.97
N CYS A 384 14.29 -24.68 -7.61
CA CYS A 384 14.51 -24.79 -9.05
C CYS A 384 15.86 -25.45 -9.32
N GLY A 385 16.96 -24.74 -9.11
CA GLY A 385 18.28 -25.34 -9.15
C GLY A 385 18.62 -25.93 -7.79
N ARG A 386 19.19 -27.13 -7.80
CA ARG A 386 19.49 -27.86 -6.58
C ARG A 386 20.89 -28.44 -6.63
N ARG A 387 21.62 -28.28 -5.53
CA ARG A 387 22.99 -28.75 -5.48
C ARG A 387 23.05 -30.28 -5.57
N VAL A 388 24.24 -30.76 -5.92
CA VAL A 388 24.53 -32.20 -5.93
C VAL A 388 25.15 -32.54 -4.58
N ASP A 389 24.41 -33.25 -3.75
CA ASP A 389 24.87 -33.62 -2.41
C ASP A 389 25.04 -35.13 -2.26
N CYS A 390 24.99 -35.87 -3.36
CA CYS A 390 25.09 -37.33 -3.28
C CYS A 390 26.50 -37.86 -3.49
N LEU A 391 27.36 -37.13 -4.21
CA LEU A 391 28.67 -37.68 -4.53
C LEU A 391 29.50 -37.87 -3.28
N LYS A 392 29.51 -36.88 -2.38
CA LYS A 392 30.35 -36.98 -1.19
C LYS A 392 30.00 -38.23 -0.39
N LEU A 393 28.71 -38.54 -0.26
CA LEU A 393 28.31 -39.74 0.47
C LEU A 393 28.63 -40.99 -0.33
N TRP A 394 28.26 -41.00 -1.62
CA TRP A 394 28.45 -42.19 -2.45
C TRP A 394 29.93 -42.56 -2.53
N LEU A 395 30.80 -41.58 -2.71
CA LEU A 395 32.22 -41.88 -2.85
C LEU A 395 32.77 -42.47 -1.55
N MET A 396 32.44 -41.85 -0.41
CA MET A 396 32.85 -42.40 0.87
C MET A 396 32.31 -43.81 1.06
N TRP A 397 31.01 -44.00 0.82
CA TRP A 397 30.41 -45.32 0.97
C TRP A 397 31.08 -46.35 0.05
N LYS A 398 31.50 -45.92 -1.14
CA LYS A 398 32.21 -46.83 -2.02
C LYS A 398 33.61 -47.16 -1.49
N ALA A 399 34.25 -46.19 -0.83
CA ALA A 399 35.61 -46.41 -0.33
C ALA A 399 35.61 -47.17 0.99
N GLN A 400 34.70 -46.83 1.90
CA GLN A 400 34.61 -47.50 3.19
C GLN A 400 33.87 -48.83 3.10
N GLY A 401 32.90 -48.94 2.21
CA GLY A 401 32.00 -50.07 2.19
C GLY A 401 31.03 -50.01 3.37
N GLY A 402 29.95 -50.76 3.25
CA GLY A 402 28.98 -50.81 4.34
C GLY A 402 29.60 -51.17 5.67
N GLN A 403 30.63 -52.01 5.66
CA GLN A 403 31.28 -52.41 6.91
C GLN A 403 32.06 -51.25 7.51
N GLY A 404 32.85 -50.54 6.69
CA GLY A 404 33.63 -49.44 7.23
C GLY A 404 32.77 -48.38 7.89
N LEU A 405 31.57 -48.14 7.36
CA LEU A 405 30.68 -47.16 7.96
C LEU A 405 30.01 -47.71 9.21
N GLU A 406 29.67 -49.00 9.20
CA GLU A 406 29.26 -49.66 10.43
C GLU A 406 30.32 -49.50 11.50
N ARG A 407 31.59 -49.75 11.14
CA ARG A 407 32.66 -49.71 12.10
C ARG A 407 32.71 -48.36 12.82
N ARG A 408 32.44 -47.28 12.09
CA ARG A 408 32.49 -45.93 12.66
C ARG A 408 31.36 -45.69 13.66
N ILE A 409 30.16 -46.14 13.32
CA ILE A 409 29.02 -45.98 14.23
C ILE A 409 29.23 -46.81 15.49
N ASP A 410 29.64 -48.07 15.32
CA ASP A 410 29.89 -48.92 16.48
C ASP A 410 31.00 -48.35 17.36
N GLN A 411 32.04 -47.78 16.74
CA GLN A 411 33.13 -47.20 17.51
C GLN A 411 32.71 -45.90 18.19
N ALA A 412 31.69 -45.23 17.67
CA ALA A 412 31.18 -44.03 18.34
C ALA A 412 30.40 -44.40 19.60
N PHE A 413 29.58 -45.46 19.52
CA PHE A 413 28.88 -45.95 20.72
C PHE A 413 29.88 -46.44 21.77
N ALA A 414 30.91 -47.18 21.34
CA ALA A 414 31.92 -47.67 22.26
C ALA A 414 32.58 -46.51 23.01
N LEU A 415 33.04 -45.50 22.27
CA LEU A 415 33.67 -44.35 22.90
C LEU A 415 32.67 -43.58 23.76
N THR A 416 31.39 -43.64 23.42
CA THR A 416 30.38 -43.01 24.27
C THR A 416 30.28 -43.74 25.60
N ARG A 417 30.40 -45.07 25.59
CA ARG A 417 30.40 -45.79 26.85
C ARG A 417 31.61 -45.42 27.69
N TYR A 418 32.80 -45.35 27.06
CA TYR A 418 34.00 -44.97 27.81
C TYR A 418 33.82 -43.60 28.46
N LEU A 419 33.16 -42.67 27.76
CA LEU A 419 32.89 -41.36 28.36
C LEU A 419 31.99 -41.50 29.57
N VAL A 420 30.96 -42.34 29.48
CA VAL A 420 30.05 -42.55 30.60
C VAL A 420 30.79 -43.25 31.74
N GLU A 421 31.66 -44.22 31.39
CA GLU A 421 32.47 -44.88 32.41
C GLU A 421 33.29 -43.87 33.20
N GLU A 422 34.06 -43.03 32.50
CA GLU A 422 34.94 -42.08 33.17
C GLU A 422 34.17 -41.01 33.94
N ILE A 423 32.96 -40.68 33.48
CA ILE A 423 32.17 -39.69 34.21
C ILE A 423 31.70 -40.27 35.55
N LYS A 424 31.25 -41.53 35.55
CA LYS A 424 30.76 -42.13 36.79
C LYS A 424 31.90 -42.41 37.76
N LYS A 425 33.10 -42.64 37.24
CA LYS A 425 34.25 -42.92 38.10
C LYS A 425 34.90 -41.63 38.62
N ARG A 426 34.77 -40.53 37.90
CA ARG A 426 35.44 -39.30 38.30
C ARG A 426 34.53 -38.44 39.18
N GLU A 427 35.14 -37.81 40.19
CA GLU A 427 34.43 -36.88 41.05
C GLU A 427 34.23 -35.55 40.32
N GLY A 428 33.09 -34.92 40.57
CA GLY A 428 32.77 -33.65 39.97
C GLY A 428 31.98 -33.73 38.68
N PHE A 429 31.91 -34.91 38.06
CA PHE A 429 31.13 -35.13 36.85
C PHE A 429 29.90 -35.94 37.20
N GLU A 430 28.73 -35.42 36.82
CA GLU A 430 27.44 -36.02 37.14
C GLU A 430 26.64 -36.18 35.86
N LEU A 431 26.23 -37.40 35.55
CA LEU A 431 25.47 -37.68 34.35
C LEU A 431 24.02 -37.23 34.53
N VAL A 432 23.48 -36.58 33.50
CA VAL A 432 22.09 -36.13 33.57
C VAL A 432 21.14 -37.32 33.50
N MET A 433 21.42 -38.27 32.61
CA MET A 433 20.61 -39.47 32.47
C MET A 433 21.39 -40.44 31.58
N GLU A 434 20.96 -41.69 31.59
CA GLU A 434 21.68 -42.70 30.82
C GLU A 434 21.53 -42.43 29.33
N PRO A 435 22.63 -42.29 28.58
CA PRO A 435 22.51 -41.99 27.15
C PRO A 435 22.24 -43.23 26.32
N GLU A 436 21.24 -43.15 25.45
CA GLU A 436 20.93 -44.22 24.49
C GLU A 436 21.61 -44.02 23.15
N PHE A 437 22.20 -42.85 22.89
CA PHE A 437 22.86 -42.53 21.61
C PHE A 437 24.30 -42.13 21.89
N VAL A 438 24.84 -41.20 21.11
CA VAL A 438 26.19 -40.67 21.36
C VAL A 438 26.13 -39.30 22.05
N ASN A 439 24.95 -38.86 22.46
CA ASN A 439 24.80 -37.60 23.18
C ASN A 439 24.91 -37.89 24.67
N VAL A 440 25.95 -37.34 25.29
CA VAL A 440 26.24 -37.55 26.71
C VAL A 440 26.04 -36.22 27.41
N CYS A 441 24.93 -36.08 28.12
CA CYS A 441 24.63 -34.88 28.89
C CYS A 441 25.08 -35.07 30.33
N PHE A 442 25.78 -34.07 30.86
CA PHE A 442 26.34 -34.18 32.19
C PHE A 442 26.65 -32.80 32.74
N TRP A 443 26.58 -32.68 34.06
CA TRP A 443 27.06 -31.48 34.72
C TRP A 443 28.53 -31.64 35.10
N PHE A 444 29.17 -30.52 35.44
CA PHE A 444 30.43 -30.51 36.16
C PHE A 444 30.21 -29.70 37.43
N VAL A 445 30.15 -30.39 38.56
CA VAL A 445 29.98 -29.74 39.86
C VAL A 445 31.36 -29.27 40.31
N PRO A 446 31.60 -27.97 40.42
CA PRO A 446 32.95 -27.51 40.81
C PRO A 446 33.21 -27.80 42.28
N PRO A 447 34.48 -27.75 42.70
CA PRO A 447 34.79 -28.05 44.11
C PRO A 447 33.94 -27.28 45.11
N SER A 448 33.61 -26.02 44.81
CA SER A 448 32.87 -25.19 45.75
C SER A 448 31.43 -25.66 45.95
N LEU A 449 30.93 -26.57 45.11
CA LEU A 449 29.56 -27.05 45.22
C LEU A 449 29.47 -28.53 45.55
N ARG A 450 30.60 -29.24 45.61
CA ARG A 450 30.57 -30.67 45.88
C ARG A 450 30.12 -30.93 47.31
N GLY A 451 29.10 -31.75 47.47
CA GLY A 451 28.54 -32.06 48.77
C GLY A 451 27.45 -31.12 49.25
N LYS A 452 27.25 -29.98 48.58
CA LYS A 452 26.27 -28.99 48.98
C LYS A 452 24.96 -29.13 48.21
N LYS A 453 24.56 -30.35 47.85
CA LYS A 453 23.40 -30.53 47.00
C LYS A 453 22.10 -30.12 47.69
N GLU A 454 22.05 -30.20 49.01
CA GLU A 454 20.83 -29.85 49.74
C GLU A 454 20.69 -28.35 50.00
N SER A 455 21.64 -27.53 49.55
CA SER A 455 21.47 -26.10 49.69
C SER A 455 20.25 -25.68 48.87
N PRO A 456 19.45 -24.72 49.36
CA PRO A 456 18.25 -24.32 48.60
C PRO A 456 18.59 -23.72 47.24
N ASP A 457 19.80 -23.19 47.07
CA ASP A 457 20.21 -22.57 45.83
C ASP A 457 21.29 -23.37 45.11
N TYR A 458 21.40 -24.67 45.39
CA TYR A 458 22.43 -25.47 44.72
C TYR A 458 22.22 -25.48 43.22
N SER A 459 20.98 -25.68 42.78
CA SER A 459 20.71 -25.73 41.34
C SER A 459 21.10 -24.41 40.68
N GLN A 460 20.62 -23.29 41.22
CA GLN A 460 20.93 -21.99 40.64
C GLN A 460 22.44 -21.76 40.57
N ARG A 461 23.18 -22.23 41.57
CA ARG A 461 24.62 -22.03 41.57
C ARG A 461 25.29 -22.87 40.50
N LEU A 462 24.83 -24.11 40.32
CA LEU A 462 25.45 -25.00 39.33
C LEU A 462 25.15 -24.53 37.91
N SER A 463 23.97 -23.94 37.68
CA SER A 463 23.60 -23.49 36.35
C SER A 463 24.54 -22.41 35.84
N GLN A 464 25.27 -21.74 36.73
CA GLN A 464 26.23 -20.72 36.33
C GLN A 464 27.60 -21.29 35.98
N VAL A 465 27.78 -22.61 36.06
CA VAL A 465 29.11 -23.18 35.89
C VAL A 465 29.42 -23.40 34.41
N ALA A 466 28.51 -24.07 33.69
CA ALA A 466 28.80 -24.38 32.29
C ALA A 466 29.05 -23.13 31.46
N PRO A 467 28.28 -22.04 31.59
CA PRO A 467 28.59 -20.85 30.77
C PRO A 467 29.99 -20.32 30.96
N VAL A 468 30.55 -20.40 32.17
CA VAL A 468 31.91 -19.91 32.38
C VAL A 468 32.93 -20.91 31.84
N LEU A 469 32.66 -22.21 31.96
CA LEU A 469 33.58 -23.18 31.38
C LEU A 469 33.57 -23.10 29.87
N LYS A 470 32.43 -22.75 29.26
CA LYS A 470 32.39 -22.56 27.81
C LYS A 470 33.23 -21.36 27.39
N GLU A 471 33.10 -20.25 28.10
CA GLU A 471 33.86 -19.05 27.75
C GLU A 471 35.36 -19.29 27.88
N ARG A 472 35.78 -20.03 28.90
CA ARG A 472 37.21 -20.22 29.14
C ARG A 472 37.83 -21.19 28.13
N MET A 473 37.08 -22.19 27.69
CA MET A 473 37.62 -23.12 26.71
C MET A 473 37.65 -22.51 25.31
N VAL A 474 36.68 -21.65 24.98
CA VAL A 474 36.66 -21.02 23.67
C VAL A 474 37.79 -19.99 23.55
N LYS A 475 37.98 -19.17 24.58
CA LYS A 475 39.05 -18.20 24.53
C LYS A 475 40.42 -18.87 24.65
N LYS A 476 40.49 -20.01 25.34
CA LYS A 476 41.73 -20.76 25.37
C LYS A 476 41.94 -21.56 24.08
N GLY A 477 40.85 -22.06 23.49
CA GLY A 477 40.91 -22.77 22.22
C GLY A 477 41.31 -24.23 22.28
N THR A 478 41.14 -24.89 23.42
CA THR A 478 41.51 -26.30 23.56
C THR A 478 40.37 -27.25 23.22
N MET A 479 39.13 -26.80 23.29
CA MET A 479 37.99 -27.64 22.95
C MET A 479 36.73 -26.78 22.99
N MET A 480 35.67 -27.29 22.37
CA MET A 480 34.38 -26.62 22.34
C MET A 480 33.32 -27.68 22.61
N ILE A 481 32.63 -27.57 23.74
CA ILE A 481 31.57 -28.48 24.12
C ILE A 481 30.28 -27.67 24.27
N GLY A 482 29.18 -28.23 23.77
CA GLY A 482 27.91 -27.56 23.88
C GLY A 482 27.28 -27.72 25.24
N TYR A 483 26.39 -26.79 25.58
CA TYR A 483 25.61 -26.87 26.81
C TYR A 483 24.26 -26.24 26.51
N GLN A 484 23.25 -26.64 27.27
CA GLN A 484 21.91 -26.15 27.00
C GLN A 484 21.12 -26.07 28.28
N PRO A 485 20.14 -25.16 28.36
CA PRO A 485 19.14 -25.25 29.42
C PRO A 485 18.04 -26.22 29.02
N HIS A 486 17.36 -26.74 30.03
CA HIS A 486 16.31 -27.73 29.87
C HIS A 486 15.21 -27.52 30.89
N ARG A 489 16.34 -28.44 34.73
CA ARG A 489 16.82 -28.04 36.04
C ARG A 489 17.89 -26.95 35.90
N ALA A 490 19.00 -27.31 35.25
CA ALA A 490 20.20 -26.50 35.29
C ALA A 490 21.06 -26.75 34.06
N ASN A 491 21.67 -25.67 33.54
CA ASN A 491 22.52 -25.74 32.36
C ASN A 491 23.55 -26.87 32.47
N PHE A 492 23.45 -27.85 31.57
CA PHE A 492 24.38 -28.97 31.54
C PHE A 492 25.02 -29.10 30.17
N PHE A 493 26.18 -29.75 30.14
CA PHE A 493 26.90 -29.99 28.90
C PHE A 493 26.26 -31.10 28.09
N ARG A 494 26.59 -31.12 26.79
CA ARG A 494 26.14 -32.13 25.84
C ARG A 494 27.32 -32.52 24.95
N MET A 495 28.07 -33.53 25.38
CA MET A 495 29.10 -34.10 24.52
C MET A 495 28.45 -34.83 23.34
N VAL A 496 29.23 -34.96 22.26
CA VAL A 496 28.80 -35.65 21.06
C VAL A 496 29.97 -36.51 20.57
N VAL A 497 29.86 -37.81 20.75
CA VAL A 497 30.93 -38.74 20.34
C VAL A 497 30.64 -39.13 18.91
N ALA A 498 31.08 -38.27 17.99
CA ALA A 498 30.85 -38.49 16.57
C ALA A 498 32.09 -38.38 15.69
N ASN A 499 33.12 -37.66 16.11
CA ASN A 499 34.31 -37.50 15.28
C ASN A 499 34.92 -38.87 14.98
N PRO A 500 35.13 -39.21 13.70
CA PRO A 500 35.66 -40.55 13.39
C PRO A 500 37.08 -40.79 13.87
N ILE A 501 37.86 -39.74 14.13
CA ILE A 501 39.24 -39.90 14.56
C ILE A 501 39.36 -39.76 16.08
N LEU A 502 38.24 -39.84 16.80
CA LEU A 502 38.29 -39.72 18.24
C LEU A 502 39.08 -40.89 18.84
N ALA A 503 39.67 -40.63 20.00
CA ALA A 503 40.40 -41.65 20.74
C ALA A 503 40.12 -41.49 22.23
N GLN A 504 40.44 -42.53 22.99
CA GLN A 504 40.28 -42.47 24.44
C GLN A 504 41.11 -41.34 25.04
N ALA A 505 42.26 -41.03 24.44
CA ALA A 505 43.08 -39.92 24.91
C ALA A 505 42.33 -38.60 24.84
N ASP A 506 41.46 -38.44 23.83
CA ASP A 506 40.68 -37.21 23.75
C ASP A 506 39.62 -37.16 24.85
N ILE A 507 39.05 -38.30 25.22
CA ILE A 507 38.06 -38.32 26.30
C ILE A 507 38.74 -38.12 27.65
N ASP A 508 39.99 -38.58 27.80
CA ASP A 508 40.73 -38.29 29.02
C ASP A 508 41.09 -36.81 29.11
N PHE A 509 41.26 -36.13 27.98
CA PHE A 509 41.63 -34.71 27.98
C PHE A 509 40.46 -33.81 28.35
N LEU A 510 39.35 -33.94 27.64
CA LEU A 510 38.22 -33.05 27.88
C LEU A 510 37.73 -33.16 29.32
N LEU A 511 37.78 -34.36 29.89
CA LEU A 511 37.43 -34.55 31.30
C LEU A 511 38.50 -33.95 32.20
N GLY A 512 39.78 -34.22 31.90
CA GLY A 512 40.85 -33.57 32.63
C GLY A 512 40.89 -32.07 32.42
N GLU A 513 40.53 -31.62 31.22
CA GLU A 513 40.51 -30.18 30.93
C GLU A 513 39.41 -29.47 31.70
N LEU A 514 38.21 -30.05 31.74
CA LEU A 514 37.12 -29.42 32.49
C LEU A 514 37.52 -29.22 33.95
N GLU A 515 38.10 -30.25 34.57
CA GLU A 515 38.55 -30.13 35.96
C GLU A 515 39.49 -28.94 36.11
N LEU A 516 40.39 -28.76 35.14
CA LEU A 516 41.34 -27.64 35.21
C LEU A 516 40.61 -26.31 35.13
N LEU A 517 39.70 -26.18 34.16
CA LEU A 517 39.05 -24.89 33.93
C LEU A 517 38.09 -24.52 35.06
N GLY A 518 37.70 -25.47 35.90
CA GLY A 518 36.73 -25.22 36.95
C GLY A 518 37.21 -25.48 38.35
N GLN A 519 38.52 -25.46 38.58
CA GLN A 519 39.04 -25.73 39.92
C GLN A 519 38.86 -24.55 40.87
N ASP A 520 38.69 -23.34 40.34
CA ASP A 520 38.50 -22.16 41.18
C ASP A 520 37.03 -21.73 41.26
N LEU A 521 36.13 -22.49 40.66
CA LEU A 521 34.72 -22.12 40.62
C LEU A 521 33.98 -22.63 41.85
N ASP B 41 -45.60 42.20 -8.59
CA ASP B 41 -46.88 42.43 -7.93
C ASP B 41 -46.90 41.81 -6.53
N PRO B 42 -46.76 42.64 -5.50
CA PRO B 42 -46.64 42.10 -4.13
C PRO B 42 -47.71 41.08 -3.74
N VAL B 43 -48.97 41.35 -4.06
CA VAL B 43 -50.02 40.41 -3.69
C VAL B 43 -49.84 39.07 -4.41
N ALA B 44 -49.51 39.12 -5.71
CA ALA B 44 -49.25 37.88 -6.43
C ALA B 44 -48.01 37.18 -5.87
N VAL B 45 -46.99 37.96 -5.53
CA VAL B 45 -45.74 37.39 -5.02
C VAL B 45 -46.00 36.66 -3.71
N GLU B 46 -46.71 37.31 -2.80
CA GLU B 46 -47.03 36.66 -1.52
C GLU B 46 -47.74 35.34 -1.76
N ALA B 47 -48.75 35.33 -2.63
CA ALA B 47 -49.51 34.11 -2.84
C ALA B 47 -48.61 32.98 -3.32
N LEU B 48 -47.58 33.29 -4.12
CA LEU B 48 -46.67 32.25 -4.60
C LEU B 48 -45.93 31.58 -3.45
N LEU B 49 -45.25 32.36 -2.63
CA LEU B 49 -44.47 31.75 -1.55
C LEU B 49 -45.41 31.06 -0.57
N GLN B 50 -46.57 31.65 -0.30
CA GLN B 50 -47.53 31.04 0.62
C GLN B 50 -48.11 29.74 0.06
N ASP B 51 -48.52 29.73 -1.21
CA ASP B 51 -49.06 28.50 -1.79
C ASP B 51 -47.99 27.42 -1.88
N VAL B 52 -46.77 27.79 -2.25
CA VAL B 52 -45.69 26.81 -2.31
C VAL B 52 -45.38 26.29 -0.91
N PHE B 53 -45.39 27.18 0.08
CA PHE B 53 -45.06 26.78 1.44
C PHE B 53 -46.11 25.82 2.01
N GLY B 54 -47.36 25.94 1.58
CA GLY B 54 -48.35 24.97 1.99
C GLY B 54 -48.03 23.57 1.48
N ILE B 55 -47.52 23.47 0.25
CA ILE B 55 -47.13 22.18 -0.29
C ILE B 55 -45.93 21.63 0.46
N VAL B 56 -44.98 22.49 0.81
CA VAL B 56 -43.77 22.04 1.51
C VAL B 56 -44.15 21.46 2.87
N VAL B 57 -44.98 22.16 3.62
CA VAL B 57 -45.36 21.68 4.96
C VAL B 57 -46.04 20.33 4.85
N ASP B 58 -47.08 20.22 4.02
CA ASP B 58 -47.87 19.00 3.97
C ASP B 58 -47.04 17.82 3.46
N GLU B 59 -46.40 17.98 2.30
CA GLU B 59 -45.80 16.84 1.63
C GLU B 59 -44.37 16.56 2.08
N ALA B 60 -43.60 17.60 2.39
CA ALA B 60 -42.18 17.43 2.71
C ALA B 60 -41.94 17.34 4.21
N ILE B 61 -42.62 18.16 5.00
CA ILE B 61 -42.38 18.21 6.44
C ILE B 61 -43.26 17.18 7.14
N LEU B 62 -44.58 17.32 6.99
CA LEU B 62 -45.50 16.42 7.69
C LEU B 62 -45.44 15.01 7.12
N LYS B 63 -45.74 14.85 5.82
CA LYS B 63 -45.69 13.53 5.22
C LYS B 63 -44.28 12.97 5.15
N GLY B 64 -43.25 13.82 5.16
CA GLY B 64 -41.89 13.33 5.11
C GLY B 64 -41.38 12.74 6.40
N THR B 65 -41.97 13.14 7.53
CA THR B 65 -41.60 12.62 8.84
C THR B 65 -42.65 11.67 9.40
N SER B 66 -43.62 11.26 8.58
CA SER B 66 -44.68 10.37 9.02
C SER B 66 -44.26 8.93 8.74
N ALA B 67 -44.27 8.09 9.78
CA ALA B 67 -43.89 6.70 9.63
C ALA B 67 -44.89 5.92 8.77
N SER B 68 -46.10 6.44 8.57
CA SER B 68 -47.08 5.79 7.72
C SER B 68 -46.77 5.94 6.23
N GLU B 69 -45.95 6.90 5.85
CA GLU B 69 -45.60 7.14 4.46
C GLU B 69 -44.29 6.44 4.10
N LYS B 70 -43.96 6.51 2.81
CA LYS B 70 -42.76 5.87 2.30
C LYS B 70 -41.53 6.75 2.52
N VAL B 71 -40.36 6.10 2.59
CA VAL B 71 -39.11 6.85 2.66
C VAL B 71 -38.68 7.30 1.26
N CYS B 72 -38.91 6.46 0.26
CA CYS B 72 -38.52 6.74 -1.12
C CYS B 72 -39.59 6.20 -2.06
N GLU B 73 -39.84 6.94 -3.13
CA GLU B 73 -40.78 6.55 -4.18
C GLU B 73 -39.94 6.12 -5.39
N TRP B 74 -39.51 4.87 -5.38
CA TRP B 74 -38.55 4.41 -6.38
C TRP B 74 -39.14 4.48 -7.78
N LYS B 75 -38.33 4.99 -8.70
CA LYS B 75 -38.65 5.04 -10.13
C LYS B 75 -37.36 4.81 -10.91
N GLU B 76 -37.43 3.96 -11.93
CA GLU B 76 -36.26 3.78 -12.78
C GLU B 76 -35.87 5.11 -13.42
N PRO B 77 -34.57 5.41 -13.51
CA PRO B 77 -34.15 6.75 -13.98
C PRO B 77 -34.90 7.27 -15.20
N GLU B 78 -34.90 6.51 -16.31
CA GLU B 78 -35.57 7.00 -17.50
C GLU B 78 -37.05 7.25 -17.25
N GLU B 79 -37.69 6.37 -16.47
CA GLU B 79 -39.10 6.55 -16.15
C GLU B 79 -39.32 7.81 -15.32
N LEU B 80 -38.42 8.08 -14.37
CA LEU B 80 -38.54 9.31 -13.59
C LEU B 80 -38.24 10.53 -14.44
N LYS B 81 -37.26 10.44 -15.33
CA LYS B 81 -36.98 11.54 -16.24
C LYS B 81 -38.25 11.97 -16.97
N GLN B 82 -38.95 11.00 -17.57
CA GLN B 82 -40.17 11.32 -18.31
C GLN B 82 -41.18 11.99 -17.38
N LEU B 83 -41.33 11.48 -16.17
CA LEU B 83 -42.30 12.07 -15.24
C LEU B 83 -41.95 13.52 -14.94
N LEU B 84 -40.66 13.83 -14.81
CA LEU B 84 -40.26 15.16 -14.35
C LEU B 84 -40.34 16.22 -15.43
N ASP B 85 -40.07 15.87 -16.69
CA ASP B 85 -40.09 16.83 -17.79
C ASP B 85 -39.14 18.00 -17.50
N LEU B 86 -37.84 17.68 -17.51
CA LEU B 86 -36.84 18.62 -17.06
C LEU B 86 -36.40 19.61 -18.13
N GLU B 87 -36.64 19.31 -19.41
CA GLU B 87 -36.07 20.12 -20.47
C GLU B 87 -36.58 21.55 -20.38
N LEU B 88 -35.64 22.50 -20.27
CA LEU B 88 -35.97 23.92 -20.18
C LEU B 88 -36.26 24.46 -21.56
N GLN B 89 -37.22 25.39 -21.64
CA GLN B 89 -37.76 25.84 -22.92
C GLN B 89 -37.87 27.36 -22.96
N SER B 90 -38.22 27.87 -24.14
CA SER B 90 -38.27 29.31 -24.36
C SER B 90 -39.52 29.93 -23.73
N GLN B 91 -40.63 29.21 -23.73
CA GLN B 91 -41.86 29.70 -23.14
C GLN B 91 -41.89 29.35 -21.66
N GLY B 92 -42.37 30.29 -20.85
CA GLY B 92 -42.55 30.03 -19.44
C GLY B 92 -43.75 29.14 -19.22
N GLU B 93 -43.97 28.80 -17.96
CA GLU B 93 -45.07 27.92 -17.56
C GLU B 93 -46.01 28.72 -16.69
N SER B 94 -47.25 28.23 -16.55
CA SER B 94 -48.22 28.99 -15.79
C SER B 94 -48.06 28.68 -14.30
N ARG B 95 -48.75 29.48 -13.49
CA ARG B 95 -48.72 29.31 -12.05
C ARG B 95 -49.16 27.90 -11.64
N GLU B 96 -50.22 27.39 -12.26
CA GLU B 96 -50.74 26.07 -11.92
C GLU B 96 -49.69 24.98 -12.23
N GLN B 97 -49.05 25.09 -13.40
CA GLN B 97 -48.09 24.06 -13.82
C GLN B 97 -46.85 24.05 -12.94
N ILE B 98 -46.48 25.20 -12.38
CA ILE B 98 -45.30 25.27 -11.52
C ILE B 98 -45.57 24.58 -10.18
N LEU B 99 -46.69 24.93 -9.54
CA LEU B 99 -46.99 24.34 -8.23
C LEU B 99 -47.03 22.82 -8.29
N GLU B 100 -47.53 22.24 -9.38
CA GLU B 100 -47.51 20.79 -9.49
C GLU B 100 -46.09 20.26 -9.68
N ARG B 101 -45.23 21.04 -10.33
CA ARG B 101 -43.82 20.64 -10.42
C ARG B 101 -43.19 20.61 -9.04
N CYS B 102 -43.68 21.43 -8.12
CA CYS B 102 -43.20 21.37 -6.74
C CYS B 102 -43.60 20.06 -6.08
N ARG B 103 -44.89 19.70 -6.16
CA ARG B 103 -45.34 18.44 -5.59
C ARG B 103 -44.59 17.26 -6.18
N THR B 104 -44.31 17.30 -7.48
CA THR B 104 -43.62 16.17 -8.12
C THR B 104 -42.18 16.08 -7.64
N VAL B 105 -41.46 17.21 -7.61
CA VAL B 105 -40.09 17.18 -7.12
C VAL B 105 -40.06 16.71 -5.67
N ILE B 106 -41.04 17.15 -4.88
CA ILE B 106 -41.13 16.72 -3.48
C ILE B 106 -41.54 15.26 -3.41
N HIS B 107 -42.61 14.89 -4.13
CA HIS B 107 -43.18 13.55 -4.02
C HIS B 107 -42.14 12.47 -4.27
N TYR B 108 -41.38 12.60 -5.35
CA TYR B 108 -40.45 11.54 -5.76
C TYR B 108 -39.07 11.66 -5.10
N SER B 109 -38.84 12.68 -4.28
CA SER B 109 -37.56 12.81 -3.60
C SER B 109 -37.54 11.95 -2.33
N VAL B 110 -36.33 11.60 -1.91
CA VAL B 110 -36.17 10.84 -0.68
C VAL B 110 -36.50 11.73 0.51
N LYS B 111 -37.06 11.12 1.56
CA LYS B 111 -37.42 11.83 2.78
C LYS B 111 -36.31 11.58 3.79
N THR B 112 -35.28 12.44 3.75
CA THR B 112 -34.13 12.26 4.63
C THR B 112 -34.50 12.45 6.10
N GLY B 113 -35.65 13.07 6.39
CA GLY B 113 -36.12 13.24 7.74
C GLY B 113 -37.07 12.16 8.24
N HIS B 114 -37.20 11.07 7.51
CA HIS B 114 -38.12 10.00 7.87
C HIS B 114 -37.54 9.17 9.03
N PRO B 115 -38.40 8.68 9.92
CA PRO B 115 -37.92 7.76 10.96
C PRO B 115 -37.27 6.51 10.41
N ARG B 116 -37.46 6.22 9.12
CA ARG B 116 -36.93 5.04 8.46
C ARG B 116 -35.79 5.35 7.49
N PHE B 117 -35.06 6.44 7.73
CA PHE B 117 -33.91 6.80 6.90
C PHE B 117 -32.60 6.67 7.70
N PHE B 118 -31.78 5.67 7.35
CA PHE B 118 -30.48 5.46 7.97
C PHE B 118 -29.38 5.30 6.90
N ASN B 119 -29.52 5.96 5.76
CA ASN B 119 -28.60 5.74 4.65
C ASN B 119 -27.35 6.61 4.73
N GLN B 120 -27.39 7.70 5.49
CA GLN B 120 -26.26 8.61 5.63
C GLN B 120 -26.03 8.87 7.11
N LEU B 121 -24.93 9.57 7.40
CA LEU B 121 -24.64 9.97 8.77
C LEU B 121 -25.54 11.09 9.25
N PHE B 122 -26.22 11.79 8.34
CA PHE B 122 -27.17 12.82 8.71
C PHE B 122 -28.58 12.26 8.58
N SER B 123 -29.46 12.68 9.46
CA SER B 123 -30.85 12.23 9.42
C SER B 123 -31.65 13.08 10.38
N GLY B 124 -32.83 13.51 9.93
CA GLY B 124 -33.70 14.30 10.76
C GLY B 124 -33.96 15.69 10.19
N LEU B 125 -35.07 16.30 10.60
CA LEU B 125 -35.49 17.62 10.12
C LEU B 125 -35.90 18.40 11.36
N ASP B 126 -34.92 19.07 11.97
CA ASP B 126 -35.19 19.93 13.12
C ASP B 126 -35.95 21.16 12.63
N PRO B 127 -37.15 21.44 13.16
CA PRO B 127 -37.92 22.57 12.63
C PRO B 127 -37.30 23.93 12.92
N HIS B 128 -36.64 24.10 14.06
CA HIS B 128 -35.98 25.37 14.34
C HIS B 128 -34.87 25.64 13.34
N ALA B 129 -34.07 24.61 13.04
CA ALA B 129 -33.03 24.76 12.03
C ALA B 129 -33.62 25.07 10.66
N LEU B 130 -34.73 24.41 10.30
CA LEU B 130 -35.36 24.68 9.01
C LEU B 130 -35.84 26.12 8.93
N ALA B 131 -36.47 26.62 9.99
CA ALA B 131 -36.83 28.04 10.02
C ALA B 131 -35.62 28.92 9.78
N GLY B 132 -34.50 28.60 10.44
CA GLY B 132 -33.28 29.35 10.19
C GLY B 132 -32.82 29.29 8.74
N ARG B 133 -32.86 28.09 8.15
CA ARG B 133 -32.46 27.96 6.75
C ARG B 133 -33.33 28.84 5.86
N ILE B 134 -34.63 28.89 6.14
CA ILE B 134 -35.54 29.67 5.30
C ILE B 134 -35.22 31.16 5.44
N ILE B 135 -34.99 31.63 6.67
CA ILE B 135 -34.61 33.03 6.86
C ILE B 135 -33.30 33.32 6.11
N THR B 136 -32.36 32.37 6.15
CA THR B 136 -31.10 32.57 5.45
C THR B 136 -31.33 32.75 3.94
N GLU B 137 -32.11 31.85 3.34
CA GLU B 137 -32.34 31.93 1.90
C GLU B 137 -33.13 33.17 1.52
N SER B 138 -33.97 33.68 2.43
CA SER B 138 -34.80 34.84 2.12
C SER B 138 -33.98 36.13 2.11
N LEU B 139 -33.07 36.29 3.06
CA LEU B 139 -32.22 37.48 3.13
C LEU B 139 -31.10 37.47 2.11
N ASN B 140 -30.73 36.30 1.59
CA ASN B 140 -29.75 36.16 0.53
C ASN B 140 -28.61 37.17 0.61
N THR B 141 -27.72 37.00 1.58
CA THR B 141 -26.53 37.83 1.73
C THR B 141 -25.29 36.95 1.73
N SER B 142 -24.12 37.58 1.84
CA SER B 142 -22.84 36.88 1.83
C SER B 142 -22.11 37.11 3.13
N GLN B 143 -21.69 36.00 3.77
CA GLN B 143 -20.92 36.05 5.01
C GLN B 143 -19.47 36.42 4.72
N TYR B 144 -19.26 37.70 4.41
CA TYR B 144 -17.97 38.19 3.93
C TYR B 144 -17.59 39.56 4.47
N THR B 145 -18.56 40.46 4.74
CA THR B 145 -18.25 41.75 5.34
C THR B 145 -19.39 42.16 6.26
N TYR B 146 -19.04 42.91 7.32
CA TYR B 146 -20.05 43.43 8.24
C TYR B 146 -21.04 44.35 7.54
N GLU B 147 -20.62 44.99 6.45
CA GLU B 147 -21.46 46.00 5.81
C GLU B 147 -22.75 45.39 5.28
N ILE B 148 -22.68 44.19 4.71
CA ILE B 148 -23.85 43.57 4.11
C ILE B 148 -24.47 42.48 4.97
N ALA B 149 -23.78 42.03 6.03
CA ALA B 149 -24.28 40.96 6.90
C ALA B 149 -23.95 41.30 8.34
N PRO B 150 -24.54 42.38 8.88
CA PRO B 150 -24.18 42.81 10.23
C PRO B 150 -24.59 41.83 11.32
N VAL B 151 -25.83 41.34 11.26
CA VAL B 151 -26.31 40.42 12.27
C VAL B 151 -25.48 39.14 12.28
N PHE B 152 -25.25 38.59 11.09
CA PHE B 152 -24.63 37.28 10.99
C PHE B 152 -23.11 37.33 11.14
N VAL B 153 -22.47 38.46 10.86
CA VAL B 153 -21.04 38.57 11.12
C VAL B 153 -20.78 38.45 12.61
N LEU B 154 -21.70 38.95 13.43
CA LEU B 154 -21.56 38.79 14.88
C LEU B 154 -22.05 37.42 15.33
N MET B 155 -23.19 36.98 14.81
CA MET B 155 -23.74 35.68 15.19
C MET B 155 -22.74 34.56 14.95
N GLU B 156 -22.12 34.54 13.77
CA GLU B 156 -21.14 33.49 13.48
C GLU B 156 -19.98 33.55 14.46
N GLU B 157 -19.48 34.76 14.75
CA GLU B 157 -18.39 34.89 15.70
C GLU B 157 -18.72 34.26 17.04
N GLU B 158 -19.94 34.46 17.52
CA GLU B 158 -20.34 33.92 18.82
C GLU B 158 -20.33 32.39 18.80
N VAL B 159 -20.91 31.79 17.76
CA VAL B 159 -20.96 30.33 17.68
C VAL B 159 -19.55 29.76 17.69
N LEU B 160 -18.67 30.28 16.83
CA LEU B 160 -17.30 29.77 16.78
C LEU B 160 -16.62 29.85 18.13
N LYS B 161 -16.93 30.89 18.92
CA LYS B 161 -16.35 31.04 20.25
C LYS B 161 -16.91 29.99 21.21
N LYS B 162 -18.20 29.67 21.07
CA LYS B 162 -18.79 28.62 21.90
C LYS B 162 -18.24 27.25 21.53
N LEU B 163 -18.13 26.97 20.23
CA LEU B 163 -17.55 25.70 19.81
C LEU B 163 -16.13 25.55 20.34
N ARG B 164 -15.34 26.62 20.26
CA ARG B 164 -14.00 26.57 20.85
C ARG B 164 -14.07 26.32 22.35
N ALA B 165 -15.13 26.80 23.01
CA ALA B 165 -15.29 26.52 24.43
C ALA B 165 -15.51 25.05 24.67
N LEU B 166 -16.42 24.43 23.91
CA LEU B 166 -16.63 22.99 24.04
C LEU B 166 -15.36 22.22 23.71
N VAL B 167 -14.48 22.80 22.89
CA VAL B 167 -13.19 22.16 22.64
C VAL B 167 -12.26 22.32 23.83
N GLY B 168 -12.39 23.43 24.56
CA GLY B 168 -11.54 23.67 25.71
C GLY B 168 -10.67 24.90 25.56
N TRP B 169 -10.96 25.73 24.55
CA TRP B 169 -10.19 26.93 24.28
C TRP B 169 -11.00 28.16 24.67
N ASN B 170 -10.36 29.10 25.37
CA ASN B 170 -10.96 30.38 25.66
C ASN B 170 -10.58 31.44 24.65
N SER B 171 -9.88 31.07 23.59
CA SER B 171 -9.45 32.01 22.57
C SER B 171 -9.00 31.22 21.34
N GLY B 172 -9.07 31.86 20.19
CA GLY B 172 -8.62 31.22 18.97
C GLY B 172 -9.16 31.93 17.74
N ASP B 173 -9.37 31.13 16.69
CA ASP B 173 -9.84 31.61 15.40
C ASP B 173 -10.76 30.53 14.82
N GLY B 174 -11.31 30.82 13.64
CA GLY B 174 -12.13 29.83 12.96
C GLY B 174 -13.04 30.46 11.95
N VAL B 175 -13.62 29.60 11.11
CA VAL B 175 -14.55 30.00 10.07
C VAL B 175 -15.42 28.81 9.72
N PHE B 176 -16.55 29.08 9.06
CA PHE B 176 -17.38 28.03 8.49
C PHE B 176 -16.96 27.78 7.04
N CYS B 177 -17.10 26.52 6.63
CA CYS B 177 -16.69 26.08 5.30
C CYS B 177 -17.83 25.31 4.66
N PRO B 178 -17.80 25.16 3.33
CA PRO B 178 -18.84 24.34 2.66
C PRO B 178 -18.48 22.86 2.66
N GLY B 179 -18.65 22.23 3.81
CA GLY B 179 -18.36 20.83 3.98
C GLY B 179 -17.08 20.58 4.74
N GLY B 180 -17.02 19.43 5.42
CA GLY B 180 -15.83 19.09 6.18
C GLY B 180 -14.62 18.81 5.32
N SER B 181 -14.82 18.43 4.06
CA SER B 181 -13.68 18.18 3.17
C SER B 181 -12.83 19.44 3.03
N ILE B 182 -13.46 20.61 2.97
CA ILE B 182 -12.71 21.85 2.86
C ILE B 182 -12.05 22.20 4.18
N SER B 183 -12.72 21.91 5.29
CA SER B 183 -12.13 22.19 6.60
C SER B 183 -10.81 21.46 6.78
N ASN B 184 -10.70 20.24 6.24
CA ASN B 184 -9.44 19.51 6.35
C ASN B 184 -8.40 20.05 5.37
N MET B 185 -8.83 20.53 4.19
CA MET B 185 -7.90 21.15 3.25
C MET B 185 -7.37 22.46 3.80
N TYR B 186 -8.21 23.23 4.46
CA TYR B 186 -7.75 24.42 5.18
C TYR B 186 -6.70 24.04 6.23
N ALA B 187 -6.98 23.00 7.02
CA ALA B 187 -6.08 22.61 8.10
C ALA B 187 -4.71 22.19 7.57
N MET B 188 -4.69 21.34 6.54
CA MET B 188 -3.43 20.99 5.91
C MET B 188 -2.66 22.24 5.48
N ASN B 189 -3.33 23.11 4.73
CA ASN B 189 -2.66 24.30 4.19
C ASN B 189 -2.13 25.19 5.29
N LEU B 190 -2.89 25.37 6.38
CA LEU B 190 -2.43 26.20 7.47
C LEU B 190 -1.16 25.63 8.11
N ALA B 191 -1.09 24.31 8.22
CA ALA B 191 0.12 23.68 8.75
C ALA B 191 1.30 23.91 7.80
N ARG B 192 1.07 23.70 6.50
CA ARG B 192 2.12 23.95 5.52
C ARG B 192 2.60 25.40 5.58
N PHE B 193 1.66 26.35 5.71
CA PHE B 193 2.05 27.76 5.75
C PHE B 193 2.71 28.11 7.08
N GLN B 194 2.24 27.50 8.18
CA GLN B 194 2.81 27.81 9.50
C GLN B 194 4.27 27.38 9.59
N ARG B 195 4.63 26.28 8.91
CA ARG B 195 6.01 25.81 8.91
C ARG B 195 6.84 26.45 7.80
N TYR B 196 6.27 26.56 6.59
CA TYR B 196 6.97 27.11 5.43
C TYR B 196 6.12 28.21 4.80
N PRO B 197 6.13 29.42 5.36
CA PRO B 197 5.30 30.50 4.79
C PRO B 197 5.68 30.88 3.36
N ASP B 198 6.92 30.61 2.93
CA ASP B 198 7.31 30.90 1.56
C ASP B 198 6.47 30.11 0.56
N CYS B 199 5.76 29.08 1.01
CA CYS B 199 4.94 28.28 0.11
C CYS B 199 3.87 29.12 -0.58
N LYS B 200 3.33 30.13 0.12
CA LYS B 200 2.26 30.94 -0.46
C LYS B 200 2.69 31.60 -1.77
N GLN B 201 3.95 32.01 -1.85
CA GLN B 201 4.46 32.74 -3.00
C GLN B 201 5.28 31.87 -3.94
N ARG B 202 6.21 31.09 -3.40
CA ARG B 202 7.14 30.31 -4.23
C ARG B 202 6.61 28.93 -4.60
N GLY B 203 5.63 28.41 -3.88
CA GLY B 203 5.10 27.10 -4.21
C GLY B 203 5.84 25.98 -3.51
N LEU B 204 5.41 24.75 -3.83
CA LEU B 204 5.93 23.57 -3.17
C LEU B 204 7.32 23.16 -3.65
N ARG B 205 7.75 23.58 -4.84
CA ARG B 205 9.10 23.27 -5.27
C ARG B 205 10.17 23.98 -4.44
N ALA B 206 9.80 24.98 -3.66
CA ALA B 206 10.73 25.65 -2.76
C ALA B 206 10.82 24.97 -1.39
N LEU B 207 10.09 23.89 -1.18
CA LEU B 207 10.00 23.21 0.09
C LEU B 207 10.48 21.76 -0.04
N PRO B 208 10.91 21.16 1.06
CA PRO B 208 11.29 19.75 1.01
C PRO B 208 10.05 18.87 0.89
N PRO B 209 10.21 17.60 0.51
CA PRO B 209 9.06 16.70 0.45
C PRO B 209 8.34 16.66 1.79
N LEU B 210 7.02 16.80 1.76
CA LEU B 210 6.21 16.84 2.97
C LEU B 210 5.42 15.55 3.13
N ALA B 211 5.26 15.11 4.38
CA ALA B 211 4.55 13.88 4.70
C ALA B 211 3.57 14.14 5.84
N LEU B 212 2.31 13.77 5.64
CA LEU B 212 1.28 13.83 6.66
C LEU B 212 0.80 12.43 7.00
N PHE B 213 0.16 12.31 8.16
CA PHE B 213 -0.19 11.01 8.73
C PHE B 213 -1.64 10.97 9.16
N THR B 214 -2.34 9.90 8.78
CA THR B 214 -3.75 9.75 9.13
C THR B 214 -4.07 8.27 9.22
N SER B 215 -5.16 7.96 9.92
CA SER B 215 -5.55 6.58 10.15
C SER B 215 -6.18 5.99 8.88
N LYS B 216 -6.18 4.66 8.80
CA LYS B 216 -6.85 4.00 7.68
C LYS B 216 -8.37 4.09 7.76
N GLU B 217 -8.92 4.51 8.90
CA GLU B 217 -10.36 4.70 9.06
C GLU B 217 -10.78 6.14 8.86
N CYS B 218 -9.93 6.92 8.20
CA CYS B 218 -10.18 8.32 7.97
C CYS B 218 -11.26 8.53 6.89
N HIS B 219 -11.73 9.77 6.82
CA HIS B 219 -12.56 10.23 5.71
C HIS B 219 -11.68 10.30 4.47
N TYR B 220 -12.21 9.84 3.32
CA TYR B 220 -11.34 9.81 2.15
C TYR B 220 -11.00 11.21 1.64
N SER B 221 -11.62 12.26 2.17
CA SER B 221 -11.27 13.62 1.77
C SER B 221 -9.81 13.95 2.05
N ILE B 222 -9.14 13.19 2.92
CA ILE B 222 -7.73 13.44 3.18
C ILE B 222 -6.91 13.10 1.94
N THR B 223 -7.23 11.98 1.28
CA THR B 223 -6.48 11.60 0.09
C THR B 223 -6.71 12.61 -1.04
N LYS B 224 -7.92 13.15 -1.12
CA LYS B 224 -8.22 14.17 -2.13
C LYS B 224 -7.54 15.49 -1.81
N GLY B 225 -7.66 15.96 -0.56
CA GLY B 225 -7.08 17.25 -0.21
C GLY B 225 -5.58 17.29 -0.41
N ALA B 226 -4.88 16.19 -0.10
CA ALA B 226 -3.44 16.18 -0.27
C ALA B 226 -3.06 16.43 -1.73
N ALA B 227 -3.79 15.81 -2.66
CA ALA B 227 -3.51 15.98 -4.08
C ALA B 227 -3.99 17.34 -4.58
N PHE B 228 -5.16 17.80 -4.12
CA PHE B 228 -5.67 19.09 -4.57
C PHE B 228 -4.73 20.22 -4.17
N LEU B 229 -4.10 20.12 -3.00
CA LEU B 229 -3.11 21.09 -2.55
C LEU B 229 -1.74 20.87 -3.17
N GLY B 230 -1.62 19.95 -4.12
CA GLY B 230 -0.37 19.73 -4.82
C GLY B 230 0.64 18.86 -4.11
N LEU B 231 0.33 18.41 -2.90
CA LEU B 231 1.26 17.55 -2.18
C LEU B 231 1.35 16.16 -2.80
N GLY B 232 0.25 15.66 -3.33
CA GLY B 232 0.20 14.30 -3.87
C GLY B 232 -0.28 13.29 -2.85
N THR B 233 -0.99 12.28 -3.34
CA THR B 233 -1.50 11.25 -2.45
C THR B 233 -0.36 10.51 -1.74
N ASP B 234 0.78 10.34 -2.42
CA ASP B 234 1.91 9.66 -1.79
C ASP B 234 2.36 10.36 -0.51
N SER B 235 2.13 11.67 -0.40
CA SER B 235 2.48 12.38 0.82
C SER B 235 1.62 11.96 2.00
N VAL B 236 0.53 11.24 1.76
CA VAL B 236 -0.34 10.74 2.83
C VAL B 236 0.22 9.40 3.30
N ARG B 237 0.81 9.40 4.49
CA ARG B 237 1.33 8.18 5.10
C ARG B 237 0.24 7.62 6.02
N VAL B 238 -0.22 6.42 5.71
CA VAL B 238 -1.32 5.80 6.44
C VAL B 238 -0.79 5.10 7.68
N VAL B 239 -1.50 5.27 8.80
CA VAL B 239 -1.14 4.67 10.07
C VAL B 239 -2.12 3.56 10.40
N LYS B 240 -1.62 2.48 11.01
CA LYS B 240 -2.44 1.31 11.27
C LYS B 240 -3.47 1.58 12.36
N ALA B 241 -4.67 1.02 12.19
CA ALA B 241 -5.74 1.08 13.18
C ALA B 241 -5.98 -0.31 13.76
N ASP B 242 -6.47 -0.35 15.00
CA ASP B 242 -6.70 -1.62 15.68
C ASP B 242 -8.03 -2.23 15.22
N GLU B 243 -8.51 -3.23 15.97
CA GLU B 243 -9.76 -3.90 15.63
C GLU B 243 -10.96 -2.99 15.83
N ARG B 244 -10.83 -2.02 16.73
CA ARG B 244 -11.88 -1.07 17.09
C ARG B 244 -11.91 0.17 16.19
N GLY B 245 -11.09 0.19 15.15
CA GLY B 245 -11.07 1.26 14.19
C GLY B 245 -10.33 2.51 14.61
N ARG B 246 -9.46 2.43 15.61
CA ARG B 246 -8.77 3.58 16.15
C ARG B 246 -7.30 3.55 15.76
N MET B 247 -6.74 4.74 15.54
CA MET B 247 -5.32 4.83 15.18
C MET B 247 -4.45 4.28 16.30
N ILE B 248 -3.35 3.65 15.93
CA ILE B 248 -2.42 3.04 16.89
C ILE B 248 -1.23 3.97 17.10
N PRO B 249 -1.16 4.70 18.22
CA PRO B 249 -0.07 5.67 18.39
C PRO B 249 1.32 5.09 18.16
N GLU B 250 1.53 3.81 18.46
CA GLU B 250 2.85 3.21 18.26
C GLU B 250 3.21 3.15 16.77
N ASP B 251 2.22 2.88 15.92
CA ASP B 251 2.49 2.84 14.48
C ASP B 251 2.62 4.25 13.90
N LEU B 252 1.92 5.24 14.47
CA LEU B 252 2.08 6.61 14.02
C LEU B 252 3.53 7.04 14.09
N GLU B 253 4.16 6.90 15.25
CA GLU B 253 5.54 7.35 15.40
C GLU B 253 6.49 6.55 14.51
N ARG B 254 6.21 5.27 14.28
CA ARG B 254 7.05 4.50 13.35
C ARG B 254 7.03 5.15 11.96
N GLN B 255 5.85 5.53 11.48
CA GLN B 255 5.75 6.17 10.18
C GLN B 255 6.50 7.49 10.16
N ILE B 256 6.33 8.32 11.20
CA ILE B 256 7.02 9.59 11.28
C ILE B 256 8.53 9.38 11.17
N ILE B 257 9.06 8.41 11.90
CA ILE B 257 10.51 8.21 11.92
C ILE B 257 10.99 7.69 10.57
N LEU B 258 10.20 6.85 9.91
CA LEU B 258 10.57 6.39 8.58
C LEU B 258 10.56 7.52 7.57
N ALA B 259 9.54 8.38 7.64
CA ALA B 259 9.49 9.54 6.75
C ALA B 259 10.73 10.41 6.91
N GLU B 260 11.15 10.66 8.15
CA GLU B 260 12.37 11.46 8.37
C GLU B 260 13.61 10.77 7.82
N ALA B 261 13.67 9.43 7.93
CA ALA B 261 14.83 8.71 7.44
C ALA B 261 14.85 8.62 5.92
N GLU B 262 13.72 8.83 5.27
CA GLU B 262 13.61 8.76 3.82
C GLU B 262 13.81 10.10 3.13
N GLY B 263 14.04 11.17 3.88
CA GLY B 263 14.25 12.49 3.32
C GLY B 263 13.04 13.40 3.38
N SER B 264 11.86 12.87 3.72
CA SER B 264 10.67 13.69 3.83
C SER B 264 10.63 14.40 5.19
N VAL B 265 9.82 15.45 5.26
CA VAL B 265 9.71 16.26 6.47
C VAL B 265 8.31 16.14 7.03
N PRO B 266 8.11 15.39 8.12
CA PRO B 266 6.78 15.34 8.75
C PRO B 266 6.34 16.74 9.18
N PHE B 267 5.07 17.06 8.91
CA PHE B 267 4.55 18.38 9.28
C PHE B 267 3.16 18.34 9.92
N LEU B 268 2.33 17.31 9.69
CA LEU B 268 0.97 17.31 10.20
C LEU B 268 0.53 15.89 10.50
N VAL B 269 -0.30 15.77 11.54
CA VAL B 269 -0.97 14.51 11.87
C VAL B 269 -2.46 14.78 11.96
N SER B 270 -3.26 13.96 11.26
CA SER B 270 -4.71 14.12 11.20
C SER B 270 -5.36 12.90 11.83
N ALA B 271 -5.93 13.09 13.02
CA ALA B 271 -6.67 12.06 13.72
C ALA B 271 -8.17 12.16 13.40
N THR B 272 -8.90 11.08 13.72
CA THR B 272 -10.33 10.99 13.47
C THR B 272 -11.06 10.82 14.79
N SER B 273 -12.08 11.67 15.02
CA SER B 273 -12.91 11.55 16.22
C SER B 273 -14.34 11.21 15.85
N GLY B 274 -14.55 10.03 15.25
CA GLY B 274 -15.88 9.62 14.84
C GLY B 274 -15.89 9.18 13.39
N THR B 275 -15.21 8.08 13.08
CA THR B 275 -15.12 7.63 11.69
C THR B 275 -16.51 7.45 11.09
N THR B 276 -16.56 7.49 9.76
CA THR B 276 -17.84 7.42 9.07
C THR B 276 -18.40 6.00 9.04
N VAL B 277 -17.55 4.97 9.13
CA VAL B 277 -18.02 3.59 9.05
C VAL B 277 -18.29 3.05 10.44
N LEU B 278 -17.24 2.84 11.22
CA LEU B 278 -17.35 2.16 12.51
C LEU B 278 -17.71 3.08 13.67
N GLY B 279 -17.43 4.37 13.54
CA GLY B 279 -17.65 5.29 14.64
C GLY B 279 -16.55 5.33 15.67
N ALA B 280 -15.34 4.93 15.31
CA ALA B 280 -14.24 4.91 16.27
C ALA B 280 -13.91 6.34 16.72
N PHE B 281 -13.05 6.41 17.73
CA PHE B 281 -12.54 7.69 18.23
C PHE B 281 -11.06 7.49 18.50
N ASP B 282 -10.20 8.11 17.71
CA ASP B 282 -8.77 7.94 17.92
C ASP B 282 -8.40 8.40 19.32
N PRO B 283 -7.34 7.83 19.90
CA PRO B 283 -6.86 8.34 21.20
C PRO B 283 -6.17 9.67 21.03
N LEU B 284 -6.89 10.77 21.27
CA LEU B 284 -6.34 12.09 20.98
C LEU B 284 -5.22 12.47 21.93
N ASP B 285 -5.27 12.01 23.18
CA ASP B 285 -4.24 12.40 24.13
C ASP B 285 -2.92 11.71 23.83
N ALA B 286 -2.98 10.51 23.23
CA ALA B 286 -1.74 9.82 22.87
C ALA B 286 -1.12 10.40 21.61
N ILE B 287 -1.95 10.78 20.63
CA ILE B 287 -1.42 11.35 19.40
C ILE B 287 -0.78 12.71 19.68
N ALA B 288 -1.36 13.47 20.61
CA ALA B 288 -0.77 14.74 21.01
C ALA B 288 0.68 14.55 21.48
N ASP B 289 0.93 13.52 22.30
CA ASP B 289 2.29 13.26 22.76
C ASP B 289 3.22 13.04 21.58
N VAL B 290 2.81 12.24 20.60
CA VAL B 290 3.64 11.99 19.43
C VAL B 290 3.85 13.29 18.67
N CYS B 291 2.77 14.04 18.44
CA CYS B 291 2.89 15.34 17.79
C CYS B 291 3.84 16.24 18.57
N GLN B 292 3.75 16.22 19.89
CA GLN B 292 4.59 17.09 20.72
C GLN B 292 6.05 16.71 20.61
N ARG B 293 6.35 15.40 20.56
CA ARG B 293 7.73 14.94 20.48
C ARG B 293 8.38 15.24 19.13
N HIS B 294 7.59 15.45 18.08
CA HIS B 294 8.12 15.78 16.77
C HIS B 294 7.70 17.17 16.31
N GLY B 295 7.08 17.95 17.19
CA GLY B 295 6.65 19.29 16.85
C GLY B 295 5.84 19.34 15.58
N LEU B 296 4.75 18.57 15.55
CA LEU B 296 3.92 18.47 14.37
C LEU B 296 2.53 19.06 14.65
N TRP B 297 1.92 19.59 13.59
CA TRP B 297 0.56 20.10 13.66
C TRP B 297 -0.39 18.97 13.98
N PHE B 298 -1.22 19.16 14.99
CA PHE B 298 -2.17 18.14 15.45
C PHE B 298 -3.57 18.61 15.05
N HIS B 299 -4.13 17.98 14.02
CA HIS B 299 -5.47 18.27 13.56
C HIS B 299 -6.38 17.07 13.83
N VAL B 300 -7.58 17.34 14.33
CA VAL B 300 -8.55 16.32 14.72
C VAL B 300 -9.78 16.50 13.85
N ASP B 301 -10.02 15.56 12.93
CA ASP B 301 -11.21 15.56 12.07
C ASP B 301 -12.38 15.00 12.87
N ALA B 302 -13.06 15.88 13.60
CA ALA B 302 -14.21 15.52 14.42
C ALA B 302 -15.54 15.90 13.77
N ALA B 303 -15.59 15.91 12.44
CA ALA B 303 -16.80 16.35 11.75
C ALA B 303 -18.04 15.59 12.23
N TRP B 304 -17.91 14.28 12.42
CA TRP B 304 -19.04 13.44 12.79
C TRP B 304 -19.21 13.36 14.30
N GLY B 305 -18.13 13.10 15.03
CA GLY B 305 -18.19 12.92 16.45
C GLY B 305 -17.98 14.17 17.28
N GLY B 306 -17.77 15.33 16.65
CA GLY B 306 -17.56 16.53 17.42
C GLY B 306 -18.78 16.95 18.22
N SER B 307 -19.97 16.54 17.78
CA SER B 307 -21.19 16.89 18.49
C SER B 307 -21.27 16.24 19.86
N VAL B 308 -20.47 15.19 20.10
CA VAL B 308 -20.47 14.52 21.39
C VAL B 308 -20.01 15.46 22.50
N LEU B 309 -19.24 16.49 22.17
CA LEU B 309 -18.75 17.41 23.17
C LEU B 309 -19.85 18.16 23.90
N LEU B 310 -21.10 18.09 23.43
CA LEU B 310 -22.19 18.80 24.06
C LEU B 310 -22.83 18.03 25.21
N SER B 311 -22.43 16.77 25.41
CA SER B 311 -22.96 15.93 26.47
C SER B 311 -21.86 15.67 27.50
N ARG B 312 -22.12 16.04 28.76
CA ARG B 312 -21.17 15.73 29.81
C ARG B 312 -20.97 14.23 29.94
N THR B 313 -22.01 13.45 29.61
CA THR B 313 -21.95 12.01 29.74
C THR B 313 -20.87 11.42 28.84
N HIS B 314 -20.95 11.72 27.53
CA HIS B 314 -20.15 11.02 26.53
C HIS B 314 -18.97 11.82 25.99
N ARG B 315 -18.75 13.04 26.46
CA ARG B 315 -17.69 13.84 25.86
C ARG B 315 -16.29 13.29 26.18
N HIS B 316 -16.18 12.28 27.04
CA HIS B 316 -14.88 11.68 27.31
C HIS B 316 -14.25 11.06 26.07
N LEU B 317 -15.06 10.78 25.04
CA LEU B 317 -14.53 10.17 23.83
C LEU B 317 -13.53 11.08 23.12
N LEU B 318 -13.56 12.38 23.39
CA LEU B 318 -12.64 13.34 22.77
C LEU B 318 -11.69 13.95 23.77
N ASP B 319 -11.26 13.17 24.77
CA ASP B 319 -10.27 13.66 25.73
C ASP B 319 -8.95 13.92 25.01
N GLY B 320 -8.37 15.10 25.25
CA GLY B 320 -7.16 15.50 24.56
C GLY B 320 -7.39 16.35 23.33
N ILE B 321 -8.64 16.58 22.94
CA ILE B 321 -8.90 17.40 21.77
C ILE B 321 -8.42 18.82 21.98
N GLN B 322 -8.39 19.28 23.24
CA GLN B 322 -7.89 20.63 23.51
C GLN B 322 -6.39 20.76 23.21
N ARG B 323 -5.69 19.64 23.00
CA ARG B 323 -4.28 19.66 22.66
C ARG B 323 -4.04 19.70 21.15
N ALA B 324 -5.11 19.82 20.36
CA ALA B 324 -4.99 19.89 18.91
C ALA B 324 -4.75 21.32 18.47
N ASP B 325 -4.10 21.46 17.31
CA ASP B 325 -3.91 22.78 16.72
C ASP B 325 -5.12 23.22 15.93
N SER B 326 -5.91 22.26 15.44
CA SER B 326 -7.11 22.56 14.66
C SER B 326 -8.11 21.43 14.84
N VAL B 327 -9.39 21.77 14.64
CA VAL B 327 -10.47 20.81 14.82
C VAL B 327 -11.61 21.07 13.83
N ALA B 328 -11.95 20.09 13.01
CA ALA B 328 -13.09 20.17 12.11
C ALA B 328 -14.33 19.57 12.77
N TRP B 329 -15.46 20.26 12.67
CA TRP B 329 -16.67 19.90 13.40
C TRP B 329 -17.90 20.28 12.58
N ASN B 330 -18.73 19.29 12.23
CA ASN B 330 -19.95 19.53 11.46
C ASN B 330 -21.17 19.31 12.33
N PRO B 331 -21.74 20.36 12.94
CA PRO B 331 -22.98 20.16 13.72
C PRO B 331 -24.22 19.81 12.90
N HIS B 332 -24.14 19.81 11.57
CA HIS B 332 -25.32 19.47 10.78
C HIS B 332 -25.66 17.99 10.85
N LYS B 333 -24.69 17.15 11.21
CA LYS B 333 -24.89 15.71 11.16
C LYS B 333 -25.69 15.20 12.37
N LEU B 334 -25.12 15.31 13.57
CA LEU B 334 -25.77 14.69 14.72
C LEU B 334 -26.94 15.52 15.24
N LEU B 335 -26.79 16.83 15.29
CA LEU B 335 -27.83 17.69 15.83
C LEU B 335 -28.91 18.01 14.80
N ALA B 336 -28.74 17.59 13.54
CA ALA B 336 -29.75 17.80 12.50
C ALA B 336 -29.95 19.28 12.24
N ALA B 337 -28.83 20.02 12.16
CA ALA B 337 -28.88 21.46 11.96
C ALA B 337 -29.16 21.84 10.51
N GLY B 338 -28.97 20.92 9.56
CA GLY B 338 -29.15 21.26 8.17
C GLY B 338 -27.77 21.41 7.55
N LEU B 339 -27.60 20.92 6.33
CA LEU B 339 -26.26 20.83 5.78
C LEU B 339 -25.52 22.16 5.64
N GLN B 340 -24.58 22.19 4.70
CA GLN B 340 -23.17 22.25 5.06
C GLN B 340 -22.85 23.20 6.21
N CYS B 341 -23.23 22.77 7.42
CA CYS B 341 -22.79 23.37 8.68
C CYS B 341 -21.45 22.70 8.99
N SER B 342 -20.36 23.33 8.56
CA SER B 342 -19.02 22.76 8.73
C SER B 342 -18.08 23.86 9.22
N ALA B 343 -17.59 23.69 10.45
CA ALA B 343 -16.71 24.67 11.08
C ALA B 343 -15.29 24.15 11.15
N LEU B 344 -14.35 25.10 11.22
CA LEU B 344 -12.92 24.82 11.41
C LEU B 344 -12.45 25.71 12.55
N LEU B 345 -12.07 25.11 13.67
CA LEU B 345 -11.62 25.84 14.84
C LEU B 345 -10.10 25.81 14.93
N LEU B 346 -9.53 26.86 15.49
CA LEU B 346 -8.08 26.98 15.63
C LEU B 346 -7.72 27.52 17.00
N ARG B 347 -6.64 26.99 17.56
CA ARG B 347 -6.08 27.54 18.78
C ARG B 347 -5.29 28.83 18.51
N ASP B 348 -4.93 29.05 17.25
CA ASP B 348 -4.07 30.18 16.91
C ASP B 348 -4.74 31.51 17.24
N THR B 349 -3.94 32.45 17.74
CA THR B 349 -4.40 33.78 18.08
C THR B 349 -3.50 34.83 17.45
N SER B 350 -2.87 34.49 16.33
CA SER B 350 -1.97 35.39 15.61
C SER B 350 -2.47 35.69 14.21
N ASN B 351 -3.76 35.46 13.95
CA ASN B 351 -4.35 35.69 12.64
C ASN B 351 -3.64 34.88 11.55
N LEU B 352 -3.20 33.67 11.91
CA LEU B 352 -2.64 32.77 10.91
C LEU B 352 -3.64 32.50 9.79
N LEU B 353 -4.94 32.51 10.11
CA LEU B 353 -5.95 32.21 9.11
C LEU B 353 -6.02 33.29 8.04
N LYS B 354 -5.91 34.56 8.43
CA LYS B 354 -5.91 35.64 7.44
C LYS B 354 -4.58 35.70 6.69
N ARG B 355 -3.46 35.59 7.41
CA ARG B 355 -2.16 35.65 6.76
C ARG B 355 -1.95 34.52 5.77
N CYS B 356 -2.67 33.41 5.91
CA CYS B 356 -2.48 32.26 5.05
C CYS B 356 -3.39 32.30 3.82
N HIS B 357 -4.68 32.58 4.03
CA HIS B 357 -5.64 32.63 2.94
C HIS B 357 -5.99 34.04 2.53
N GLY B 358 -5.37 35.05 3.14
CA GLY B 358 -5.70 36.42 2.82
C GLY B 358 -5.08 36.87 1.52
N SER B 359 -5.48 38.07 1.10
CA SER B 359 -4.95 38.72 -0.08
C SER B 359 -4.29 40.01 0.36
N GLN B 360 -3.27 40.42 -0.39
CA GLN B 360 -2.41 41.50 0.06
C GLN B 360 -2.38 42.64 -0.95
N LYS B 369 -12.74 52.70 5.59
CA LYS B 369 -14.07 52.20 5.94
C LYS B 369 -14.52 52.78 7.28
N PHE B 370 -15.83 52.90 7.47
CA PHE B 370 -16.41 53.60 8.61
C PHE B 370 -16.79 52.65 9.75
N TYR B 371 -16.10 51.51 9.85
CA TYR B 371 -16.26 50.58 10.96
C TYR B 371 -15.00 49.76 11.05
N ASP B 372 -14.76 49.17 12.23
CA ASP B 372 -13.57 48.37 12.45
C ASP B 372 -13.54 47.20 11.45
N VAL B 373 -12.71 47.33 10.41
CA VAL B 373 -12.69 46.33 9.34
C VAL B 373 -12.17 44.97 9.79
N ALA B 374 -11.68 44.85 11.02
CA ALA B 374 -11.27 43.54 11.53
C ALA B 374 -12.42 42.55 11.54
N LEU B 375 -13.67 43.02 11.48
CA LEU B 375 -14.81 42.11 11.50
C LEU B 375 -14.99 41.37 10.18
N ASP B 376 -14.54 41.96 9.07
CA ASP B 376 -14.66 41.29 7.78
C ASP B 376 -13.76 40.06 7.73
N THR B 377 -14.31 38.96 7.22
CA THR B 377 -13.61 37.69 7.16
C THR B 377 -13.30 37.26 5.72
N GLY B 378 -13.20 38.21 4.80
CA GLY B 378 -12.92 37.85 3.42
C GLY B 378 -11.53 37.29 3.22
N ASP B 379 -10.55 37.81 3.98
CA ASP B 379 -9.18 37.32 3.88
C ASP B 379 -8.94 36.02 4.63
N LYS B 380 -9.91 35.51 5.39
CA LYS B 380 -9.70 34.26 6.12
C LYS B 380 -9.89 33.02 5.25
N VAL B 381 -10.81 33.07 4.28
CA VAL B 381 -11.11 31.91 3.45
C VAL B 381 -10.60 32.16 2.04
N VAL B 382 -10.52 31.07 1.26
CA VAL B 382 -10.13 31.20 -0.15
C VAL B 382 -11.33 31.49 -1.05
N GLN B 383 -12.55 31.38 -0.54
CA GLN B 383 -13.70 31.80 -1.32
C GLN B 383 -13.80 33.32 -1.35
N CYS B 384 -14.72 33.82 -2.17
CA CYS B 384 -15.08 35.24 -2.20
C CYS B 384 -16.44 35.42 -1.54
N GLY B 385 -17.52 35.00 -2.20
CA GLY B 385 -18.82 34.96 -1.57
C GLY B 385 -18.99 33.64 -0.82
N ARG B 386 -19.50 33.74 0.41
CA ARG B 386 -19.64 32.58 1.29
C ARG B 386 -21.02 32.59 1.91
N ARG B 387 -21.68 31.43 1.88
CA ARG B 387 -23.03 31.32 2.39
C ARG B 387 -23.06 31.54 3.90
N VAL B 388 -24.27 31.82 4.40
CA VAL B 388 -24.52 31.98 5.83
C VAL B 388 -24.99 30.64 6.37
N ASP B 389 -24.15 30.00 7.18
CA ASP B 389 -24.47 28.70 7.76
C ASP B 389 -24.63 28.74 9.27
N CYS B 390 -24.66 29.94 9.87
CA CYS B 390 -24.69 30.02 11.33
C CYS B 390 -26.08 30.20 11.90
N LEU B 391 -27.02 30.76 11.14
CA LEU B 391 -28.33 31.03 11.72
C LEU B 391 -29.07 29.76 12.08
N LYS B 392 -29.04 28.76 11.19
CA LYS B 392 -29.80 27.53 11.43
C LYS B 392 -29.36 26.85 12.72
N LEU B 393 -28.05 26.78 12.98
CA LEU B 393 -27.59 26.17 14.22
C LEU B 393 -27.89 27.06 15.43
N TRP B 394 -27.62 28.36 15.31
CA TRP B 394 -27.80 29.26 16.43
C TRP B 394 -29.26 29.34 16.87
N LEU B 395 -30.19 29.33 15.92
CA LEU B 395 -31.60 29.44 16.29
C LEU B 395 -32.07 28.20 17.06
N MET B 396 -31.72 27.01 16.57
CA MET B 396 -32.05 25.77 17.28
C MET B 396 -31.43 25.72 18.66
N TRP B 397 -30.14 26.06 18.75
CA TRP B 397 -29.46 26.08 20.04
C TRP B 397 -30.14 27.02 21.02
N LYS B 398 -30.73 28.11 20.53
CA LYS B 398 -31.46 29.01 21.41
C LYS B 398 -32.75 28.38 21.91
N ALA B 399 -33.42 27.59 21.06
CA ALA B 399 -34.70 27.00 21.43
C ALA B 399 -34.52 25.78 22.31
N GLN B 400 -33.57 24.91 21.97
CA GLN B 400 -33.31 23.73 22.79
C GLN B 400 -32.47 24.07 24.01
N GLY B 401 -31.53 25.01 23.88
CA GLY B 401 -30.57 25.24 24.94
C GLY B 401 -29.56 24.12 24.96
N GLY B 402 -28.41 24.33 25.60
CA GLY B 402 -27.43 23.27 25.70
C GLY B 402 -28.00 21.98 26.27
N GLN B 403 -28.99 22.08 27.15
CA GLN B 403 -29.58 20.89 27.75
C GLN B 403 -30.39 20.09 26.73
N GLY B 404 -31.26 20.77 25.98
CA GLY B 404 -32.05 20.06 24.99
C GLY B 404 -31.20 19.34 23.97
N LEU B 405 -30.05 19.93 23.63
CA LEU B 405 -29.16 19.31 22.66
C LEU B 405 -28.39 18.16 23.28
N GLU B 406 -28.01 18.29 24.56
CA GLU B 406 -27.40 17.18 25.28
C GLU B 406 -28.34 15.99 25.28
N ARG B 407 -29.59 16.21 25.69
CA ARG B 407 -30.57 15.12 25.74
C ARG B 407 -30.70 14.42 24.40
N ARG B 408 -30.62 15.16 23.30
CA ARG B 408 -30.67 14.53 21.98
C ARG B 408 -29.47 13.63 21.76
N ILE B 409 -28.29 14.08 22.18
CA ILE B 409 -27.10 13.24 22.09
C ILE B 409 -27.24 12.04 23.03
N ASP B 410 -27.65 12.30 24.27
CA ASP B 410 -27.82 11.21 25.24
C ASP B 410 -28.89 10.22 24.78
N GLN B 411 -29.98 10.71 24.17
CA GLN B 411 -31.02 9.82 23.67
C GLN B 411 -30.59 9.07 22.41
N ALA B 412 -29.66 9.62 21.63
CA ALA B 412 -29.18 8.88 20.47
C ALA B 412 -28.31 7.70 20.90
N PHE B 413 -27.42 7.93 21.87
CA PHE B 413 -26.64 6.83 22.43
C PHE B 413 -27.55 5.80 23.07
N ALA B 414 -28.58 6.25 23.79
CA ALA B 414 -29.52 5.32 24.43
C ALA B 414 -30.15 4.38 23.42
N LEU B 415 -30.70 4.93 22.33
CA LEU B 415 -31.28 4.09 21.28
C LEU B 415 -30.23 3.27 20.56
N THR B 416 -28.97 3.70 20.55
CA THR B 416 -27.91 2.85 20.00
C THR B 416 -27.70 1.62 20.85
N ARG B 417 -27.78 1.75 22.18
CA ARG B 417 -27.67 0.59 23.05
C ARG B 417 -28.84 -0.36 22.82
N TYR B 418 -30.05 0.17 22.71
CA TYR B 418 -31.22 -0.65 22.46
C TYR B 418 -31.10 -1.43 21.15
N LEU B 419 -30.54 -0.80 20.12
CA LEU B 419 -30.35 -1.51 18.87
C LEU B 419 -29.40 -2.69 19.06
N VAL B 420 -28.33 -2.49 19.83
CA VAL B 420 -27.37 -3.57 20.06
C VAL B 420 -28.01 -4.69 20.88
N GLU B 421 -28.84 -4.35 21.86
CA GLU B 421 -29.52 -5.38 22.64
C GLU B 421 -30.31 -6.31 21.72
N GLU B 422 -31.15 -5.75 20.86
CA GLU B 422 -31.98 -6.58 19.99
C GLU B 422 -31.16 -7.35 18.97
N ILE B 423 -30.01 -6.81 18.55
CA ILE B 423 -29.18 -7.53 17.59
C ILE B 423 -28.57 -8.77 18.24
N LYS B 424 -28.13 -8.65 19.48
CA LYS B 424 -27.54 -9.79 20.19
C LYS B 424 -28.59 -10.83 20.58
N LYS B 425 -29.83 -10.41 20.78
CA LYS B 425 -30.88 -11.34 21.17
C LYS B 425 -31.54 -12.05 19.99
N ARG B 426 -31.56 -11.43 18.83
CA ARG B 426 -32.34 -11.96 17.71
C ARG B 426 -31.52 -12.90 16.84
N GLU B 427 -32.22 -13.91 16.30
CA GLU B 427 -31.60 -14.84 15.38
C GLU B 427 -31.40 -14.16 14.02
N GLY B 428 -30.27 -14.45 13.38
CA GLY B 428 -29.96 -13.92 12.06
C GLY B 428 -29.19 -12.62 12.04
N PHE B 429 -29.10 -11.91 13.17
CA PHE B 429 -28.37 -10.65 13.24
C PHE B 429 -27.04 -10.82 13.96
N GLU B 430 -25.97 -10.33 13.33
CA GLU B 430 -24.61 -10.48 13.84
C GLU B 430 -23.97 -9.11 13.93
N LEU B 431 -23.47 -8.76 15.11
CA LEU B 431 -22.79 -7.50 15.32
C LEU B 431 -21.38 -7.55 14.76
N VAL B 432 -20.98 -6.51 14.02
CA VAL B 432 -19.64 -6.44 13.49
C VAL B 432 -18.62 -6.17 14.59
N MET B 433 -18.94 -5.23 15.47
CA MET B 433 -18.09 -4.91 16.61
C MET B 433 -18.91 -4.04 17.56
N GLU B 434 -18.40 -3.89 18.78
CA GLU B 434 -19.06 -3.05 19.77
C GLU B 434 -18.97 -1.59 19.34
N PRO B 435 -20.10 -0.88 19.21
CA PRO B 435 -20.03 0.52 18.77
C PRO B 435 -19.74 1.45 19.94
N GLU B 436 -18.80 2.37 19.74
CA GLU B 436 -18.51 3.42 20.70
C GLU B 436 -19.29 4.70 20.43
N PHE B 437 -19.98 4.80 19.29
CA PHE B 437 -20.72 6.00 18.89
C PHE B 437 -22.17 5.60 18.63
N VAL B 438 -22.82 6.24 17.66
CA VAL B 438 -24.17 5.86 17.25
C VAL B 438 -24.15 4.99 15.99
N ASN B 439 -22.97 4.54 15.56
CA ASN B 439 -22.83 3.70 14.38
C ASN B 439 -22.96 2.23 14.76
N VAL B 440 -23.98 1.55 14.23
CA VAL B 440 -24.19 0.13 14.49
C VAL B 440 -23.99 -0.62 13.19
N CYS B 441 -22.86 -1.30 13.06
CA CYS B 441 -22.57 -2.14 11.91
C CYS B 441 -22.96 -3.58 12.25
N PHE B 442 -23.71 -4.22 11.35
CA PHE B 442 -24.18 -5.57 11.62
C PHE B 442 -24.60 -6.25 10.33
N TRP B 443 -24.43 -7.56 10.31
CA TRP B 443 -24.95 -8.37 9.22
C TRP B 443 -26.37 -8.82 9.54
N PHE B 444 -27.06 -9.31 8.51
CA PHE B 444 -28.26 -10.12 8.70
C PHE B 444 -28.01 -11.46 8.02
N VAL B 445 -27.80 -12.50 8.82
CA VAL B 445 -27.53 -13.84 8.30
C VAL B 445 -28.88 -14.47 7.95
N PRO B 446 -29.15 -14.75 6.68
CA PRO B 446 -30.45 -15.33 6.33
C PRO B 446 -30.54 -16.78 6.76
N PRO B 447 -31.73 -17.35 6.82
CA PRO B 447 -31.85 -18.75 7.26
C PRO B 447 -30.94 -19.70 6.49
N SER B 448 -30.73 -19.45 5.20
CA SER B 448 -29.95 -20.36 4.37
C SER B 448 -28.47 -20.38 4.75
N LEU B 449 -28.00 -19.45 5.58
CA LEU B 449 -26.59 -19.39 5.95
C LEU B 449 -26.35 -19.58 7.45
N ARG B 450 -27.40 -19.72 8.25
CA ARG B 450 -27.23 -19.86 9.69
C ARG B 450 -26.60 -21.20 10.03
N GLY B 451 -25.52 -21.16 10.81
CA GLY B 451 -24.80 -22.35 11.20
C GLY B 451 -23.69 -22.77 10.27
N LYS B 452 -23.61 -22.20 9.07
CA LYS B 452 -22.60 -22.58 8.09
C LYS B 452 -21.38 -21.68 8.10
N LYS B 453 -21.00 -21.14 9.27
CA LYS B 453 -19.89 -20.20 9.29
C LYS B 453 -18.57 -20.85 8.91
N GLU B 454 -18.42 -22.16 9.15
CA GLU B 454 -17.20 -22.85 8.81
C GLU B 454 -17.14 -23.30 7.35
N SER B 455 -18.18 -23.01 6.57
CA SER B 455 -18.13 -23.32 5.15
C SER B 455 -17.02 -22.49 4.49
N PRO B 456 -16.30 -23.05 3.52
CA PRO B 456 -15.23 -22.26 2.88
C PRO B 456 -15.75 -21.05 2.14
N ASP B 457 -17.01 -21.06 1.71
CA ASP B 457 -17.61 -19.97 0.95
C ASP B 457 -18.69 -19.22 1.75
N TYR B 458 -18.63 -19.28 3.08
CA TYR B 458 -19.63 -18.60 3.90
C TYR B 458 -19.61 -17.10 3.65
N SER B 459 -18.42 -16.50 3.61
CA SER B 459 -18.32 -15.06 3.41
C SER B 459 -18.92 -14.67 2.06
N GLN B 460 -18.51 -15.36 0.99
CA GLN B 460 -19.00 -15.02 -0.34
C GLN B 460 -20.53 -15.07 -0.38
N ARG B 461 -21.13 -16.04 0.32
CA ARG B 461 -22.59 -16.13 0.33
C ARG B 461 -23.20 -15.00 1.16
N LEU B 462 -22.60 -14.68 2.30
CA LEU B 462 -23.16 -13.66 3.17
C LEU B 462 -23.02 -12.26 2.58
N SER B 463 -21.94 -12.00 1.85
CA SER B 463 -21.74 -10.66 1.28
C SER B 463 -22.80 -10.31 0.25
N GLN B 464 -23.48 -11.30 -0.32
CA GLN B 464 -24.54 -11.05 -1.29
C GLN B 464 -25.89 -10.77 -0.66
N VAL B 465 -25.97 -10.72 0.66
CA VAL B 465 -27.26 -10.57 1.34
C VAL B 465 -27.70 -9.12 1.43
N ALA B 466 -26.81 -8.25 1.93
CA ALA B 466 -27.17 -6.85 2.08
C ALA B 466 -27.53 -6.19 0.76
N PRO B 467 -26.81 -6.40 -0.35
CA PRO B 467 -27.24 -5.79 -1.62
C PRO B 467 -28.64 -6.20 -2.03
N VAL B 468 -29.04 -7.45 -1.75
CA VAL B 468 -30.39 -7.89 -2.11
C VAL B 468 -31.42 -7.30 -1.16
N LEU B 469 -31.08 -7.19 0.13
CA LEU B 469 -32.00 -6.57 1.07
C LEU B 469 -32.14 -5.08 0.80
N LYS B 470 -31.07 -4.42 0.34
CA LYS B 470 -31.14 -3.00 0.02
C LYS B 470 -32.08 -2.75 -1.16
N GLU B 471 -31.95 -3.57 -2.21
CA GLU B 471 -32.80 -3.39 -3.38
C GLU B 471 -34.27 -3.60 -3.03
N ARG B 472 -34.56 -4.57 -2.16
CA ARG B 472 -35.95 -4.89 -1.84
C ARG B 472 -36.58 -3.83 -0.93
N MET B 473 -35.80 -3.27 -0.01
CA MET B 473 -36.34 -2.24 0.87
C MET B 473 -36.50 -0.92 0.15
N VAL B 474 -35.61 -0.61 -0.80
CA VAL B 474 -35.73 0.63 -1.56
C VAL B 474 -36.92 0.57 -2.49
N LYS B 475 -37.05 -0.53 -3.25
CA LYS B 475 -38.16 -0.65 -4.18
C LYS B 475 -39.48 -0.83 -3.45
N LYS B 476 -39.46 -1.43 -2.26
CA LYS B 476 -40.66 -1.50 -1.44
C LYS B 476 -40.96 -0.17 -0.78
N GLY B 477 -39.93 0.60 -0.44
CA GLY B 477 -40.09 1.92 0.13
C GLY B 477 -40.34 1.95 1.61
N THR B 478 -39.97 0.90 2.34
CA THR B 478 -40.20 0.83 3.77
C THR B 478 -39.04 1.37 4.58
N MET B 479 -37.82 1.42 4.06
CA MET B 479 -36.67 1.92 4.82
C MET B 479 -35.45 1.93 3.91
N MET B 480 -34.43 2.65 4.35
CA MET B 480 -33.14 2.74 3.66
C MET B 480 -32.02 2.63 4.68
N ILE B 481 -31.22 1.56 4.60
CA ILE B 481 -30.06 1.36 5.44
C ILE B 481 -28.83 1.28 4.53
N GLY B 482 -27.76 1.95 4.93
CA GLY B 482 -26.54 1.90 4.15
C GLY B 482 -25.73 0.63 4.41
N TYR B 483 -24.91 0.26 3.43
CA TYR B 483 -24.00 -0.87 3.57
C TYR B 483 -22.76 -0.60 2.73
N GLN B 484 -21.64 -1.16 3.17
CA GLN B 484 -20.37 -0.97 2.49
C GLN B 484 -19.46 -2.15 2.78
N PRO B 485 -18.51 -2.45 1.90
CA PRO B 485 -17.45 -3.40 2.26
C PRO B 485 -16.36 -2.72 3.06
N HIS B 486 -15.64 -3.51 3.84
CA HIS B 486 -14.62 -2.95 4.70
C HIS B 486 -13.44 -3.92 4.84
N ALA B 490 -16.82 -6.89 4.60
CA ALA B 490 -17.61 -7.94 3.95
C ALA B 490 -19.09 -7.60 4.01
N ASN B 491 -19.49 -6.62 3.19
CA ASN B 491 -20.83 -6.08 3.14
C ASN B 491 -21.66 -6.27 4.41
N PHE B 492 -21.72 -5.22 5.22
CA PHE B 492 -22.54 -5.18 6.41
C PHE B 492 -23.35 -3.89 6.41
N PHE B 493 -24.47 -3.92 7.13
CA PHE B 493 -25.27 -2.71 7.25
C PHE B 493 -24.60 -1.74 8.20
N ARG B 494 -25.00 -0.46 8.09
CA ARG B 494 -24.53 0.60 8.97
C ARG B 494 -25.76 1.45 9.34
N MET B 495 -26.41 1.06 10.43
CA MET B 495 -27.45 1.91 11.01
C MET B 495 -26.80 3.16 11.60
N VAL B 496 -27.59 4.21 11.70
CA VAL B 496 -27.13 5.47 12.29
C VAL B 496 -28.26 5.98 13.17
N VAL B 497 -28.07 5.90 14.49
CA VAL B 497 -29.10 6.32 15.45
C VAL B 497 -28.84 7.79 15.70
N ALA B 498 -29.32 8.63 14.78
CA ALA B 498 -29.13 10.07 14.85
C ALA B 498 -30.41 10.86 14.68
N ASN B 499 -31.44 10.29 14.07
CA ASN B 499 -32.70 11.01 13.86
C ASN B 499 -33.27 11.45 15.20
N PRO B 500 -33.58 12.74 15.38
CA PRO B 500 -34.08 13.20 16.68
C PRO B 500 -35.47 12.66 17.04
N ILE B 501 -36.26 12.21 16.06
CA ILE B 501 -37.60 11.71 16.33
C ILE B 501 -37.64 10.18 16.40
N LEU B 502 -36.48 9.52 16.48
CA LEU B 502 -36.48 8.07 16.55
C LEU B 502 -37.10 7.58 17.85
N ALA B 503 -37.68 6.38 17.79
CA ALA B 503 -38.24 5.73 18.96
C ALA B 503 -37.91 4.24 18.88
N GLN B 504 -38.05 3.55 20.00
CA GLN B 504 -37.79 2.11 20.02
C GLN B 504 -38.68 1.38 19.03
N ALA B 505 -39.92 1.86 18.83
CA ALA B 505 -40.83 1.21 17.91
C ALA B 505 -40.25 1.17 16.49
N ASP B 506 -39.50 2.20 16.09
CA ASP B 506 -38.88 2.19 14.77
C ASP B 506 -37.76 1.16 14.68
N ILE B 507 -37.03 0.94 15.78
CA ILE B 507 -35.96 -0.04 15.76
C ILE B 507 -36.53 -1.45 15.74
N ASP B 508 -37.70 -1.65 16.36
CA ASP B 508 -38.36 -2.96 16.25
C ASP B 508 -38.86 -3.20 14.83
N PHE B 509 -39.20 -2.13 14.10
CA PHE B 509 -39.74 -2.29 12.75
C PHE B 509 -38.65 -2.66 11.76
N LEU B 510 -37.56 -1.89 11.70
CA LEU B 510 -36.52 -2.16 10.71
C LEU B 510 -35.93 -3.56 10.92
N LEU B 511 -35.80 -3.96 12.18
CA LEU B 511 -35.33 -5.32 12.47
C LEU B 511 -36.37 -6.36 12.08
N GLY B 512 -37.64 -6.10 12.42
CA GLY B 512 -38.70 -6.95 11.92
C GLY B 512 -38.82 -6.91 10.40
N GLU B 513 -38.54 -5.75 9.81
CA GLU B 513 -38.61 -5.62 8.35
C GLU B 513 -37.48 -6.39 7.68
N LEU B 514 -36.26 -6.31 8.21
CA LEU B 514 -35.15 -7.06 7.65
C LEU B 514 -35.44 -8.56 7.67
N GLU B 515 -35.93 -9.06 8.81
CA GLU B 515 -36.27 -10.47 8.91
C GLU B 515 -37.27 -10.87 7.82
N LEU B 516 -38.25 -10.01 7.55
CA LEU B 516 -39.24 -10.30 6.53
C LEU B 516 -38.63 -10.32 5.14
N LEU B 517 -37.83 -9.31 4.81
CA LEU B 517 -37.29 -9.21 3.45
C LEU B 517 -36.19 -10.23 3.17
N GLY B 518 -35.65 -10.87 4.21
CA GLY B 518 -34.56 -11.80 4.03
C GLY B 518 -34.86 -13.21 4.50
N GLN B 519 -36.16 -13.55 4.56
CA GLN B 519 -36.57 -14.87 5.01
C GLN B 519 -36.40 -15.93 3.93
N ASP B 520 -36.35 -15.54 2.66
CA ASP B 520 -36.17 -16.46 1.55
C ASP B 520 -34.76 -16.47 0.99
N LEU B 521 -33.82 -15.77 1.63
CA LEU B 521 -32.46 -15.69 1.12
C LEU B 521 -31.61 -16.84 1.65
N GLY C 40 42.65 -41.26 9.53
CA GLY C 40 43.31 -40.22 10.28
C GLY C 40 44.75 -39.98 9.89
N ASP C 41 45.35 -40.96 9.21
CA ASP C 41 46.73 -40.88 8.74
C ASP C 41 46.92 -39.66 7.85
N PRO C 42 47.65 -38.62 8.32
CA PRO C 42 47.76 -37.40 7.52
C PRO C 42 48.47 -37.58 6.19
N VAL C 43 49.57 -38.34 6.15
CA VAL C 43 50.31 -38.51 4.90
C VAL C 43 49.45 -39.18 3.85
N ALA C 44 48.68 -40.19 4.25
CA ALA C 44 47.78 -40.85 3.30
C ALA C 44 46.69 -39.89 2.84
N VAL C 45 46.18 -39.04 3.74
CA VAL C 45 45.12 -38.11 3.39
C VAL C 45 45.62 -37.10 2.36
N GLU C 46 46.75 -36.46 2.65
CA GLU C 46 47.29 -35.49 1.72
C GLU C 46 47.52 -36.12 0.35
N ALA C 47 48.14 -37.30 0.32
CA ALA C 47 48.39 -37.96 -0.96
C ALA C 47 47.08 -38.24 -1.69
N LEU C 48 46.04 -38.60 -0.95
CA LEU C 48 44.75 -38.85 -1.57
C LEU C 48 44.20 -37.56 -2.17
N LEU C 49 44.11 -36.50 -1.37
CA LEU C 49 43.51 -35.26 -1.84
C LEU C 49 44.33 -34.64 -2.95
N GLN C 50 45.66 -34.70 -2.85
CA GLN C 50 46.49 -34.16 -3.93
C GLN C 50 46.26 -34.93 -5.23
N ASP C 51 46.16 -36.26 -5.14
CA ASP C 51 45.90 -37.04 -6.33
C ASP C 51 44.52 -36.72 -6.91
N VAL C 52 43.51 -36.56 -6.05
CA VAL C 52 42.18 -36.23 -6.54
C VAL C 52 42.16 -34.84 -7.16
N PHE C 53 42.88 -33.90 -6.55
CA PHE C 53 42.89 -32.54 -7.07
C PHE C 53 43.57 -32.45 -8.43
N GLY C 54 44.58 -33.30 -8.68
CA GLY C 54 45.19 -33.33 -9.99
C GLY C 54 44.23 -33.79 -11.07
N ILE C 55 43.37 -34.76 -10.75
CA ILE C 55 42.37 -35.19 -11.71
C ILE C 55 41.34 -34.09 -11.94
N VAL C 56 40.95 -33.41 -10.86
CA VAL C 56 39.97 -32.33 -10.98
C VAL C 56 40.51 -31.21 -11.84
N VAL C 57 41.74 -30.78 -11.57
CA VAL C 57 42.33 -29.69 -12.33
C VAL C 57 42.41 -30.06 -13.81
N ASP C 58 43.07 -31.17 -14.12
CA ASP C 58 43.28 -31.53 -15.51
C ASP C 58 41.96 -31.84 -16.20
N GLU C 59 41.18 -32.74 -15.63
CA GLU C 59 40.02 -33.27 -16.33
C GLU C 59 38.76 -32.42 -16.17
N ALA C 60 38.58 -31.77 -15.03
CA ALA C 60 37.35 -31.01 -14.79
C ALA C 60 37.48 -29.53 -15.09
N ILE C 61 38.59 -28.91 -14.70
CA ILE C 61 38.76 -27.46 -14.85
C ILE C 61 39.39 -27.14 -16.19
N LEU C 62 40.58 -27.68 -16.44
CA LEU C 62 41.29 -27.36 -17.68
C LEU C 62 40.57 -27.96 -18.89
N LYS C 63 40.41 -29.28 -18.91
CA LYS C 63 39.69 -29.91 -20.02
C LYS C 63 38.21 -29.56 -20.03
N GLY C 64 37.65 -29.16 -18.89
CA GLY C 64 36.25 -28.78 -18.86
C GLY C 64 35.95 -27.43 -19.45
N THR C 65 36.95 -26.54 -19.52
CA THR C 65 36.76 -25.21 -20.09
C THR C 65 37.43 -25.06 -21.45
N SER C 66 37.90 -26.15 -22.04
CA SER C 66 38.57 -26.12 -23.34
C SER C 66 37.57 -26.36 -24.46
N ALA C 67 37.55 -25.45 -25.44
CA ALA C 67 36.66 -25.62 -26.57
C ALA C 67 37.02 -26.83 -27.43
N SER C 68 38.24 -27.36 -27.27
CA SER C 68 38.64 -28.53 -28.05
C SER C 68 37.97 -29.80 -27.57
N GLU C 69 37.47 -29.83 -26.34
CA GLU C 69 36.82 -31.00 -25.78
C GLU C 69 35.30 -30.91 -25.95
N LYS C 70 34.62 -31.99 -25.57
CA LYS C 70 33.17 -32.04 -25.67
C LYS C 70 32.50 -31.36 -24.49
N VAL C 71 31.27 -30.89 -24.72
CA VAL C 71 30.46 -30.35 -23.64
C VAL C 71 29.81 -31.48 -22.86
N CYS C 72 29.36 -32.52 -23.56
CA CYS C 72 28.71 -33.66 -22.94
C CYS C 72 29.07 -34.92 -23.69
N GLU C 73 29.26 -36.01 -22.94
CA GLU C 73 29.51 -37.33 -23.47
C GLU C 73 28.22 -38.13 -23.27
N TRP C 74 27.30 -37.99 -24.21
CA TRP C 74 25.96 -38.53 -24.03
C TRP C 74 25.98 -40.05 -23.90
N LYS C 75 25.19 -40.56 -22.95
CA LYS C 75 24.96 -41.98 -22.77
C LYS C 75 23.51 -42.17 -22.37
N GLU C 76 22.84 -43.12 -23.01
CA GLU C 76 21.47 -43.44 -22.62
C GLU C 76 21.48 -43.93 -21.17
N PRO C 77 20.46 -43.59 -20.38
CA PRO C 77 20.51 -43.85 -18.93
C PRO C 77 21.05 -45.21 -18.52
N GLU C 78 20.46 -46.29 -19.05
CA GLU C 78 20.89 -47.63 -18.65
C GLU C 78 22.36 -47.86 -18.99
N GLU C 79 22.82 -47.37 -20.14
CA GLU C 79 24.23 -47.56 -20.48
C GLU C 79 25.12 -46.81 -19.48
N LEU C 80 24.72 -45.60 -19.08
CA LEU C 80 25.49 -44.87 -18.09
C LEU C 80 25.39 -45.55 -16.72
N LYS C 81 24.20 -46.07 -16.39
CA LYS C 81 24.06 -46.85 -15.15
C LYS C 81 25.12 -47.94 -15.09
N GLN C 82 25.19 -48.77 -16.15
CA GLN C 82 26.17 -49.85 -16.17
C GLN C 82 27.58 -49.30 -16.11
N LEU C 83 27.84 -48.24 -16.89
CA LEU C 83 29.18 -47.67 -16.92
C LEU C 83 29.61 -47.20 -15.54
N LEU C 84 28.68 -46.64 -14.76
CA LEU C 84 29.05 -46.05 -13.47
C LEU C 84 29.22 -47.08 -12.36
N ASP C 85 28.44 -48.16 -12.38
CA ASP C 85 28.50 -49.19 -11.35
C ASP C 85 28.28 -48.57 -9.96
N LEU C 86 27.04 -48.12 -9.77
CA LEU C 86 26.69 -47.29 -8.62
C LEU C 86 26.31 -48.08 -7.37
N GLU C 87 25.98 -49.36 -7.49
CA GLU C 87 25.42 -50.10 -6.37
C GLU C 87 26.38 -50.13 -5.20
N LEU C 88 25.91 -49.67 -4.04
CA LEU C 88 26.73 -49.64 -2.83
C LEU C 88 26.77 -51.02 -2.20
N GLN C 89 27.93 -51.39 -1.68
CA GLN C 89 28.18 -52.74 -1.22
C GLN C 89 28.85 -52.70 0.15
N SER C 90 28.98 -53.89 0.73
CA SER C 90 29.50 -54.02 2.09
C SER C 90 31.00 -53.80 2.15
N GLN C 91 31.72 -54.22 1.12
CA GLN C 91 33.17 -54.05 1.09
C GLN C 91 33.58 -52.73 0.45
N GLY C 92 34.60 -52.11 1.05
CA GLY C 92 35.22 -50.95 0.47
C GLY C 92 36.06 -51.32 -0.72
N GLU C 93 36.60 -50.28 -1.36
CA GLU C 93 37.41 -50.42 -2.56
C GLU C 93 38.78 -49.81 -2.33
N SER C 94 39.70 -50.11 -3.24
CA SER C 94 41.07 -49.63 -3.11
C SER C 94 41.17 -48.17 -3.56
N ARG C 95 42.31 -47.55 -3.25
CA ARG C 95 42.53 -46.16 -3.63
C ARG C 95 42.36 -45.97 -5.14
N GLU C 96 42.98 -46.84 -5.93
CA GLU C 96 42.91 -46.70 -7.38
C GLU C 96 41.48 -46.77 -7.90
N GLN C 97 40.68 -47.70 -7.36
CA GLN C 97 39.32 -47.83 -7.86
C GLN C 97 38.50 -46.58 -7.57
N ILE C 98 38.81 -45.88 -6.49
CA ILE C 98 38.10 -44.64 -6.19
C ILE C 98 38.54 -43.53 -7.13
N LEU C 99 39.85 -43.35 -7.29
CA LEU C 99 40.36 -42.30 -8.16
C LEU C 99 39.82 -42.46 -9.58
N GLU C 100 39.65 -43.71 -10.03
CA GLU C 100 39.04 -43.95 -11.33
C GLU C 100 37.56 -43.61 -11.32
N ARG C 101 36.88 -43.81 -10.19
CA ARG C 101 35.49 -43.38 -10.09
C ARG C 101 35.38 -41.87 -10.15
N CYS C 102 36.41 -41.15 -9.69
CA CYS C 102 36.44 -39.70 -9.88
C CYS C 102 36.58 -39.36 -11.36
N ARG C 103 37.57 -39.96 -12.02
CA ARG C 103 37.77 -39.72 -13.44
C ARG C 103 36.50 -40.03 -14.22
N THR C 104 35.79 -41.08 -13.83
CA THR C 104 34.58 -41.46 -14.54
C THR C 104 33.47 -40.46 -14.29
N VAL C 105 33.27 -40.06 -13.03
CA VAL C 105 32.22 -39.10 -12.72
C VAL C 105 32.47 -37.80 -13.46
N ILE C 106 33.73 -37.39 -13.57
CA ILE C 106 34.04 -36.16 -14.28
C ILE C 106 33.77 -36.32 -15.77
N HIS C 107 34.32 -37.40 -16.36
CA HIS C 107 34.24 -37.59 -17.80
C HIS C 107 32.80 -37.54 -18.31
N TYR C 108 31.90 -38.27 -17.67
CA TYR C 108 30.54 -38.41 -18.18
C TYR C 108 29.61 -37.29 -17.70
N SER C 109 30.09 -36.39 -16.86
CA SER C 109 29.27 -35.24 -16.47
C SER C 109 29.35 -34.16 -17.53
N VAL C 110 28.31 -33.33 -17.59
CA VAL C 110 28.31 -32.20 -18.51
C VAL C 110 29.33 -31.17 -18.04
N LYS C 111 29.95 -30.49 -18.98
CA LYS C 111 30.95 -29.46 -18.67
C LYS C 111 30.24 -28.11 -18.75
N THR C 112 29.61 -27.72 -17.64
CA THR C 112 28.83 -26.48 -17.62
C THR C 112 29.72 -25.26 -17.76
N GLY C 113 31.02 -25.38 -17.53
CA GLY C 113 31.94 -24.28 -17.72
C GLY C 113 32.55 -24.21 -19.09
N HIS C 114 32.00 -24.97 -20.03
CA HIS C 114 32.52 -24.99 -21.39
C HIS C 114 32.12 -23.70 -22.11
N PRO C 115 32.97 -23.17 -22.98
CA PRO C 115 32.58 -21.94 -23.71
C PRO C 115 31.33 -22.12 -24.54
N ARG C 116 30.93 -23.35 -24.86
CA ARG C 116 29.74 -23.61 -25.65
C ARG C 116 28.62 -24.27 -24.85
N PHE C 117 28.52 -23.93 -23.57
CA PHE C 117 27.41 -24.37 -22.73
C PHE C 117 26.48 -23.18 -22.51
N PHE C 118 25.29 -23.24 -23.12
CA PHE C 118 24.30 -22.17 -23.03
C PHE C 118 22.94 -22.72 -22.60
N ASN C 119 22.92 -23.78 -21.80
CA ASN C 119 21.67 -24.47 -21.51
C ASN C 119 20.91 -23.93 -20.32
N GLN C 120 21.56 -23.21 -19.41
CA GLN C 120 20.92 -22.67 -18.22
C GLN C 120 21.29 -21.19 -18.08
N LEU C 121 20.67 -20.54 -17.09
CA LEU C 121 21.01 -19.14 -16.84
C LEU C 121 22.40 -18.97 -16.24
N PHE C 122 22.98 -20.04 -15.70
CA PHE C 122 24.34 -20.00 -15.17
C PHE C 122 25.29 -20.63 -16.19
N SER C 123 26.50 -20.09 -16.24
CA SER C 123 27.52 -20.61 -17.13
C SER C 123 28.84 -19.96 -16.76
N GLY C 124 29.89 -20.77 -16.69
CA GLY C 124 31.21 -20.27 -16.37
C GLY C 124 31.76 -20.85 -15.10
N LEU C 125 33.08 -20.87 -14.97
CA LEU C 125 33.75 -21.49 -13.81
C LEU C 125 34.84 -20.51 -13.40
N ASP C 126 34.48 -19.54 -12.56
CA ASP C 126 35.43 -18.56 -12.05
C ASP C 126 36.42 -19.20 -11.08
N PRO C 127 37.72 -19.10 -11.34
CA PRO C 127 38.68 -19.83 -10.47
C PRO C 127 38.70 -19.31 -9.05
N HIS C 128 38.56 -18.01 -8.85
CA HIS C 128 38.50 -17.49 -7.48
C HIS C 128 37.27 -18.00 -6.76
N ALA C 129 36.12 -18.01 -7.45
CA ALA C 129 34.91 -18.58 -6.86
C ALA C 129 35.13 -20.05 -6.51
N LEU C 130 35.80 -20.80 -7.38
CA LEU C 130 36.09 -22.20 -7.09
C LEU C 130 36.98 -22.31 -5.87
N ALA C 131 38.03 -21.49 -5.79
CA ALA C 131 38.86 -21.45 -4.60
C ALA C 131 38.03 -21.21 -3.35
N GLY C 132 37.11 -20.25 -3.42
CA GLY C 132 36.22 -20.03 -2.29
C GLY C 132 35.38 -21.24 -1.96
N ARG C 133 34.83 -21.88 -3.00
CA ARG C 133 34.00 -23.07 -2.78
C ARG C 133 34.76 -24.17 -2.07
N ILE C 134 36.02 -24.39 -2.47
CA ILE C 134 36.80 -25.47 -1.86
C ILE C 134 37.08 -25.17 -0.40
N ILE C 135 37.48 -23.94 -0.10
CA ILE C 135 37.73 -23.56 1.30
C ILE C 135 36.48 -23.75 2.14
N THR C 136 35.30 -23.43 1.58
CA THR C 136 34.07 -23.61 2.32
C THR C 136 33.83 -25.09 2.65
N GLU C 137 33.98 -25.96 1.66
CA GLU C 137 33.73 -27.38 1.90
C GLU C 137 34.75 -27.98 2.85
N SER C 138 35.98 -27.45 2.87
CA SER C 138 37.00 -28.01 3.75
C SER C 138 36.74 -27.62 5.20
N LEU C 139 36.32 -26.37 5.44
CA LEU C 139 36.02 -25.92 6.79
C LEU C 139 34.69 -26.45 7.30
N ASN C 140 33.81 -26.88 6.40
CA ASN C 140 32.55 -27.55 6.73
C ASN C 140 31.93 -27.09 8.03
N THR C 141 31.40 -25.88 8.04
CA THR C 141 30.71 -25.32 9.19
C THR C 141 29.30 -24.90 8.80
N SER C 142 28.56 -24.42 9.77
CA SER C 142 27.17 -24.01 9.59
C SER C 142 27.05 -22.52 9.87
N GLN C 143 26.47 -21.79 8.91
CA GLN C 143 26.24 -20.35 9.02
C GLN C 143 25.06 -20.13 9.96
N TYR C 144 25.32 -20.28 11.26
CA TYR C 144 24.25 -20.30 12.26
C TYR C 144 24.57 -19.52 13.53
N THR C 145 25.81 -19.50 14.01
CA THR C 145 26.16 -18.73 15.19
C THR C 145 27.57 -18.20 15.03
N TYR C 146 27.83 -17.04 15.64
CA TYR C 146 29.17 -16.50 15.63
C TYR C 146 30.17 -17.44 16.28
N GLU C 147 29.70 -18.31 17.19
CA GLU C 147 30.60 -19.18 17.93
C GLU C 147 31.31 -20.17 17.03
N ILE C 148 30.61 -20.73 16.03
CA ILE C 148 31.21 -21.73 15.14
C ILE C 148 31.57 -21.17 13.77
N ALA C 149 31.10 -19.98 13.42
CA ALA C 149 31.38 -19.38 12.11
C ALA C 149 31.66 -17.90 12.30
N PRO C 150 32.75 -17.56 12.99
CA PRO C 150 33.03 -16.14 13.28
C PRO C 150 33.41 -15.33 12.05
N VAL C 151 34.31 -15.87 11.23
CA VAL C 151 34.74 -15.13 10.04
C VAL C 151 33.56 -14.93 9.10
N PHE C 152 32.81 -16.00 8.84
CA PHE C 152 31.76 -15.94 7.83
C PHE C 152 30.50 -15.23 8.32
N VAL C 153 30.26 -15.20 9.64
CA VAL C 153 29.14 -14.42 10.15
C VAL C 153 29.34 -12.94 9.89
N LEU C 154 30.59 -12.47 9.94
CA LEU C 154 30.91 -11.08 9.64
C LEU C 154 30.99 -10.85 8.14
N MET C 155 31.64 -11.78 7.42
CA MET C 155 31.74 -11.66 5.97
C MET C 155 30.36 -11.49 5.34
N GLU C 156 29.40 -12.31 5.78
CA GLU C 156 28.05 -12.20 5.23
C GLU C 156 27.45 -10.82 5.47
N GLU C 157 27.64 -10.27 6.68
CA GLU C 157 27.12 -8.94 6.97
C GLU C 157 27.67 -7.90 6.00
N GLU C 158 28.97 -7.95 5.73
CA GLU C 158 29.58 -6.98 4.82
C GLU C 158 29.02 -7.15 3.42
N VAL C 159 28.98 -8.38 2.92
CA VAL C 159 28.49 -8.61 1.56
C VAL C 159 27.05 -8.14 1.43
N LEU C 160 26.19 -8.53 2.36
CA LEU C 160 24.80 -8.07 2.32
C LEU C 160 24.71 -6.56 2.39
N LYS C 161 25.66 -5.92 3.07
CA LYS C 161 25.70 -4.46 3.16
C LYS C 161 26.06 -3.84 1.82
N LYS C 162 27.00 -4.47 1.09
CA LYS C 162 27.35 -3.98 -0.24
C LYS C 162 26.19 -4.19 -1.22
N LEU C 163 25.57 -5.37 -1.17
CA LEU C 163 24.43 -5.63 -2.03
C LEU C 163 23.31 -4.62 -1.78
N ARG C 164 23.02 -4.34 -0.51
CA ARG C 164 22.02 -3.33 -0.20
C ARG C 164 22.45 -1.96 -0.71
N ALA C 165 23.75 -1.68 -0.71
CA ALA C 165 24.24 -0.42 -1.27
C ALA C 165 23.98 -0.35 -2.77
N LEU C 166 24.36 -1.41 -3.49
CA LEU C 166 24.10 -1.44 -4.93
C LEU C 166 22.61 -1.38 -5.22
N VAL C 167 21.77 -1.83 -4.28
CA VAL C 167 20.33 -1.67 -4.46
C VAL C 167 19.93 -0.21 -4.23
N GLY C 168 20.67 0.50 -3.38
CA GLY C 168 20.39 1.90 -3.12
C GLY C 168 20.01 2.21 -1.70
N TRP C 169 20.21 1.24 -0.80
CA TRP C 169 19.87 1.39 0.61
C TRP C 169 21.16 1.54 1.41
N ASN C 170 21.17 2.51 2.31
CA ASN C 170 22.27 2.68 3.26
C ASN C 170 22.02 1.95 4.57
N SER C 171 20.95 1.16 4.65
CA SER C 171 20.64 0.40 5.86
C SER C 171 19.57 -0.64 5.53
N GLY C 172 19.55 -1.71 6.32
CA GLY C 172 18.52 -2.73 6.14
C GLY C 172 18.89 -4.01 6.86
N ASP C 173 18.36 -5.12 6.32
CA ASP C 173 18.51 -6.46 6.87
C ASP C 173 18.62 -7.42 5.69
N GLY C 174 18.79 -8.70 5.97
CA GLY C 174 18.86 -9.67 4.90
C GLY C 174 19.54 -10.94 5.34
N VAL C 175 19.46 -11.94 4.46
CA VAL C 175 20.09 -13.24 4.68
C VAL C 175 20.35 -13.88 3.32
N PHE C 176 21.23 -14.87 3.32
CA PHE C 176 21.40 -15.75 2.17
C PHE C 176 20.50 -16.96 2.34
N CYS C 177 19.99 -17.46 1.23
CA CYS C 177 19.07 -18.59 1.22
C CYS C 177 19.53 -19.64 0.23
N PRO C 178 19.03 -20.87 0.36
CA PRO C 178 19.41 -21.94 -0.58
C PRO C 178 18.57 -21.95 -1.86
N GLY C 179 18.88 -21.02 -2.74
CA GLY C 179 18.18 -20.89 -4.00
C GLY C 179 17.23 -19.72 -3.99
N GLY C 180 17.00 -19.15 -5.18
CA GLY C 180 16.11 -18.01 -5.28
C GLY C 180 14.66 -18.35 -4.98
N SER C 181 14.27 -19.60 -5.17
CA SER C 181 12.90 -19.99 -4.85
C SER C 181 12.60 -19.78 -3.38
N ILE C 182 13.58 -20.02 -2.51
CA ILE C 182 13.38 -19.81 -1.09
C ILE C 182 13.41 -18.33 -0.75
N SER C 183 14.21 -17.53 -1.48
CA SER C 183 14.22 -16.09 -1.23
C SER C 183 12.85 -15.47 -1.48
N ASN C 184 12.11 -15.97 -2.48
CA ASN C 184 10.77 -15.43 -2.74
C ASN C 184 9.74 -15.95 -1.73
N MET C 185 9.92 -17.17 -1.23
CA MET C 185 9.00 -17.65 -0.19
C MET C 185 9.19 -16.87 1.11
N TYR C 186 10.42 -16.51 1.45
CA TYR C 186 10.65 -15.61 2.58
C TYR C 186 9.90 -14.30 2.38
N ALA C 187 10.01 -13.72 1.17
CA ALA C 187 9.40 -12.42 0.92
C ALA C 187 7.88 -12.48 1.08
N MET C 188 7.24 -13.48 0.48
CA MET C 188 5.81 -13.67 0.69
C MET C 188 5.49 -13.78 2.17
N ASN C 189 6.17 -14.68 2.87
CA ASN C 189 5.89 -14.92 4.28
C ASN C 189 6.12 -13.65 5.10
N LEU C 190 7.17 -12.91 4.79
CA LEU C 190 7.44 -11.67 5.52
C LEU C 190 6.32 -10.66 5.30
N ALA C 191 5.80 -10.58 4.08
CA ALA C 191 4.69 -9.68 3.81
C ALA C 191 3.45 -10.10 4.56
N ARG C 192 3.11 -11.40 4.52
CA ARG C 192 1.96 -11.90 5.25
C ARG C 192 2.10 -11.60 6.74
N PHE C 193 3.29 -11.80 7.31
CA PHE C 193 3.49 -11.55 8.73
C PHE C 193 3.49 -10.06 9.03
N GLN C 194 4.06 -9.25 8.13
CA GLN C 194 4.13 -7.82 8.38
C GLN C 194 2.74 -7.19 8.41
N ARG C 195 1.80 -7.74 7.63
CA ARG C 195 0.43 -7.25 7.62
C ARG C 195 -0.44 -7.93 8.66
N TYR C 196 -0.34 -9.25 8.80
CA TYR C 196 -1.16 -10.02 9.73
C TYR C 196 -0.27 -10.88 10.63
N PRO C 197 0.36 -10.29 11.65
CA PRO C 197 1.29 -11.06 12.49
C PRO C 197 0.64 -12.21 13.25
N ASP C 198 -0.67 -12.18 13.49
CA ASP C 198 -1.31 -13.29 14.17
C ASP C 198 -1.19 -14.58 13.35
N CYS C 199 -0.87 -14.48 12.06
CA CYS C 199 -0.77 -15.66 11.23
C CYS C 199 0.28 -16.63 11.77
N LYS C 200 1.35 -16.10 12.37
CA LYS C 200 2.43 -16.94 12.86
C LYS C 200 1.91 -18.01 13.81
N GLN C 201 0.93 -17.65 14.65
CA GLN C 201 0.41 -18.53 15.68
C GLN C 201 -0.92 -19.17 15.31
N ARG C 202 -1.88 -18.39 14.81
CA ARG C 202 -3.22 -18.91 14.55
C ARG C 202 -3.36 -19.53 13.17
N GLY C 203 -2.44 -19.23 12.25
CA GLY C 203 -2.51 -19.80 10.92
C GLY C 203 -3.36 -18.98 9.97
N LEU C 204 -3.49 -19.52 8.76
CA LEU C 204 -4.18 -18.80 7.69
C LEU C 204 -5.69 -18.81 7.84
N ARG C 205 -6.27 -19.75 8.59
CA ARG C 205 -7.71 -19.74 8.81
C ARG C 205 -8.16 -18.57 9.67
N ALA C 206 -7.24 -17.89 10.34
CA ALA C 206 -7.55 -16.68 11.10
C ALA C 206 -7.46 -15.43 10.26
N LEU C 207 -7.14 -15.54 8.97
CA LEU C 207 -6.96 -14.40 8.10
C LEU C 207 -7.94 -14.47 6.92
N PRO C 208 -8.24 -13.33 6.31
CA PRO C 208 -9.07 -13.32 5.11
C PRO C 208 -8.31 -13.86 3.91
N PRO C 209 -9.01 -14.20 2.83
CA PRO C 209 -8.30 -14.65 1.62
C PRO C 209 -7.29 -13.60 1.18
N LEU C 210 -6.08 -14.06 0.89
CA LEU C 210 -4.98 -13.19 0.49
C LEU C 210 -4.68 -13.33 -0.99
N ALA C 211 -4.28 -12.22 -1.62
CA ALA C 211 -3.98 -12.20 -3.05
C ALA C 211 -2.65 -11.50 -3.28
N LEU C 212 -1.76 -12.18 -4.03
CA LEU C 212 -0.50 -11.62 -4.48
C LEU C 212 -0.53 -11.53 -5.99
N PHE C 213 0.36 -10.70 -6.55
CA PHE C 213 0.35 -10.37 -7.96
C PHE C 213 1.75 -10.50 -8.54
N THR C 214 1.83 -11.13 -9.70
CA THR C 214 3.11 -11.33 -10.38
C THR C 214 2.87 -11.40 -11.87
N SER C 215 3.94 -11.20 -12.63
CA SER C 215 3.80 -11.15 -14.08
C SER C 215 3.59 -12.56 -14.66
N LYS C 216 3.06 -12.59 -15.88
CA LYS C 216 2.94 -13.83 -16.62
C LYS C 216 4.31 -14.37 -17.02
N GLU C 217 5.37 -13.57 -16.89
CA GLU C 217 6.72 -13.99 -17.21
C GLU C 217 7.52 -14.38 -15.97
N CYS C 218 6.84 -14.65 -14.85
CA CYS C 218 7.54 -14.98 -13.63
C CYS C 218 8.09 -16.40 -13.68
N HIS C 219 9.04 -16.68 -12.78
CA HIS C 219 9.49 -18.05 -12.55
C HIS C 219 8.42 -18.78 -11.73
N TYR C 220 8.30 -20.09 -11.96
CA TYR C 220 7.26 -20.85 -11.27
C TYR C 220 7.44 -20.87 -9.76
N SER C 221 8.56 -20.36 -9.25
CA SER C 221 8.79 -20.33 -7.80
C SER C 221 7.73 -19.53 -7.06
N ILE C 222 7.03 -18.61 -7.72
CA ILE C 222 5.96 -17.87 -7.04
C ILE C 222 4.76 -18.78 -6.80
N THR C 223 4.37 -19.53 -7.83
CA THR C 223 3.23 -20.42 -7.68
C THR C 223 3.55 -21.59 -6.76
N LYS C 224 4.79 -22.08 -6.78
CA LYS C 224 5.18 -23.13 -5.84
C LYS C 224 5.19 -22.60 -4.42
N GLY C 225 5.81 -21.44 -4.21
CA GLY C 225 5.85 -20.87 -2.88
C GLY C 225 4.48 -20.57 -2.31
N ALA C 226 3.56 -20.09 -3.16
CA ALA C 226 2.22 -19.75 -2.69
C ALA C 226 1.49 -20.96 -2.13
N ALA C 227 1.62 -22.11 -2.79
CA ALA C 227 0.95 -23.31 -2.29
C ALA C 227 1.67 -23.85 -1.07
N PHE C 228 3.02 -23.84 -1.09
CA PHE C 228 3.80 -24.31 0.05
C PHE C 228 3.52 -23.47 1.29
N LEU C 229 3.30 -22.17 1.12
CA LEU C 229 2.93 -21.28 2.22
C LEU C 229 1.44 -21.35 2.57
N GLY C 230 0.70 -22.26 1.95
CA GLY C 230 -0.69 -22.46 2.30
C GLY C 230 -1.66 -21.48 1.69
N LEU C 231 -1.17 -20.50 0.93
CA LEU C 231 -2.06 -19.54 0.30
C LEU C 231 -2.85 -20.19 -0.84
N GLY C 232 -2.23 -21.13 -1.55
CA GLY C 232 -2.86 -21.77 -2.71
C GLY C 232 -2.49 -21.09 -4.00
N THR C 233 -2.41 -21.89 -5.07
CA THR C 233 -2.06 -21.33 -6.37
C THR C 233 -3.06 -20.28 -6.81
N ASP C 234 -4.34 -20.44 -6.46
CA ASP C 234 -5.35 -19.47 -6.84
C ASP C 234 -5.05 -18.09 -6.27
N SER C 235 -4.35 -18.03 -5.14
CA SER C 235 -3.98 -16.74 -4.55
C SER C 235 -2.98 -15.97 -5.40
N VAL C 236 -2.39 -16.60 -6.40
CA VAL C 236 -1.47 -15.93 -7.32
C VAL C 236 -2.27 -15.35 -8.48
N ARG C 237 -2.43 -14.04 -8.50
CA ARG C 237 -3.12 -13.36 -9.59
C ARG C 237 -2.10 -12.92 -10.64
N VAL C 238 -2.21 -13.46 -11.85
CA VAL C 238 -1.23 -13.18 -12.90
C VAL C 238 -1.59 -11.88 -13.58
N VAL C 239 -0.57 -11.06 -13.84
CA VAL C 239 -0.73 -9.78 -14.52
C VAL C 239 -0.16 -9.90 -15.93
N LYS C 240 -0.82 -9.27 -16.89
CA LYS C 240 -0.42 -9.42 -18.28
C LYS C 240 0.91 -8.72 -18.54
N ALA C 241 1.70 -9.28 -19.45
CA ALA C 241 2.96 -8.70 -19.87
C ALA C 241 2.78 -8.10 -21.26
N ASP C 242 3.56 -7.06 -21.55
CA ASP C 242 3.42 -6.33 -22.80
C ASP C 242 4.11 -7.11 -23.92
N GLU C 243 4.37 -6.45 -25.04
CA GLU C 243 5.01 -7.16 -26.15
C GLU C 243 6.44 -7.59 -25.81
N ARG C 244 7.15 -6.83 -24.97
CA ARG C 244 8.54 -7.14 -24.65
C ARG C 244 8.69 -8.02 -23.42
N GLY C 245 7.59 -8.55 -22.87
CA GLY C 245 7.68 -9.40 -21.70
C GLY C 245 7.72 -8.68 -20.36
N ARG C 246 7.28 -7.42 -20.32
CA ARG C 246 7.31 -6.62 -19.12
C ARG C 246 5.89 -6.45 -18.59
N MET C 247 5.76 -6.44 -17.27
CA MET C 247 4.43 -6.31 -16.66
C MET C 247 3.81 -4.98 -17.02
N ILE C 248 2.48 -4.97 -17.15
CA ILE C 248 1.74 -3.79 -17.56
C ILE C 248 1.12 -3.10 -16.35
N PRO C 249 1.71 -2.00 -15.85
CA PRO C 249 1.20 -1.38 -14.61
C PRO C 249 -0.29 -1.09 -14.63
N GLU C 250 -0.88 -0.82 -15.78
CA GLU C 250 -2.32 -0.57 -15.81
C GLU C 250 -3.09 -1.84 -15.48
N ASP C 251 -2.63 -3.00 -15.96
CA ASP C 251 -3.32 -4.25 -15.67
C ASP C 251 -3.06 -4.73 -14.25
N LEU C 252 -1.90 -4.39 -13.66
CA LEU C 252 -1.62 -4.77 -12.28
C LEU C 252 -2.68 -4.22 -11.33
N GLU C 253 -2.91 -2.90 -11.37
CA GLU C 253 -3.96 -2.30 -10.53
C GLU C 253 -5.34 -2.78 -10.93
N ARG C 254 -5.58 -2.97 -12.23
CA ARG C 254 -6.87 -3.53 -12.60
C ARG C 254 -7.07 -4.85 -11.88
N GLN C 255 -6.02 -5.67 -11.84
CA GLN C 255 -6.10 -6.93 -11.11
C GLN C 255 -6.30 -6.68 -9.62
N ILE C 256 -5.51 -5.78 -9.04
CA ILE C 256 -5.63 -5.48 -7.61
C ILE C 256 -7.06 -5.07 -7.27
N ILE C 257 -7.66 -4.21 -8.08
CA ILE C 257 -9.01 -3.71 -7.79
C ILE C 257 -10.03 -4.84 -7.92
N LEU C 258 -9.85 -5.72 -8.89
CA LEU C 258 -10.76 -6.86 -9.05
C LEU C 258 -10.60 -7.85 -7.90
N ALA C 259 -9.35 -8.11 -7.50
CA ALA C 259 -9.13 -8.98 -6.35
C ALA C 259 -9.84 -8.46 -5.12
N GLU C 260 -9.78 -7.14 -4.90
CA GLU C 260 -10.48 -6.55 -3.77
C GLU C 260 -11.99 -6.76 -3.88
N ALA C 261 -12.51 -6.71 -5.11
CA ALA C 261 -13.95 -6.85 -5.32
C ALA C 261 -14.43 -8.29 -5.14
N GLU C 262 -13.53 -9.27 -5.19
CA GLU C 262 -13.89 -10.67 -5.03
C GLU C 262 -13.77 -11.16 -3.59
N GLY C 263 -13.38 -10.29 -2.66
CA GLY C 263 -13.24 -10.64 -1.27
C GLY C 263 -11.82 -10.91 -0.82
N SER C 264 -10.89 -11.04 -1.75
CA SER C 264 -9.49 -11.26 -1.38
C SER C 264 -8.86 -9.94 -0.96
N VAL C 265 -7.75 -10.06 -0.23
CA VAL C 265 -7.03 -8.91 0.30
C VAL C 265 -5.66 -8.85 -0.35
N PRO C 266 -5.42 -7.91 -1.27
CA PRO C 266 -4.06 -7.73 -1.80
C PRO C 266 -3.10 -7.41 -0.68
N PHE C 267 -1.94 -8.07 -0.71
CA PHE C 267 -0.90 -7.82 0.29
C PHE C 267 0.50 -7.72 -0.28
N LEU C 268 0.79 -8.30 -1.45
CA LEU C 268 2.14 -8.29 -2.01
C LEU C 268 2.08 -8.25 -3.53
N VAL C 269 3.08 -7.60 -4.11
CA VAL C 269 3.28 -7.57 -5.55
C VAL C 269 4.70 -8.03 -5.84
N SER C 270 4.85 -8.95 -6.79
CA SER C 270 6.14 -9.50 -7.17
C SER C 270 6.45 -9.08 -8.61
N ALA C 271 7.40 -8.16 -8.77
CA ALA C 271 7.91 -7.82 -10.08
C ALA C 271 9.12 -8.70 -10.38
N THR C 272 9.48 -8.77 -11.65
CA THR C 272 10.62 -9.55 -12.10
C THR C 272 11.61 -8.62 -12.80
N SER C 273 12.88 -8.70 -12.38
CA SER C 273 13.93 -7.92 -13.02
C SER C 273 14.91 -8.85 -13.73
N GLY C 274 14.42 -9.56 -14.74
CA GLY C 274 15.24 -10.50 -15.48
C GLY C 274 14.56 -11.84 -15.60
N THR C 275 13.44 -11.89 -16.33
CA THR C 275 12.71 -13.14 -16.47
C THR C 275 13.62 -14.24 -16.99
N THR C 276 13.25 -15.48 -16.72
CA THR C 276 14.12 -16.60 -17.05
C THR C 276 14.15 -16.91 -18.53
N VAL C 277 13.10 -16.53 -19.27
CA VAL C 277 13.05 -16.82 -20.70
C VAL C 277 13.59 -15.66 -21.51
N LEU C 278 12.85 -14.55 -21.54
CA LEU C 278 13.17 -13.44 -22.45
C LEU C 278 14.22 -12.49 -21.90
N GLY C 279 14.43 -12.47 -20.59
CA GLY C 279 15.35 -11.51 -20.01
C GLY C 279 14.76 -10.14 -19.80
N ALA C 280 13.44 -10.04 -19.71
CA ALA C 280 12.77 -8.76 -19.55
C ALA C 280 13.14 -8.13 -18.21
N PHE C 281 12.70 -6.88 -18.04
CA PHE C 281 12.85 -6.15 -16.79
C PHE C 281 11.56 -5.39 -16.54
N ASP C 282 10.76 -5.81 -15.55
CA ASP C 282 9.51 -5.14 -15.28
C ASP C 282 9.78 -3.66 -14.92
N PRO C 283 8.82 -2.77 -15.18
CA PRO C 283 8.99 -1.37 -14.75
C PRO C 283 8.80 -1.21 -13.25
N LEU C 284 9.90 -1.21 -12.50
CA LEU C 284 9.81 -1.21 -11.05
C LEU C 284 9.32 0.13 -10.51
N ASP C 285 9.64 1.23 -11.17
CA ASP C 285 9.21 2.53 -10.67
C ASP C 285 7.73 2.78 -10.92
N ALA C 286 7.17 2.19 -11.98
CA ALA C 286 5.73 2.29 -12.21
C ALA C 286 4.97 1.34 -11.29
N ILE C 287 5.51 0.15 -11.05
CA ILE C 287 4.89 -0.79 -10.15
C ILE C 287 4.99 -0.31 -8.72
N ALA C 288 6.12 0.31 -8.36
CA ALA C 288 6.27 0.89 -7.03
C ALA C 288 5.14 1.86 -6.74
N ASP C 289 4.79 2.71 -7.71
CA ASP C 289 3.68 3.64 -7.52
C ASP C 289 2.41 2.88 -7.17
N VAL C 290 2.13 1.79 -7.90
CA VAL C 290 0.91 1.02 -7.63
C VAL C 290 0.95 0.44 -6.23
N CYS C 291 2.08 -0.17 -5.86
CA CYS C 291 2.19 -0.70 -4.49
C CYS C 291 1.96 0.40 -3.47
N GLN C 292 2.53 1.59 -3.69
CA GLN C 292 2.38 2.66 -2.72
C GLN C 292 0.94 3.16 -2.67
N ARG C 293 0.25 3.19 -3.82
CA ARG C 293 -1.12 3.68 -3.80
C ARG C 293 -2.05 2.72 -3.06
N HIS C 294 -1.65 1.46 -2.92
CA HIS C 294 -2.46 0.46 -2.22
C HIS C 294 -1.75 -0.07 -0.97
N GLY C 295 -0.63 0.54 -0.58
CA GLY C 295 0.08 0.08 0.60
C GLY C 295 0.34 -1.41 0.53
N LEU C 296 1.00 -1.84 -0.54
CA LEU C 296 1.29 -3.25 -0.75
C LEU C 296 2.80 -3.47 -0.69
N TRP C 297 3.17 -4.66 -0.24
CA TRP C 297 4.57 -5.07 -0.20
C TRP C 297 5.10 -5.17 -1.62
N PHE C 298 6.22 -4.51 -1.88
CA PHE C 298 6.82 -4.47 -3.21
C PHE C 298 8.10 -5.32 -3.19
N HIS C 299 8.02 -6.51 -3.78
CA HIS C 299 9.14 -7.43 -3.86
C HIS C 299 9.62 -7.53 -5.30
N VAL C 300 10.95 -7.54 -5.48
CA VAL C 300 11.55 -7.55 -6.80
C VAL C 300 12.36 -8.85 -6.94
N ASP C 301 11.87 -9.75 -7.79
CA ASP C 301 12.58 -10.98 -8.10
C ASP C 301 13.69 -10.64 -9.08
N ALA C 302 14.84 -10.23 -8.52
CA ALA C 302 16.02 -9.89 -9.32
C ALA C 302 17.08 -10.98 -9.24
N ALA C 303 16.66 -12.24 -9.11
CA ALA C 303 17.63 -13.33 -9.00
C ALA C 303 18.58 -13.32 -10.18
N TRP C 304 18.05 -13.10 -11.39
CA TRP C 304 18.83 -13.19 -12.62
C TRP C 304 19.43 -11.84 -13.00
N GLY C 305 18.62 -10.79 -13.02
CA GLY C 305 19.06 -9.48 -13.44
C GLY C 305 19.57 -8.56 -12.36
N GLY C 306 19.54 -8.99 -11.10
CA GLY C 306 20.03 -8.13 -10.04
C GLY C 306 21.52 -7.86 -10.13
N SER C 307 22.27 -8.78 -10.74
CA SER C 307 23.71 -8.60 -10.87
C SER C 307 24.06 -7.42 -11.78
N VAL C 308 23.10 -6.98 -12.60
CA VAL C 308 23.33 -5.85 -13.50
C VAL C 308 23.62 -4.57 -12.73
N LEU C 309 23.22 -4.51 -11.46
CA LEU C 309 23.43 -3.32 -10.64
C LEU C 309 24.90 -2.97 -10.45
N LEU C 310 25.83 -3.83 -10.88
CA LEU C 310 27.25 -3.57 -10.71
C LEU C 310 27.88 -2.78 -11.85
N SER C 311 27.16 -2.54 -12.95
CA SER C 311 27.67 -1.79 -14.08
C SER C 311 26.94 -0.45 -14.17
N ARG C 312 27.71 0.65 -14.15
CA ARG C 312 27.09 1.96 -14.31
C ARG C 312 26.39 2.06 -15.66
N THR C 313 26.89 1.35 -16.66
CA THR C 313 26.31 1.43 -17.99
C THR C 313 24.86 0.93 -18.00
N HIS C 314 24.65 -0.31 -17.56
CA HIS C 314 23.37 -0.98 -17.77
C HIS C 314 22.48 -1.03 -16.54
N ARG C 315 22.93 -0.49 -15.40
CA ARG C 315 22.15 -0.58 -14.18
C ARG C 315 20.87 0.23 -14.22
N HIS C 316 20.64 1.02 -15.28
CA HIS C 316 19.36 1.72 -15.43
C HIS C 316 18.21 0.75 -15.59
N LEU C 317 18.47 -0.50 -15.97
CA LEU C 317 17.40 -1.47 -16.17
C LEU C 317 16.62 -1.74 -14.89
N LEU C 318 17.20 -1.47 -13.72
CA LEU C 318 16.52 -1.70 -12.45
C LEU C 318 16.21 -0.39 -11.73
N ASP C 319 15.89 0.66 -12.49
CA ASP C 319 15.53 1.93 -11.89
C ASP C 319 14.23 1.78 -11.09
N GLY C 320 14.24 2.30 -9.86
CA GLY C 320 13.12 2.16 -8.96
C GLY C 320 13.20 1.00 -8.01
N ILE C 321 14.23 0.15 -8.15
CA ILE C 321 14.37 -1.00 -7.27
C ILE C 321 14.60 -0.56 -5.83
N GLN C 322 15.15 0.64 -5.63
CA GLN C 322 15.34 1.17 -4.28
C GLN C 322 14.02 1.46 -3.58
N ARG C 323 12.90 1.42 -4.29
CA ARG C 323 11.57 1.60 -3.70
C ARG C 323 10.96 0.27 -3.28
N ALA C 324 11.69 -0.83 -3.40
CA ALA C 324 11.18 -2.12 -3.05
C ALA C 324 11.30 -2.37 -1.55
N ASP C 325 10.44 -3.24 -1.05
CA ASP C 325 10.54 -3.69 0.33
C ASP C 325 11.51 -4.85 0.46
N SER C 326 11.66 -5.64 -0.60
CA SER C 326 12.55 -6.80 -0.59
C SER C 326 13.05 -7.02 -2.01
N VAL C 327 14.21 -7.68 -2.11
CA VAL C 327 14.83 -7.94 -3.40
C VAL C 327 15.55 -9.28 -3.34
N ALA C 328 15.20 -10.18 -4.25
CA ALA C 328 15.91 -11.44 -4.41
C ALA C 328 16.99 -11.26 -5.48
N TRP C 329 18.20 -11.74 -5.17
CA TRP C 329 19.37 -11.49 -6.02
C TRP C 329 20.29 -12.69 -5.92
N ASN C 330 20.52 -13.36 -7.06
CA ASN C 330 21.38 -14.53 -7.13
C ASN C 330 22.64 -14.19 -7.90
N PRO C 331 23.74 -13.83 -7.23
CA PRO C 331 25.00 -13.60 -7.96
C PRO C 331 25.61 -14.85 -8.56
N HIS C 332 25.09 -16.05 -8.28
CA HIS C 332 25.69 -17.24 -8.88
C HIS C 332 25.37 -17.36 -10.36
N LYS C 333 24.32 -16.69 -10.84
CA LYS C 333 23.92 -16.83 -12.24
C LYS C 333 24.83 -16.02 -13.14
N LEU C 334 24.78 -14.69 -13.03
CA LEU C 334 25.51 -13.86 -13.98
C LEU C 334 26.99 -13.79 -13.63
N LEU C 335 27.34 -13.69 -12.35
CA LEU C 335 28.74 -13.54 -12.00
C LEU C 335 29.49 -14.87 -11.98
N ALA C 336 28.78 -15.99 -12.11
CA ALA C 336 29.39 -17.34 -12.13
C ALA C 336 30.02 -17.67 -10.78
N ALA C 337 29.32 -17.34 -9.69
CA ALA C 337 29.82 -17.61 -8.35
C ALA C 337 29.59 -19.05 -7.90
N GLY C 338 28.61 -19.73 -8.48
CA GLY C 338 28.34 -21.11 -8.12
C GLY C 338 27.16 -21.28 -7.18
N LEU C 339 26.28 -22.23 -7.48
CA LEU C 339 25.08 -22.43 -6.68
C LEU C 339 25.47 -22.90 -5.29
N GLN C 340 24.75 -22.49 -4.25
CA GLN C 340 23.56 -21.63 -4.29
C GLN C 340 23.82 -20.23 -3.74
N CYS C 341 24.41 -19.34 -4.53
CA CYS C 341 24.59 -17.94 -4.14
C CYS C 341 23.26 -17.23 -4.36
N SER C 342 22.43 -17.18 -3.32
CA SER C 342 21.10 -16.58 -3.42
C SER C 342 20.85 -15.72 -2.20
N ALA C 343 20.72 -14.41 -2.40
CA ALA C 343 20.54 -13.46 -1.32
C ALA C 343 19.11 -12.92 -1.27
N LEU C 344 18.71 -12.47 -0.08
CA LEU C 344 17.43 -11.80 0.13
C LEU C 344 17.70 -10.53 0.91
N LEU C 345 17.54 -9.38 0.28
CA LEU C 345 17.79 -8.09 0.91
C LEU C 345 16.46 -7.47 1.34
N LEU C 346 16.52 -6.71 2.43
CA LEU C 346 15.33 -6.09 3.00
C LEU C 346 15.64 -4.64 3.38
N ARG C 347 14.69 -3.74 3.10
CA ARG C 347 14.80 -2.35 3.53
C ARG C 347 14.41 -2.16 4.99
N ASP C 348 13.74 -3.14 5.61
CA ASP C 348 13.33 -3.01 7.00
C ASP C 348 14.53 -2.94 7.93
N THR C 349 14.40 -2.14 8.99
CA THR C 349 15.45 -2.00 9.99
C THR C 349 14.92 -2.23 11.40
N SER C 350 13.85 -3.02 11.53
CA SER C 350 13.23 -3.29 12.82
C SER C 350 13.30 -4.76 13.21
N ASN C 351 14.24 -5.52 12.64
CA ASN C 351 14.35 -6.96 12.91
C ASN C 351 13.05 -7.69 12.58
N LEU C 352 12.34 -7.23 11.54
CA LEU C 352 11.17 -7.97 11.08
C LEU C 352 11.57 -9.39 10.68
N LEU C 353 12.80 -9.58 10.22
CA LEU C 353 13.23 -10.90 9.78
C LEU C 353 13.32 -11.86 10.95
N LYS C 354 13.86 -11.42 12.09
CA LYS C 354 13.96 -12.31 13.25
C LYS C 354 12.61 -12.51 13.91
N ARG C 355 11.83 -11.44 14.07
CA ARG C 355 10.51 -11.57 14.69
C ARG C 355 9.60 -12.49 13.89
N CYS C 356 9.86 -12.67 12.60
CA CYS C 356 8.99 -13.46 11.74
C CYS C 356 9.38 -14.92 11.71
N HIS C 357 10.67 -15.21 11.55
CA HIS C 357 11.18 -16.57 11.48
C HIS C 357 11.80 -17.03 12.78
N GLY C 358 11.72 -16.23 13.83
CA GLY C 358 12.30 -16.56 15.11
C GLY C 358 11.48 -17.60 15.85
N SER C 359 12.02 -18.03 16.98
CA SER C 359 11.37 -18.98 17.86
C SER C 359 11.16 -18.35 19.23
N GLN C 360 10.63 -19.16 20.15
CA GLN C 360 10.21 -18.68 21.47
C GLN C 360 11.09 -19.37 22.51
N ALA C 361 12.40 -19.23 22.35
CA ALA C 361 13.36 -19.88 23.26
C ALA C 361 14.66 -19.07 23.32
N GLN C 366 20.83 -16.29 23.71
CA GLN C 366 20.87 -16.81 25.08
C GLN C 366 21.13 -15.65 26.04
N GLN C 367 20.88 -15.88 27.33
CA GLN C 367 21.12 -14.89 28.36
C GLN C 367 22.40 -15.16 29.14
N ASP C 368 23.14 -16.22 28.79
CA ASP C 368 24.38 -16.56 29.46
C ASP C 368 25.60 -16.54 28.54
N LYS C 369 25.42 -16.32 27.24
CA LYS C 369 26.54 -16.36 26.32
C LYS C 369 27.43 -15.12 26.43
N PHE C 370 28.70 -15.29 26.07
CA PHE C 370 29.76 -14.32 26.28
C PHE C 370 30.04 -13.46 25.04
N TYR C 371 29.04 -13.25 24.19
CA TYR C 371 29.21 -12.34 23.07
C TYR C 371 27.84 -11.82 22.64
N ASP C 372 27.87 -10.70 21.93
CA ASP C 372 26.64 -10.07 21.44
C ASP C 372 25.87 -11.04 20.55
N VAL C 373 24.78 -11.62 21.08
CA VAL C 373 24.03 -12.61 20.33
C VAL C 373 23.36 -12.04 19.09
N ALA C 374 23.40 -10.71 18.92
CA ALA C 374 22.88 -10.13 17.69
C ALA C 374 23.59 -10.68 16.46
N LEU C 375 24.80 -11.23 16.63
CA LEU C 375 25.52 -11.79 15.49
C LEU C 375 24.90 -13.12 15.04
N ASP C 376 24.26 -13.85 15.94
CA ASP C 376 23.62 -15.11 15.56
C ASP C 376 22.45 -14.82 14.63
N THR C 377 22.38 -15.58 13.53
CA THR C 377 21.34 -15.39 12.52
C THR C 377 20.36 -16.56 12.48
N GLY C 378 20.23 -17.29 13.58
CA GLY C 378 19.34 -18.42 13.61
C GLY C 378 17.88 -18.02 13.57
N ASP C 379 17.54 -16.90 14.21
CA ASP C 379 16.15 -16.46 14.22
C ASP C 379 15.74 -15.80 12.91
N LYS C 380 16.68 -15.52 12.01
CA LYS C 380 16.33 -14.87 10.76
C LYS C 380 15.73 -15.85 9.76
N VAL C 381 16.18 -17.10 9.77
CA VAL C 381 15.75 -18.08 8.79
C VAL C 381 14.86 -19.12 9.46
N VAL C 382 14.12 -19.86 8.62
CA VAL C 382 13.37 -21.01 9.13
C VAL C 382 14.23 -22.26 9.13
N GLN C 383 15.38 -22.23 8.47
CA GLN C 383 16.30 -23.34 8.52
C GLN C 383 16.96 -23.39 9.90
N CYS C 384 17.72 -24.46 10.12
CA CYS C 384 18.58 -24.56 11.29
C CYS C 384 20.04 -24.47 10.86
N GLY C 385 20.57 -25.50 10.23
CA GLY C 385 21.90 -25.46 9.65
C GLY C 385 21.87 -24.85 8.26
N ARG C 386 22.84 -23.98 7.99
CA ARG C 386 22.90 -23.27 6.72
C ARG C 386 24.33 -23.27 6.21
N ARG C 387 24.50 -23.56 4.93
CA ARG C 387 25.81 -23.59 4.33
C ARG C 387 26.43 -22.18 4.37
N VAL C 388 27.73 -22.11 4.11
CA VAL C 388 28.42 -20.83 3.95
C VAL C 388 28.44 -20.52 2.46
N ASP C 389 27.66 -19.52 2.05
CA ASP C 389 27.53 -19.19 0.64
C ASP C 389 28.09 -17.82 0.28
N CYS C 390 28.77 -17.15 1.20
CA CYS C 390 29.29 -15.82 0.94
C CYS C 390 30.75 -15.81 0.54
N LEU C 391 31.52 -16.83 0.92
CA LEU C 391 32.96 -16.82 0.66
C LEU C 391 33.26 -16.87 -0.82
N LYS C 392 32.58 -17.75 -1.56
CA LYS C 392 32.87 -17.88 -2.98
C LYS C 392 32.68 -16.55 -3.71
N LEU C 393 31.63 -15.81 -3.34
CA LEU C 393 31.40 -14.50 -3.93
C LEU C 393 32.37 -13.45 -3.42
N TRP C 394 32.61 -13.42 -2.11
CA TRP C 394 33.47 -12.40 -1.53
C TRP C 394 34.89 -12.51 -2.05
N LEU C 395 35.42 -13.73 -2.17
CA LEU C 395 36.80 -13.93 -2.60
C LEU C 395 37.00 -13.48 -4.05
N MET C 396 36.11 -13.90 -4.93
CA MET C 396 36.17 -13.45 -6.33
C MET C 396 36.05 -11.93 -6.40
N TRP C 397 35.10 -11.36 -5.66
CA TRP C 397 34.96 -9.91 -5.62
C TRP C 397 36.24 -9.25 -5.14
N LYS C 398 36.96 -9.88 -4.22
CA LYS C 398 38.22 -9.32 -3.76
C LYS C 398 39.29 -9.40 -4.86
N ALA C 399 39.26 -10.45 -5.68
CA ALA C 399 40.27 -10.58 -6.72
C ALA C 399 39.93 -9.74 -7.94
N GLN C 400 38.66 -9.74 -8.35
CA GLN C 400 38.24 -8.97 -9.53
C GLN C 400 38.05 -7.49 -9.21
N GLY C 401 37.60 -7.16 -8.01
CA GLY C 401 37.24 -5.79 -7.70
C GLY C 401 35.93 -5.43 -8.36
N GLY C 402 35.27 -4.39 -7.88
CA GLY C 402 34.05 -3.94 -8.51
C GLY C 402 34.21 -3.69 -10.00
N GLN C 403 35.40 -3.26 -10.40
CA GLN C 403 35.65 -2.98 -11.81
C GLN C 403 35.67 -4.27 -12.62
N GLY C 404 36.38 -5.29 -12.13
CA GLY C 404 36.45 -6.54 -12.86
C GLY C 404 35.11 -7.18 -13.10
N LEU C 405 34.18 -7.03 -12.15
CA LEU C 405 32.85 -7.60 -12.32
C LEU C 405 32.00 -6.75 -13.26
N GLU C 406 32.17 -5.42 -13.23
CA GLU C 406 31.46 -4.57 -14.19
C GLU C 406 31.82 -4.94 -15.62
N ARG C 407 33.12 -5.03 -15.93
CA ARG C 407 33.52 -5.37 -17.29
C ARG C 407 32.95 -6.71 -17.74
N ARG C 408 32.86 -7.69 -16.82
CA ARG C 408 32.27 -8.97 -17.21
C ARG C 408 30.80 -8.79 -17.60
N ILE C 409 30.07 -7.96 -16.86
CA ILE C 409 28.70 -7.65 -17.24
C ILE C 409 28.67 -6.90 -18.55
N ASP C 410 29.52 -5.87 -18.67
CA ASP C 410 29.60 -5.11 -19.92
C ASP C 410 30.07 -6.00 -21.06
N GLN C 411 30.99 -6.93 -20.79
CA GLN C 411 31.51 -7.84 -21.80
C GLN C 411 30.45 -8.84 -22.24
N ALA C 412 29.50 -9.15 -21.36
CA ALA C 412 28.39 -10.03 -21.71
C ALA C 412 27.36 -9.30 -22.58
N PHE C 413 27.05 -8.05 -22.24
CA PHE C 413 26.16 -7.25 -23.08
C PHE C 413 26.77 -7.04 -24.46
N ALA C 414 28.07 -6.75 -24.52
CA ALA C 414 28.73 -6.55 -25.81
C ALA C 414 28.57 -7.78 -26.70
N LEU C 415 28.89 -8.97 -26.16
CA LEU C 415 28.76 -10.19 -26.95
C LEU C 415 27.30 -10.48 -27.31
N THR C 416 26.35 -9.99 -26.50
CA THR C 416 24.94 -10.16 -26.87
C THR C 416 24.62 -9.37 -28.14
N ARG C 417 25.22 -8.19 -28.29
CA ARG C 417 25.08 -7.44 -29.54
C ARG C 417 25.65 -8.23 -30.71
N TYR C 418 26.85 -8.82 -30.54
CA TYR C 418 27.45 -9.58 -31.62
C TYR C 418 26.57 -10.75 -32.03
N LEU C 419 25.95 -11.43 -31.05
CA LEU C 419 25.05 -12.53 -31.39
C LEU C 419 23.83 -12.01 -32.15
N VAL C 420 23.27 -10.87 -31.71
CA VAL C 420 22.13 -10.30 -32.41
C VAL C 420 22.53 -9.84 -33.80
N GLU C 421 23.73 -9.27 -33.93
CA GLU C 421 24.22 -8.86 -35.25
C GLU C 421 24.21 -10.04 -36.21
N GLU C 422 24.83 -11.15 -35.81
CA GLU C 422 24.95 -12.29 -36.73
C GLU C 422 23.59 -12.91 -37.04
N ILE C 423 22.65 -12.87 -36.11
CA ILE C 423 21.32 -13.43 -36.40
C ILE C 423 20.61 -12.58 -37.44
N LYS C 424 20.71 -11.25 -37.33
CA LYS C 424 20.04 -10.39 -38.29
C LYS C 424 20.73 -10.43 -39.64
N LYS C 425 22.04 -10.71 -39.65
CA LYS C 425 22.76 -10.79 -40.92
C LYS C 425 22.62 -12.15 -41.57
N ARG C 426 22.39 -13.20 -40.80
CA ARG C 426 22.33 -14.53 -41.36
C ARG C 426 20.90 -14.91 -41.72
N GLU C 427 20.75 -15.58 -42.86
CA GLU C 427 19.46 -16.09 -43.30
C GLU C 427 19.16 -17.37 -42.54
N GLY C 428 17.87 -17.57 -42.24
CA GLY C 428 17.44 -18.74 -41.53
C GLY C 428 17.37 -18.59 -40.02
N PHE C 429 17.99 -17.55 -39.47
CA PHE C 429 17.90 -17.23 -38.05
C PHE C 429 16.96 -16.04 -37.91
N GLU C 430 15.94 -16.19 -37.08
CA GLU C 430 14.91 -15.17 -36.90
C GLU C 430 14.83 -14.86 -35.41
N LEU C 431 15.01 -13.59 -35.06
CA LEU C 431 14.95 -13.17 -33.68
C LEU C 431 13.51 -13.12 -33.21
N VAL C 432 13.26 -13.66 -32.01
CA VAL C 432 11.92 -13.63 -31.46
C VAL C 432 11.54 -12.21 -31.08
N MET C 433 12.49 -11.48 -30.49
CA MET C 433 12.29 -10.09 -30.12
C MET C 433 13.64 -9.47 -29.83
N GLU C 434 13.68 -8.15 -29.78
CA GLU C 434 14.91 -7.46 -29.43
C GLU C 434 15.25 -7.78 -27.98
N PRO C 435 16.47 -8.24 -27.70
CA PRO C 435 16.79 -8.62 -26.32
C PRO C 435 17.12 -7.40 -25.46
N GLU C 436 16.52 -7.37 -24.27
CA GLU C 436 16.79 -6.33 -23.29
C GLU C 436 17.90 -6.72 -22.33
N PHE C 437 18.27 -8.01 -22.28
CA PHE C 437 19.28 -8.55 -21.37
C PHE C 437 20.29 -9.36 -22.17
N VAL C 438 20.79 -10.45 -21.58
CA VAL C 438 21.70 -11.36 -22.28
C VAL C 438 20.96 -12.59 -22.79
N ASN C 439 19.63 -12.60 -22.71
CA ASN C 439 18.82 -13.68 -23.25
C ASN C 439 18.48 -13.36 -24.70
N VAL C 440 18.98 -14.18 -25.61
CA VAL C 440 18.74 -14.01 -27.04
C VAL C 440 17.87 -15.18 -27.48
N CYS C 441 16.58 -14.91 -27.69
CA CYS C 441 15.64 -15.91 -28.16
C CYS C 441 15.51 -15.82 -29.66
N PHE C 442 15.61 -16.98 -30.34
CA PHE C 442 15.59 -16.98 -31.79
C PHE C 442 15.24 -18.36 -32.31
N TRP C 443 14.59 -18.38 -33.47
CA TRP C 443 14.34 -19.61 -34.19
C TRP C 443 15.49 -19.90 -35.16
N PHE C 444 15.54 -21.14 -35.64
CA PHE C 444 16.32 -21.47 -36.82
C PHE C 444 15.37 -22.05 -37.85
N VAL C 445 15.07 -21.27 -38.89
CA VAL C 445 14.19 -21.72 -39.96
C VAL C 445 15.01 -22.57 -40.93
N PRO C 446 14.74 -23.86 -41.05
CA PRO C 446 15.52 -24.69 -41.98
C PRO C 446 15.13 -24.38 -43.41
N PRO C 447 15.96 -24.78 -44.37
CA PRO C 447 15.64 -24.46 -45.78
C PRO C 447 14.23 -24.84 -46.22
N SER C 448 13.71 -25.97 -45.72
CA SER C 448 12.41 -26.45 -46.18
C SER C 448 11.24 -25.56 -45.76
N LEU C 449 11.47 -24.60 -44.86
CA LEU C 449 10.41 -23.72 -44.40
C LEU C 449 10.64 -22.25 -44.72
N ARG C 450 11.78 -21.88 -45.29
CA ARG C 450 12.05 -20.47 -45.57
C ARG C 450 11.10 -19.99 -46.67
N GLY C 451 10.39 -18.91 -46.38
CA GLY C 451 9.41 -18.38 -47.30
C GLY C 451 8.04 -18.96 -47.17
N LYS C 452 7.88 -20.04 -46.40
CA LYS C 452 6.59 -20.70 -46.24
C LYS C 452 5.83 -20.22 -45.01
N LYS C 453 5.99 -18.94 -44.64
CA LYS C 453 5.36 -18.47 -43.42
C LYS C 453 3.84 -18.47 -43.54
N GLU C 454 3.31 -18.31 -44.76
CA GLU C 454 1.86 -18.30 -44.95
C GLU C 454 1.26 -19.69 -45.02
N SER C 455 2.07 -20.74 -44.95
CA SER C 455 1.53 -22.08 -44.93
C SER C 455 0.68 -22.27 -43.67
N PRO C 456 -0.42 -23.00 -43.75
CA PRO C 456 -1.28 -23.16 -42.55
C PRO C 456 -0.60 -23.89 -41.41
N ASP C 457 0.41 -24.71 -41.70
CA ASP C 457 1.10 -25.49 -40.69
C ASP C 457 2.54 -25.02 -40.46
N TYR C 458 2.84 -23.77 -40.80
CA TYR C 458 4.20 -23.28 -40.65
C TYR C 458 4.66 -23.37 -39.20
N SER C 459 3.80 -22.94 -38.27
CA SER C 459 4.16 -22.98 -36.86
C SER C 459 4.40 -24.41 -36.38
N GLN C 460 3.50 -25.33 -36.72
CA GLN C 460 3.62 -26.69 -36.22
C GLN C 460 4.94 -27.33 -36.66
N ARG C 461 5.37 -27.09 -37.91
CA ARG C 461 6.64 -27.67 -38.35
C ARG C 461 7.84 -26.93 -37.78
N LEU C 462 7.76 -25.60 -37.67
CA LEU C 462 8.93 -24.89 -37.14
C LEU C 462 9.18 -25.25 -35.69
N SER C 463 8.11 -25.54 -34.94
CA SER C 463 8.26 -25.96 -33.55
C SER C 463 8.99 -27.30 -33.44
N GLN C 464 9.02 -28.08 -34.52
CA GLN C 464 9.72 -29.35 -34.51
C GLN C 464 11.21 -29.22 -34.78
N VAL C 465 11.71 -28.00 -34.97
CA VAL C 465 13.09 -27.83 -35.39
C VAL C 465 14.04 -27.86 -34.20
N ALA C 466 13.77 -27.05 -33.17
CA ALA C 466 14.67 -27.01 -32.03
C ALA C 466 14.81 -28.36 -31.35
N PRO C 467 13.75 -29.13 -31.11
CA PRO C 467 13.94 -30.45 -30.46
C PRO C 467 14.89 -31.35 -31.24
N VAL C 468 14.86 -31.29 -32.57
CA VAL C 468 15.75 -32.12 -33.37
C VAL C 468 17.17 -31.57 -33.31
N LEU C 469 17.33 -30.25 -33.36
CA LEU C 469 18.65 -29.66 -33.25
C LEU C 469 19.23 -29.87 -31.86
N LYS C 470 18.39 -29.88 -30.83
CA LYS C 470 18.88 -30.12 -29.48
C LYS C 470 19.39 -31.55 -29.32
N GLU C 471 18.63 -32.52 -29.82
CA GLU C 471 19.05 -33.92 -29.73
C GLU C 471 20.36 -34.15 -30.47
N ARG C 472 20.54 -33.50 -31.62
CA ARG C 472 21.72 -33.76 -32.44
C ARG C 472 22.97 -33.14 -31.82
N MET C 473 22.84 -31.97 -31.19
CA MET C 473 23.99 -31.33 -30.59
C MET C 473 24.41 -32.02 -29.30
N VAL C 474 23.46 -32.57 -28.55
CA VAL C 474 23.81 -33.24 -27.30
C VAL C 474 24.53 -34.55 -27.60
N LYS C 475 24.01 -35.33 -28.53
CA LYS C 475 24.65 -36.60 -28.86
C LYS C 475 25.97 -36.38 -29.59
N LYS C 476 26.09 -35.28 -30.34
CA LYS C 476 27.37 -34.92 -30.94
C LYS C 476 28.31 -34.32 -29.89
N GLY C 477 27.76 -33.65 -28.89
CA GLY C 477 28.57 -33.12 -27.81
C GLY C 477 29.26 -31.82 -28.13
N THR C 478 28.75 -31.08 -29.12
CA THR C 478 29.37 -29.85 -29.56
C THR C 478 28.87 -28.62 -28.82
N MET C 479 27.66 -28.65 -28.27
CA MET C 479 27.11 -27.52 -27.56
C MET C 479 25.76 -27.90 -26.97
N MET C 480 25.29 -27.09 -26.02
CA MET C 480 23.98 -27.27 -25.41
C MET C 480 23.32 -25.90 -25.32
N ILE C 481 22.23 -25.73 -26.08
CA ILE C 481 21.44 -24.50 -26.09
C ILE C 481 20.02 -24.85 -25.63
N GLY C 482 19.45 -24.01 -24.77
CA GLY C 482 18.10 -24.25 -24.31
C GLY C 482 17.06 -23.78 -25.31
N TYR C 483 15.88 -24.40 -25.24
CA TYR C 483 14.74 -24.02 -26.06
C TYR C 483 13.45 -24.33 -25.31
N GLN C 484 12.41 -23.54 -25.59
CA GLN C 484 11.11 -23.73 -24.96
C GLN C 484 10.05 -23.06 -25.82
N PRO C 485 8.81 -23.51 -25.75
CA PRO C 485 7.70 -22.74 -26.31
C PRO C 485 7.28 -21.63 -25.35
N HIS C 486 6.60 -20.61 -25.89
CA HIS C 486 6.21 -19.44 -25.09
C HIS C 486 4.83 -19.00 -25.56
N GLY C 487 3.82 -19.77 -25.15
CA GLY C 487 2.46 -19.49 -25.56
C GLY C 487 2.22 -20.01 -26.96
N THR C 488 1.61 -19.15 -27.80
CA THR C 488 1.39 -19.52 -29.19
C THR C 488 2.70 -19.61 -29.97
N ARG C 489 3.77 -19.06 -29.43
CA ARG C 489 5.06 -19.08 -30.11
C ARG C 489 5.64 -20.49 -30.14
N ALA C 490 6.28 -20.83 -31.26
CA ALA C 490 6.84 -22.15 -31.47
C ALA C 490 8.16 -22.32 -30.72
N ASN C 491 8.58 -23.57 -30.57
CA ASN C 491 9.83 -23.88 -29.88
C ASN C 491 10.97 -23.03 -30.44
N PHE C 492 11.53 -22.13 -29.63
CA PHE C 492 12.66 -21.31 -30.06
C PHE C 492 13.80 -21.45 -29.06
N PHE C 493 15.02 -21.19 -29.54
CA PHE C 493 16.18 -21.29 -28.68
C PHE C 493 16.25 -20.11 -27.71
N ARG C 494 17.04 -20.29 -26.66
CA ARG C 494 17.29 -19.24 -25.67
C ARG C 494 18.78 -19.29 -25.35
N MET C 495 19.58 -18.56 -26.13
CA MET C 495 20.98 -18.39 -25.80
C MET C 495 21.11 -17.55 -24.53
N VAL C 496 22.25 -17.72 -23.86
CA VAL C 496 22.56 -16.95 -22.66
C VAL C 496 24.03 -16.59 -22.74
N VAL C 497 24.32 -15.31 -23.01
CA VAL C 497 25.71 -14.86 -23.17
C VAL C 497 26.18 -14.44 -21.79
N ALA C 498 26.60 -15.44 -21.00
CA ALA C 498 27.03 -15.21 -19.62
C ALA C 498 28.37 -15.83 -19.26
N ASN C 499 28.84 -16.83 -19.98
CA ASN C 499 30.12 -17.46 -19.67
C ASN C 499 31.23 -16.41 -19.75
N PRO C 500 32.02 -16.20 -18.69
CA PRO C 500 33.03 -15.12 -18.74
C PRO C 500 34.14 -15.35 -19.75
N ILE C 501 34.37 -16.58 -20.22
CA ILE C 501 35.41 -16.84 -21.20
C ILE C 501 34.85 -16.92 -22.62
N LEU C 502 33.62 -16.48 -22.83
CA LEU C 502 33.05 -16.51 -24.17
C LEU C 502 33.82 -15.58 -25.10
N ALA C 503 33.83 -15.93 -26.38
CA ALA C 503 34.46 -15.12 -27.41
C ALA C 503 33.59 -15.16 -28.65
N GLN C 504 33.85 -14.23 -29.57
CA GLN C 504 33.09 -14.19 -30.80
C GLN C 504 33.20 -15.52 -31.56
N ALA C 505 34.36 -16.18 -31.48
CA ALA C 505 34.55 -17.44 -32.18
C ALA C 505 33.53 -18.49 -31.73
N ASP C 506 33.11 -18.44 -30.46
CA ASP C 506 32.11 -19.39 -29.98
C ASP C 506 30.74 -19.09 -30.57
N ILE C 507 30.43 -17.82 -30.79
CA ILE C 507 29.15 -17.48 -31.40
C ILE C 507 29.17 -17.77 -32.89
N ASP C 508 30.32 -17.64 -33.55
CA ASP C 508 30.40 -18.02 -34.95
C ASP C 508 30.28 -19.53 -35.12
N PHE C 509 30.69 -20.30 -34.11
CA PHE C 509 30.62 -21.75 -34.17
C PHE C 509 29.18 -22.21 -33.97
N LEU C 510 28.54 -21.78 -32.89
CA LEU C 510 27.20 -22.27 -32.60
C LEU C 510 26.22 -21.91 -33.70
N LEU C 511 26.38 -20.71 -34.30
CA LEU C 511 25.52 -20.34 -35.41
C LEU C 511 25.82 -21.19 -36.65
N GLY C 512 27.10 -21.38 -36.96
CA GLY C 512 27.45 -22.30 -38.03
C GLY C 512 27.06 -23.74 -37.71
N GLU C 513 27.12 -24.13 -36.43
CA GLU C 513 26.77 -25.49 -36.04
C GLU C 513 25.28 -25.76 -36.26
N LEU C 514 24.43 -24.81 -35.87
CA LEU C 514 23.00 -24.96 -36.10
C LEU C 514 22.69 -25.11 -37.59
N GLU C 515 23.30 -24.27 -38.43
CA GLU C 515 23.10 -24.38 -39.87
C GLU C 515 23.45 -25.76 -40.38
N LEU C 516 24.54 -26.35 -39.87
CA LEU C 516 24.91 -27.70 -40.28
C LEU C 516 23.87 -28.72 -39.83
N LEU C 517 23.46 -28.65 -38.56
CA LEU C 517 22.56 -29.65 -38.01
C LEU C 517 21.13 -29.53 -38.51
N GLY C 518 20.76 -28.43 -39.15
CA GLY C 518 19.40 -28.26 -39.59
C GLY C 518 19.23 -28.08 -41.08
N GLN C 519 20.23 -28.54 -41.85
CA GLN C 519 20.21 -28.37 -43.30
C GLN C 519 19.22 -29.29 -43.99
N ASP C 520 18.87 -30.41 -43.34
CA ASP C 520 17.95 -31.38 -43.91
C ASP C 520 16.54 -31.27 -43.33
N LEU C 521 16.29 -30.27 -42.50
CA LEU C 521 15.00 -30.14 -41.84
C LEU C 521 14.00 -29.37 -42.68
N PRO D 42 -46.15 17.67 16.16
CA PRO D 42 -46.41 17.81 14.72
C PRO D 42 -47.31 18.99 14.41
N VAL D 43 -48.41 19.10 15.15
CA VAL D 43 -49.30 20.25 14.97
C VAL D 43 -48.58 21.52 15.39
N ALA D 44 -47.82 21.46 16.47
CA ALA D 44 -47.02 22.61 16.89
C ALA D 44 -45.98 22.95 15.83
N VAL D 45 -45.43 21.93 15.17
CA VAL D 45 -44.42 22.16 14.14
C VAL D 45 -45.00 22.95 12.97
N GLU D 46 -46.15 22.52 12.46
CA GLU D 46 -46.77 23.23 11.34
C GLU D 46 -46.98 24.70 11.66
N ALA D 47 -47.58 24.99 12.81
CA ALA D 47 -47.87 26.37 13.17
C ALA D 47 -46.60 27.20 13.31
N LEU D 48 -45.54 26.60 13.82
CA LEU D 48 -44.30 27.35 14.03
C LEU D 48 -43.76 27.85 12.70
N LEU D 49 -43.63 26.97 11.72
CA LEU D 49 -43.04 27.35 10.44
C LEU D 49 -43.92 28.40 9.75
N GLN D 50 -45.24 28.27 9.87
CA GLN D 50 -46.13 29.27 9.29
C GLN D 50 -45.95 30.61 9.96
N ASP D 51 -45.81 30.63 11.30
CA ASP D 51 -45.58 31.89 11.99
C ASP D 51 -44.26 32.52 11.59
N VAL D 52 -43.22 31.70 11.44
CA VAL D 52 -41.94 32.24 10.97
C VAL D 52 -42.07 32.70 9.53
N PHE D 53 -42.78 31.93 8.71
CA PHE D 53 -42.94 32.28 7.30
C PHE D 53 -43.75 33.56 7.16
N GLY D 54 -44.69 33.80 8.07
CA GLY D 54 -45.42 35.05 8.03
C GLY D 54 -44.52 36.25 8.24
N ILE D 55 -43.55 36.13 9.16
CA ILE D 55 -42.59 37.21 9.37
C ILE D 55 -41.67 37.33 8.17
N VAL D 56 -41.24 36.20 7.61
CA VAL D 56 -40.32 36.24 6.46
C VAL D 56 -40.97 36.92 5.27
N VAL D 57 -42.21 36.55 4.97
CA VAL D 57 -42.91 37.13 3.83
C VAL D 57 -43.04 38.64 4.00
N ASP D 58 -43.62 39.07 5.13
CA ASP D 58 -43.91 40.49 5.31
C ASP D 58 -42.62 41.30 5.41
N GLU D 59 -41.73 40.91 6.30
CA GLU D 59 -40.58 41.75 6.64
C GLU D 59 -39.37 41.53 5.74
N ALA D 60 -39.16 40.33 5.24
CA ALA D 60 -37.97 40.07 4.43
C ALA D 60 -38.23 40.20 2.94
N ILE D 61 -39.38 39.71 2.46
CA ILE D 61 -39.67 39.68 1.04
C ILE D 61 -40.42 40.94 0.61
N LEU D 62 -41.60 41.16 1.18
CA LEU D 62 -42.43 42.29 0.75
C LEU D 62 -41.79 43.61 1.13
N LYS D 63 -41.60 43.83 2.44
CA LYS D 63 -40.96 45.06 2.89
C LYS D 63 -39.50 45.15 2.48
N GLY D 64 -38.86 44.01 2.18
CA GLY D 64 -37.47 44.03 1.76
C GLY D 64 -37.27 44.54 0.35
N THR D 65 -38.29 44.46 -0.50
CA THR D 65 -38.21 44.94 -1.87
C THR D 65 -39.01 46.22 -2.08
N SER D 66 -39.46 46.85 -1.00
CA SER D 66 -40.25 48.08 -1.09
C SER D 66 -39.33 49.30 -1.03
N ALA D 67 -39.43 50.16 -2.04
CA ALA D 67 -38.61 51.36 -2.08
C ALA D 67 -38.97 52.36 -0.98
N SER D 68 -40.16 52.21 -0.37
CA SER D 68 -40.55 53.09 0.72
C SER D 68 -39.81 52.78 2.01
N GLU D 69 -39.24 51.58 2.12
CA GLU D 69 -38.56 51.15 3.33
C GLU D 69 -37.06 51.43 3.22
N LYS D 70 -36.35 51.20 4.32
CA LYS D 70 -34.91 51.40 4.33
C LYS D 70 -34.19 50.19 3.75
N VAL D 71 -32.99 50.43 3.23
CA VAL D 71 -32.16 49.31 2.78
C VAL D 71 -31.47 48.66 3.96
N CYS D 72 -31.00 49.47 4.91
CA CYS D 72 -30.27 48.95 6.07
C CYS D 72 -30.61 49.78 7.30
N GLU D 73 -30.67 49.11 8.44
CA GLU D 73 -30.87 49.74 9.75
C GLU D 73 -29.52 49.68 10.47
N TRP D 74 -28.66 50.67 10.20
CA TRP D 74 -27.30 50.61 10.68
C TRP D 74 -27.25 50.62 12.21
N LYS D 75 -26.39 49.77 12.77
CA LYS D 75 -26.13 49.74 14.19
C LYS D 75 -24.64 49.47 14.38
N GLU D 76 -24.02 50.24 15.27
CA GLU D 76 -22.59 50.05 15.55
C GLU D 76 -22.35 48.62 16.04
N PRO D 77 -21.24 47.99 15.64
CA PRO D 77 -21.03 46.58 16.01
C PRO D 77 -21.35 46.34 17.47
N GLU D 78 -20.70 47.08 18.37
CA GLU D 78 -20.91 46.85 19.80
C GLU D 78 -22.37 47.05 20.18
N GLU D 79 -23.04 48.03 19.58
CA GLU D 79 -24.45 48.21 19.86
C GLU D 79 -25.27 47.00 19.41
N LEU D 80 -24.97 46.47 18.21
CA LEU D 80 -25.77 45.36 17.66
C LEU D 80 -25.50 44.07 18.43
N LYS D 81 -24.23 43.82 18.82
CA LYS D 81 -23.95 42.63 19.63
C LYS D 81 -24.90 42.57 20.82
N GLN D 82 -24.94 43.65 21.60
CA GLN D 82 -25.82 43.64 22.76
C GLN D 82 -27.28 43.50 22.36
N LEU D 83 -27.69 44.18 21.28
CA LEU D 83 -29.10 44.16 20.88
C LEU D 83 -29.58 42.74 20.59
N LEU D 84 -28.72 41.91 20.00
CA LEU D 84 -29.13 40.59 19.55
C LEU D 84 -29.21 39.57 20.68
N ASP D 85 -28.36 39.68 21.69
CA ASP D 85 -28.28 38.69 22.77
C ASP D 85 -27.95 37.31 22.21
N LEU D 86 -26.73 37.23 21.68
CA LEU D 86 -26.31 36.06 20.92
C LEU D 86 -25.76 34.93 21.78
N GLU D 87 -25.36 35.22 23.03
CA GLU D 87 -24.66 34.23 23.83
C GLU D 87 -25.55 33.02 24.08
N LEU D 88 -25.06 31.85 23.67
CA LEU D 88 -25.82 30.61 23.81
C LEU D 88 -25.79 30.12 25.24
N GLN D 89 -26.91 29.54 25.68
CA GLN D 89 -27.10 29.23 27.09
C GLN D 89 -27.60 27.79 27.26
N SER D 90 -27.64 27.36 28.52
CA SER D 90 -28.01 26.00 28.86
C SER D 90 -29.51 25.76 28.76
N GLN D 91 -30.30 26.78 29.02
CA GLN D 91 -31.76 26.69 28.97
C GLN D 91 -32.25 27.02 27.56
N GLY D 92 -33.25 26.27 27.09
CA GLY D 92 -33.91 26.59 25.85
C GLY D 92 -34.90 27.74 26.00
N GLU D 93 -35.48 28.15 24.87
CA GLU D 93 -36.43 29.26 24.86
C GLU D 93 -37.78 28.84 24.27
N SER D 94 -38.80 29.64 24.56
CA SER D 94 -40.17 29.36 24.17
C SER D 94 -40.45 29.80 22.73
N ARG D 95 -41.62 29.37 22.23
CA ARG D 95 -42.06 29.72 20.89
C ARG D 95 -42.04 31.22 20.67
N GLU D 96 -42.61 31.96 21.62
CA GLU D 96 -42.68 33.41 21.47
C GLU D 96 -41.29 34.01 21.39
N GLN D 97 -40.40 33.57 22.28
CA GLN D 97 -39.05 34.14 22.32
C GLN D 97 -38.28 33.80 21.05
N ILE D 98 -38.58 32.67 20.40
CA ILE D 98 -37.91 32.35 19.15
C ILE D 98 -38.44 33.23 18.02
N LEU D 99 -39.77 33.32 17.88
CA LEU D 99 -40.34 34.13 16.81
C LEU D 99 -39.87 35.58 16.89
N GLU D 100 -39.70 36.10 18.10
CA GLU D 100 -39.20 37.47 18.24
C GLU D 100 -37.74 37.58 17.84
N ARG D 101 -36.95 36.54 18.09
CA ARG D 101 -35.57 36.55 17.61
C ARG D 101 -35.52 36.52 16.09
N CYS D 102 -36.53 35.92 15.46
CA CYS D 102 -36.62 35.97 13.99
C CYS D 102 -36.87 37.39 13.53
N ARG D 103 -37.84 38.06 14.14
CA ARG D 103 -38.16 39.44 13.79
C ARG D 103 -36.94 40.33 13.90
N THR D 104 -36.12 40.10 14.94
CA THR D 104 -34.94 40.93 15.15
C THR D 104 -33.85 40.64 14.12
N VAL D 105 -33.59 39.35 13.86
CA VAL D 105 -32.55 39.02 12.87
C VAL D 105 -32.92 39.58 11.50
N ILE D 106 -34.19 39.50 11.14
CA ILE D 106 -34.63 40.03 9.84
C ILE D 106 -34.55 41.54 9.84
N HIS D 107 -35.11 42.18 10.87
CA HIS D 107 -35.23 43.64 10.88
C HIS D 107 -33.88 44.31 10.62
N TYR D 108 -32.85 43.89 11.34
CA TYR D 108 -31.56 44.54 11.30
C TYR D 108 -30.64 44.02 10.20
N SER D 109 -31.07 43.04 9.41
CA SER D 109 -30.26 42.60 8.30
C SER D 109 -30.46 43.51 7.09
N VAL D 110 -29.46 43.53 6.22
CA VAL D 110 -29.57 44.31 5.00
C VAL D 110 -30.60 43.67 4.08
N LYS D 111 -31.31 44.50 3.32
CA LYS D 111 -32.33 44.02 2.38
C LYS D 111 -31.68 44.00 0.99
N THR D 112 -31.02 42.89 0.67
CA THR D 112 -30.28 42.77 -0.57
C THR D 112 -31.18 42.81 -1.80
N GLY D 113 -32.48 42.60 -1.63
CA GLY D 113 -33.43 42.69 -2.71
C GLY D 113 -34.08 44.06 -2.84
N HIS D 114 -33.56 45.06 -2.17
CA HIS D 114 -34.13 46.40 -2.22
C HIS D 114 -33.76 47.06 -3.55
N PRO D 115 -34.66 47.85 -4.14
CA PRO D 115 -34.30 48.54 -5.39
C PRO D 115 -33.10 49.47 -5.24
N ARG D 116 -32.75 49.86 -4.01
CA ARG D 116 -31.62 50.75 -3.75
C ARG D 116 -30.44 50.04 -3.10
N PHE D 117 -30.28 48.75 -3.37
CA PHE D 117 -29.11 48.00 -2.94
C PHE D 117 -28.25 47.79 -4.18
N PHE D 118 -27.12 48.51 -4.25
CA PHE D 118 -26.19 48.42 -5.37
C PHE D 118 -24.77 48.19 -4.87
N ASN D 119 -24.63 47.52 -3.73
CA ASN D 119 -23.34 47.35 -3.09
C ASN D 119 -22.59 46.12 -3.59
N GLN D 120 -23.30 45.17 -4.18
CA GLN D 120 -22.72 43.91 -4.63
C GLN D 120 -23.13 43.66 -6.08
N LEU D 121 -22.52 42.64 -6.68
CA LEU D 121 -22.90 42.24 -8.03
C LEU D 121 -24.24 41.52 -8.05
N PHE D 122 -24.72 41.05 -6.91
CA PHE D 122 -26.03 40.43 -6.80
C PHE D 122 -27.02 41.42 -6.17
N SER D 123 -28.25 41.38 -6.66
CA SER D 123 -29.32 42.24 -6.15
C SER D 123 -30.64 41.76 -6.75
N GLY D 124 -31.66 41.58 -5.91
CA GLY D 124 -32.95 41.14 -6.38
C GLY D 124 -33.35 39.80 -5.79
N LEU D 125 -34.66 39.54 -5.74
CA LEU D 125 -35.21 38.34 -5.11
C LEU D 125 -36.29 37.75 -6.02
N ASP D 126 -35.90 36.86 -6.92
CA ASP D 126 -36.89 36.16 -7.73
C ASP D 126 -37.65 35.19 -6.83
N PRO D 127 -38.98 35.30 -6.73
CA PRO D 127 -39.69 34.43 -5.77
C PRO D 127 -39.69 32.97 -6.17
N HIS D 128 -39.71 32.65 -7.47
CA HIS D 128 -39.65 31.25 -7.87
C HIS D 128 -38.33 30.62 -7.46
N ALA D 129 -37.22 31.36 -7.64
CA ALA D 129 -35.94 30.86 -7.15
C ALA D 129 -35.98 30.67 -5.64
N LEU D 130 -36.59 31.61 -4.93
CA LEU D 130 -36.70 31.50 -3.47
C LEU D 130 -37.58 30.32 -3.07
N ALA D 131 -38.73 30.15 -3.74
CA ALA D 131 -39.55 28.97 -3.50
C ALA D 131 -38.74 27.69 -3.71
N GLY D 132 -37.95 27.63 -4.78
CA GLY D 132 -37.09 26.48 -4.98
C GLY D 132 -36.11 26.29 -3.85
N ARG D 133 -35.51 27.38 -3.37
CA ARG D 133 -34.56 27.30 -2.27
C ARG D 133 -35.21 26.68 -1.04
N ILE D 134 -36.46 27.05 -0.76
CA ILE D 134 -37.15 26.53 0.41
C ILE D 134 -37.39 25.04 0.26
N ILE D 135 -37.83 24.60 -0.92
CA ILE D 135 -38.01 23.17 -1.16
C ILE D 135 -36.69 22.43 -0.97
N THR D 136 -35.59 23.04 -1.41
CA THR D 136 -34.28 22.42 -1.23
C THR D 136 -33.96 22.24 0.25
N GLU D 137 -34.17 23.29 1.06
CA GLU D 137 -33.86 23.20 2.47
C GLU D 137 -34.77 22.23 3.21
N SER D 138 -36.01 22.05 2.73
CA SER D 138 -36.95 21.17 3.41
C SER D 138 -36.60 19.70 3.18
N LEU D 139 -36.23 19.34 1.95
CA LEU D 139 -35.88 17.96 1.65
C LEU D 139 -34.50 17.58 2.15
N ASN D 140 -33.63 18.56 2.38
CA ASN D 140 -32.31 18.38 2.98
C ASN D 140 -31.66 17.06 2.58
N THR D 141 -31.21 16.96 1.33
CA THR D 141 -30.49 15.80 0.83
C THR D 141 -29.13 16.26 0.30
N SER D 142 -28.35 15.30 -0.20
CA SER D 142 -27.01 15.56 -0.69
C SER D 142 -26.92 15.21 -2.17
N GLN D 143 -26.39 16.15 -2.96
CA GLN D 143 -26.18 15.96 -4.39
C GLN D 143 -24.97 15.05 -4.57
N TYR D 144 -25.17 13.75 -4.33
CA TYR D 144 -24.05 12.82 -4.23
C TYR D 144 -24.32 11.50 -4.93
N THR D 145 -25.54 10.98 -4.82
CA THR D 145 -25.89 9.73 -5.48
C THR D 145 -27.35 9.76 -5.89
N TYR D 146 -27.67 9.05 -6.97
CA TYR D 146 -29.06 8.90 -7.36
C TYR D 146 -29.88 8.23 -6.26
N GLU D 147 -29.23 7.44 -5.41
CA GLU D 147 -29.95 6.68 -4.39
C GLU D 147 -30.65 7.59 -3.39
N ILE D 148 -29.99 8.68 -2.99
CA ILE D 148 -30.57 9.58 -1.99
C ILE D 148 -31.11 10.87 -2.58
N ALA D 149 -30.78 11.20 -3.83
CA ALA D 149 -31.23 12.43 -4.47
C ALA D 149 -31.56 12.15 -5.93
N PRO D 150 -32.59 11.34 -6.19
CA PRO D 150 -32.89 10.93 -7.57
C PRO D 150 -33.36 12.08 -8.45
N VAL D 151 -34.29 12.88 -7.93
CA VAL D 151 -34.82 13.99 -8.72
C VAL D 151 -33.70 14.97 -9.05
N PHE D 152 -32.87 15.31 -8.06
CA PHE D 152 -31.87 16.34 -8.27
C PHE D 152 -30.65 15.81 -9.02
N VAL D 153 -30.39 14.50 -8.95
CA VAL D 153 -29.32 13.96 -9.79
C VAL D 153 -29.69 14.11 -11.26
N LEU D 154 -30.97 13.96 -11.58
CA LEU D 154 -31.41 14.15 -12.97
C LEU D 154 -31.59 15.62 -13.31
N MET D 155 -32.22 16.38 -12.40
CA MET D 155 -32.41 17.80 -12.63
C MET D 155 -31.09 18.49 -12.92
N GLU D 156 -30.08 18.23 -12.08
CA GLU D 156 -28.75 18.75 -12.36
C GLU D 156 -28.27 18.28 -13.72
N GLU D 157 -28.55 17.03 -14.06
CA GLU D 157 -28.09 16.49 -15.33
C GLU D 157 -28.60 17.36 -16.47
N GLU D 158 -29.87 17.77 -16.42
CA GLU D 158 -30.46 18.58 -17.48
C GLU D 158 -29.85 19.99 -17.50
N VAL D 159 -29.81 20.65 -16.35
CA VAL D 159 -29.38 22.04 -16.29
C VAL D 159 -27.99 22.23 -16.88
N LEU D 160 -27.01 21.44 -16.43
CA LEU D 160 -25.66 21.58 -16.97
C LEU D 160 -25.64 21.38 -18.48
N LYS D 161 -26.54 20.54 -19.01
CA LYS D 161 -26.59 20.34 -20.45
C LYS D 161 -27.08 21.57 -21.18
N LYS D 162 -28.06 22.27 -20.61
CA LYS D 162 -28.53 23.50 -21.22
C LYS D 162 -27.48 24.59 -21.17
N LEU D 163 -26.79 24.72 -20.03
CA LEU D 163 -25.74 25.71 -19.91
C LEU D 163 -24.65 25.47 -20.95
N ARG D 164 -24.22 24.22 -21.12
CA ARG D 164 -23.22 23.94 -22.14
C ARG D 164 -23.71 24.32 -23.53
N ALA D 165 -25.02 24.19 -23.78
CA ALA D 165 -25.56 24.59 -25.07
C ALA D 165 -25.43 26.10 -25.28
N LEU D 166 -25.81 26.89 -24.28
CA LEU D 166 -25.67 28.33 -24.38
C LEU D 166 -24.21 28.76 -24.57
N VAL D 167 -23.27 27.93 -24.11
CA VAL D 167 -21.87 28.21 -24.41
C VAL D 167 -21.58 27.88 -25.86
N GLY D 168 -22.29 26.91 -26.42
CA GLY D 168 -22.11 26.50 -27.80
C GLY D 168 -21.65 25.06 -27.96
N TRP D 169 -21.74 24.29 -26.86
CA TRP D 169 -21.30 22.89 -26.84
C TRP D 169 -22.50 21.96 -26.82
N ASN D 170 -22.49 20.95 -27.69
CA ASN D 170 -23.53 19.93 -27.72
C ASN D 170 -23.18 18.70 -26.89
N SER D 171 -22.06 18.72 -26.18
CA SER D 171 -21.64 17.61 -25.33
C SER D 171 -20.51 18.12 -24.44
N GLY D 172 -20.33 17.45 -23.31
CA GLY D 172 -19.24 17.83 -22.41
C GLY D 172 -19.46 17.24 -21.02
N ASP D 173 -18.91 17.95 -20.03
CA ASP D 173 -18.96 17.53 -18.63
C ASP D 173 -19.14 18.80 -17.78
N GLY D 174 -19.30 18.61 -16.48
CA GLY D 174 -19.40 19.74 -15.58
C GLY D 174 -20.10 19.34 -14.30
N VAL D 175 -20.02 20.25 -13.33
CA VAL D 175 -20.65 20.07 -12.01
C VAL D 175 -20.87 21.44 -11.40
N PHE D 176 -21.68 21.48 -10.35
CA PHE D 176 -21.85 22.68 -9.55
C PHE D 176 -20.83 22.69 -8.41
N CYS D 177 -20.40 23.88 -8.03
CA CYS D 177 -19.40 24.07 -7.00
C CYS D 177 -19.89 25.10 -6.00
N PRO D 178 -19.30 25.14 -4.80
CA PRO D 178 -19.72 26.12 -3.79
C PRO D 178 -19.02 27.47 -3.97
N GLY D 179 -19.45 28.20 -4.98
CA GLY D 179 -18.90 29.49 -5.29
C GLY D 179 -17.99 29.43 -6.51
N GLY D 180 -17.91 30.55 -7.23
CA GLY D 180 -17.05 30.59 -8.40
C GLY D 180 -15.58 30.51 -8.06
N SER D 181 -15.21 30.89 -6.84
CA SER D 181 -13.83 30.77 -6.40
C SER D 181 -13.36 29.33 -6.45
N ILE D 182 -14.25 28.39 -6.11
CA ILE D 182 -13.91 26.97 -6.18
C ILE D 182 -13.92 26.47 -7.62
N SER D 183 -14.83 27.00 -8.46
CA SER D 183 -14.86 26.60 -9.86
C SER D 183 -13.55 26.92 -10.55
N ASN D 184 -12.90 28.02 -10.18
CA ASN D 184 -11.62 28.35 -10.80
C ASN D 184 -10.49 27.47 -10.28
N MET D 185 -10.56 27.06 -9.01
CA MET D 185 -9.55 26.13 -8.51
C MET D 185 -9.70 24.76 -9.16
N TYR D 186 -10.95 24.32 -9.38
CA TYR D 186 -11.17 23.09 -10.13
C TYR D 186 -10.52 23.16 -11.51
N ALA D 187 -10.75 24.28 -12.22
CA ALA D 187 -10.25 24.41 -13.58
C ALA D 187 -8.73 24.33 -13.62
N MET D 188 -8.06 25.07 -12.75
CA MET D 188 -6.60 24.99 -12.67
C MET D 188 -6.15 23.54 -12.49
N ASN D 189 -6.68 22.87 -11.47
CA ASN D 189 -6.25 21.51 -11.17
C ASN D 189 -6.49 20.58 -12.35
N LEU D 190 -7.62 20.75 -13.05
CA LEU D 190 -7.91 19.93 -14.21
C LEU D 190 -6.89 20.17 -15.33
N ALA D 191 -6.44 21.42 -15.50
CA ALA D 191 -5.40 21.68 -16.48
C ALA D 191 -4.09 21.03 -16.07
N ARG D 192 -3.71 21.19 -14.80
CA ARG D 192 -2.50 20.57 -14.29
C ARG D 192 -2.54 19.06 -14.43
N PHE D 193 -3.68 18.44 -14.13
CA PHE D 193 -3.77 16.98 -14.22
C PHE D 193 -3.76 16.53 -15.68
N GLN D 194 -4.42 17.29 -16.56
CA GLN D 194 -4.45 16.93 -17.98
C GLN D 194 -3.07 17.02 -18.62
N ARG D 195 -2.24 17.97 -18.19
CA ARG D 195 -0.90 18.10 -18.74
C ARG D 195 0.11 17.23 -18.01
N TYR D 196 0.07 17.22 -16.67
CA TYR D 196 0.98 16.45 -15.85
C TYR D 196 0.16 15.60 -14.88
N PRO D 197 -0.37 14.47 -15.34
CA PRO D 197 -1.20 13.64 -14.45
C PRO D 197 -0.45 13.10 -13.25
N ASP D 198 0.88 13.00 -13.32
CA ASP D 198 1.64 12.54 -12.17
C ASP D 198 1.48 13.44 -10.96
N CYS D 199 0.99 14.66 -11.15
CA CYS D 199 0.82 15.56 -10.00
C CYS D 199 -0.12 14.96 -8.97
N LYS D 200 -1.14 14.22 -9.42
CA LYS D 200 -2.12 13.67 -8.49
C LYS D 200 -1.47 12.81 -7.42
N GLN D 201 -0.41 12.07 -7.78
CA GLN D 201 0.21 11.14 -6.85
C GLN D 201 1.51 11.68 -6.26
N ARG D 202 2.43 12.17 -7.09
CA ARG D 202 3.74 12.57 -6.61
C ARG D 202 3.81 14.03 -6.18
N GLY D 203 2.86 14.87 -6.59
CA GLY D 203 2.87 16.26 -6.20
C GLY D 203 3.64 17.15 -7.16
N LEU D 204 3.72 18.44 -6.77
CA LEU D 204 4.28 19.46 -7.63
C LEU D 204 5.81 19.40 -7.71
N ARG D 205 6.46 18.77 -6.74
CA ARG D 205 7.91 18.60 -6.83
C ARG D 205 8.31 17.66 -7.96
N ALA D 206 7.36 16.89 -8.50
CA ALA D 206 7.61 16.04 -9.65
C ALA D 206 7.39 16.75 -10.98
N LEU D 207 7.04 18.03 -10.95
CA LEU D 207 6.75 18.80 -12.15
C LEU D 207 7.69 19.99 -12.26
N PRO D 208 7.88 20.52 -13.47
CA PRO D 208 8.67 21.75 -13.61
C PRO D 208 7.86 22.93 -13.11
N PRO D 209 8.51 24.05 -12.84
CA PRO D 209 7.76 25.24 -12.41
C PRO D 209 6.67 25.57 -13.43
N LEU D 210 5.45 25.77 -12.94
CA LEU D 210 4.30 26.03 -13.79
C LEU D 210 3.88 27.49 -13.70
N ALA D 211 3.41 28.02 -14.83
CA ALA D 211 2.98 29.41 -14.92
C ALA D 211 1.62 29.48 -15.61
N LEU D 212 0.70 30.20 -14.99
CA LEU D 212 -0.61 30.52 -15.58
C LEU D 212 -0.70 32.02 -15.79
N PHE D 213 -1.63 32.42 -16.65
CA PHE D 213 -1.75 33.82 -17.09
C PHE D 213 -3.19 34.28 -17.00
N THR D 214 -3.38 35.48 -16.42
CA THR D 214 -4.69 36.07 -16.27
C THR D 214 -4.55 37.58 -16.26
N SER D 215 -5.66 38.28 -16.51
CA SER D 215 -5.63 39.72 -16.66
C SER D 215 -5.44 40.42 -15.31
N LYS D 216 -5.03 41.69 -15.39
CA LYS D 216 -4.91 42.54 -14.20
C LYS D 216 -6.27 42.80 -13.58
N GLU D 217 -7.35 42.45 -14.28
CA GLU D 217 -8.71 42.58 -13.78
C GLU D 217 -9.28 41.23 -13.32
N CYS D 218 -8.42 40.26 -13.02
CA CYS D 218 -8.90 38.94 -12.64
C CYS D 218 -9.50 38.98 -11.23
N HIS D 219 -10.24 37.92 -10.91
CA HIS D 219 -10.77 37.75 -9.56
C HIS D 219 -9.65 37.38 -8.59
N TYR D 220 -9.79 37.84 -7.34
CA TYR D 220 -8.78 37.50 -6.35
C TYR D 220 -8.75 35.99 -6.11
N SER D 221 -9.80 35.27 -6.53
CA SER D 221 -9.83 33.83 -6.40
C SER D 221 -8.77 33.13 -7.24
N ILE D 222 -8.29 33.77 -8.31
CA ILE D 222 -7.25 33.17 -9.12
C ILE D 222 -5.92 33.15 -8.36
N THR D 223 -5.57 34.29 -7.74
CA THR D 223 -4.34 34.36 -6.97
C THR D 223 -4.43 33.55 -5.68
N LYS D 224 -5.61 33.50 -5.07
CA LYS D 224 -5.79 32.68 -3.87
C LYS D 224 -5.72 31.20 -4.22
N GLY D 225 -6.44 30.79 -5.27
CA GLY D 225 -6.43 29.39 -5.66
C GLY D 225 -5.04 28.88 -5.99
N ALA D 226 -4.22 29.71 -6.63
CA ALA D 226 -2.88 29.28 -7.02
C ALA D 226 -2.06 28.87 -5.80
N ALA D 227 -2.16 29.65 -4.71
CA ALA D 227 -1.41 29.31 -3.50
C ALA D 227 -2.03 28.11 -2.79
N PHE D 228 -3.35 28.04 -2.76
CA PHE D 228 -4.02 26.92 -2.11
C PHE D 228 -3.67 25.61 -2.81
N LEU D 229 -3.54 25.64 -4.14
CA LEU D 229 -3.14 24.46 -4.88
C LEU D 229 -1.63 24.24 -4.86
N GLY D 230 -0.88 25.08 -4.12
CA GLY D 230 0.55 24.92 -4.00
C GLY D 230 1.39 25.52 -5.11
N LEU D 231 0.76 26.10 -6.14
CA LEU D 231 1.53 26.68 -7.24
C LEU D 231 2.26 27.96 -6.81
N GLY D 232 1.70 28.70 -5.88
CA GLY D 232 2.30 29.94 -5.44
C GLY D 232 1.78 31.14 -6.20
N THR D 233 1.72 32.27 -5.49
CA THR D 233 1.25 33.49 -6.11
C THR D 233 2.12 33.89 -7.29
N ASP D 234 3.42 33.62 -7.22
CA ASP D 234 4.33 33.94 -8.31
C ASP D 234 3.98 33.17 -9.59
N SER D 235 3.29 32.04 -9.47
CA SER D 235 2.90 31.31 -10.67
C SER D 235 1.86 32.05 -11.49
N VAL D 236 1.23 33.09 -10.94
CA VAL D 236 0.26 33.90 -11.67
C VAL D 236 1.00 35.02 -12.39
N ARG D 237 1.12 34.91 -13.71
CA ARG D 237 1.74 35.93 -14.53
C ARG D 237 0.67 36.88 -15.06
N VAL D 238 0.75 38.14 -14.64
CA VAL D 238 -0.29 39.11 -14.95
C VAL D 238 -0.08 39.70 -16.33
N VAL D 239 -1.18 39.82 -17.08
CA VAL D 239 -1.18 40.37 -18.42
C VAL D 239 -1.83 41.75 -18.37
N LYS D 240 -1.30 42.67 -19.16
CA LYS D 240 -1.77 44.04 -19.13
C LYS D 240 -3.17 44.15 -19.71
N ALA D 241 -3.95 45.07 -19.16
CA ALA D 241 -5.30 45.35 -19.65
C ALA D 241 -5.30 46.70 -20.36
N ASP D 242 -6.20 46.82 -21.33
CA ASP D 242 -6.24 48.02 -22.16
C ASP D 242 -6.95 49.13 -21.42
N GLU D 243 -7.30 50.20 -22.14
CA GLU D 243 -7.99 51.32 -21.51
C GLU D 243 -9.36 50.91 -20.99
N ARG D 244 -9.99 49.93 -21.63
CA ARG D 244 -11.31 49.49 -21.22
C ARG D 244 -11.27 48.32 -20.23
N GLY D 245 -10.10 47.96 -19.73
CA GLY D 245 -9.99 46.90 -18.74
C GLY D 245 -9.98 45.49 -19.28
N ARG D 246 -9.68 45.30 -20.56
CA ARG D 246 -9.69 43.99 -21.18
C ARG D 246 -8.26 43.55 -21.47
N MET D 247 -8.02 42.25 -21.35
CA MET D 247 -6.68 41.73 -21.57
C MET D 247 -6.22 42.00 -23.00
N ILE D 248 -4.91 42.25 -23.14
CA ILE D 248 -4.31 42.57 -24.43
C ILE D 248 -3.62 41.32 -24.98
N PRO D 249 -4.21 40.63 -25.96
CA PRO D 249 -3.60 39.39 -26.45
C PRO D 249 -2.14 39.51 -26.82
N GLU D 250 -1.68 40.70 -27.22
CA GLU D 250 -0.27 40.84 -27.55
C GLU D 250 0.61 40.70 -26.31
N ASP D 251 0.17 41.25 -25.18
CA ASP D 251 0.97 41.12 -23.96
C ASP D 251 0.85 39.72 -23.38
N LEU D 252 -0.29 39.06 -23.57
CA LEU D 252 -0.42 37.66 -23.19
C LEU D 252 0.68 36.83 -23.83
N GLU D 253 0.85 36.96 -25.14
CA GLU D 253 1.89 36.19 -25.82
C GLU D 253 3.27 36.62 -25.36
N ARG D 254 3.46 37.92 -25.09
CA ARG D 254 4.74 38.37 -24.54
C ARG D 254 5.01 37.71 -23.20
N GLN D 255 3.99 37.65 -22.34
CA GLN D 255 4.17 37.01 -21.04
C GLN D 255 4.47 35.52 -21.19
N ILE D 256 3.70 34.84 -22.05
CA ILE D 256 3.93 33.41 -22.27
C ILE D 256 5.38 33.17 -22.70
N ILE D 257 5.86 33.96 -23.65
CA ILE D 257 7.22 33.75 -24.15
C ILE D 257 8.26 34.07 -23.09
N LEU D 258 8.01 35.10 -22.28
CA LEU D 258 8.94 35.44 -21.20
C LEU D 258 8.96 34.36 -20.12
N ALA D 259 7.79 33.85 -19.75
CA ALA D 259 7.74 32.77 -18.77
C ALA D 259 8.57 31.57 -19.22
N GLU D 260 8.44 31.20 -20.50
CA GLU D 260 9.23 30.10 -21.02
C GLU D 260 10.72 30.39 -20.95
N ALA D 261 11.10 31.65 -21.17
CA ALA D 261 12.51 32.00 -21.11
C ALA D 261 13.04 32.02 -19.68
N GLU D 262 12.16 32.10 -18.69
CA GLU D 262 12.57 32.13 -17.29
C GLU D 262 12.59 30.75 -16.64
N GLY D 263 12.23 29.70 -17.38
CA GLY D 263 12.24 28.36 -16.85
C GLY D 263 10.89 27.80 -16.43
N SER D 264 9.85 28.64 -16.37
CA SER D 264 8.52 28.19 -16.01
C SER D 264 7.85 27.55 -17.23
N VAL D 265 6.80 26.78 -16.97
CA VAL D 265 6.07 26.05 -18.01
C VAL D 265 4.66 26.62 -18.06
N PRO D 266 4.31 27.41 -19.07
CA PRO D 266 2.91 27.84 -19.22
C PRO D 266 1.99 26.64 -19.36
N PHE D 267 0.87 26.67 -18.64
CA PHE D 267 -0.10 25.57 -18.73
C PHE D 267 -1.55 26.03 -18.80
N LEU D 268 -1.91 27.22 -18.33
CA LEU D 268 -3.30 27.66 -18.33
C LEU D 268 -3.36 29.17 -18.53
N VAL D 269 -4.40 29.61 -19.25
CA VAL D 269 -4.71 31.02 -19.40
C VAL D 269 -6.14 31.23 -18.94
N SER D 270 -6.34 32.21 -18.06
CA SER D 270 -7.65 32.51 -17.49
C SER D 270 -8.08 33.90 -17.94
N ALA D 271 -9.05 33.94 -18.84
CA ALA D 271 -9.66 35.20 -19.25
C ALA D 271 -10.86 35.48 -18.35
N THR D 272 -11.31 36.73 -18.36
CA THR D 272 -12.44 37.16 -17.56
C THR D 272 -13.53 37.68 -18.47
N SER D 273 -14.75 37.17 -18.30
CA SER D 273 -15.90 37.61 -19.09
C SER D 273 -16.90 38.34 -18.19
N GLY D 274 -16.47 39.48 -17.67
CA GLY D 274 -17.30 40.27 -16.80
C GLY D 274 -16.57 40.65 -15.52
N THR D 275 -15.55 41.50 -15.63
CA THR D 275 -14.77 41.86 -14.46
C THR D 275 -15.69 42.41 -13.37
N THR D 276 -15.23 42.31 -12.12
CA THR D 276 -16.10 42.64 -11.01
C THR D 276 -16.27 44.15 -10.84
N VAL D 277 -15.28 44.94 -11.28
CA VAL D 277 -15.33 46.38 -11.11
C VAL D 277 -15.89 47.02 -12.38
N LEU D 278 -15.13 46.95 -13.48
CA LEU D 278 -15.49 47.70 -14.67
C LEU D 278 -16.55 47.01 -15.52
N GLY D 279 -16.71 45.70 -15.39
CA GLY D 279 -17.63 44.98 -16.24
C GLY D 279 -17.10 44.66 -17.62
N ALA D 280 -15.78 44.66 -17.79
CA ALA D 280 -15.17 44.42 -19.08
C ALA D 280 -15.46 43.01 -19.58
N PHE D 281 -15.06 42.76 -20.83
CA PHE D 281 -15.15 41.42 -21.42
C PHE D 281 -13.89 41.20 -22.23
N ASP D 282 -13.02 40.30 -21.78
CA ASP D 282 -11.78 40.03 -22.50
C ASP D 282 -12.11 39.48 -23.90
N PRO D 283 -11.21 39.71 -24.89
CA PRO D 283 -11.42 39.13 -26.22
C PRO D 283 -11.14 37.64 -26.24
N LEU D 284 -12.20 36.84 -26.10
CA LEU D 284 -11.99 35.39 -25.96
C LEU D 284 -11.49 34.78 -27.25
N ASP D 285 -11.87 35.34 -28.40
CA ASP D 285 -11.46 34.77 -29.67
C ASP D 285 -10.00 35.07 -29.97
N ALA D 286 -9.46 36.17 -29.45
CA ALA D 286 -8.05 36.44 -29.63
C ALA D 286 -7.21 35.64 -28.63
N ILE D 287 -7.70 35.47 -27.41
CA ILE D 287 -6.97 34.69 -26.41
C ILE D 287 -6.99 33.22 -26.78
N ALA D 288 -8.10 32.73 -27.33
CA ALA D 288 -8.15 31.35 -27.81
C ALA D 288 -7.04 31.10 -28.82
N ASP D 289 -6.83 32.04 -29.75
CA ASP D 289 -5.75 31.88 -30.72
C ASP D 289 -4.41 31.71 -30.02
N VAL D 290 -4.13 32.55 -29.02
CA VAL D 290 -2.86 32.47 -28.30
C VAL D 290 -2.75 31.14 -27.57
N CYS D 291 -3.81 30.75 -26.85
CA CYS D 291 -3.78 29.45 -26.18
C CYS D 291 -3.53 28.33 -27.18
N GLN D 292 -4.18 28.39 -28.35
CA GLN D 292 -4.03 27.33 -29.33
C GLN D 292 -2.60 27.30 -29.88
N ARG D 293 -2.00 28.47 -30.08
CA ARG D 293 -0.63 28.50 -30.59
C ARG D 293 0.38 27.97 -29.58
N HIS D 294 0.03 27.95 -28.30
CA HIS D 294 0.92 27.44 -27.26
C HIS D 294 0.34 26.24 -26.53
N GLY D 295 -0.79 25.70 -27.00
CA GLY D 295 -1.40 24.54 -26.38
C GLY D 295 -1.63 24.69 -24.89
N LEU D 296 -2.40 25.72 -24.51
CA LEU D 296 -2.65 26.01 -23.11
C LEU D 296 -4.13 25.83 -22.79
N TRP D 297 -4.41 25.46 -21.54
CA TRP D 297 -5.78 25.35 -21.07
C TRP D 297 -6.43 26.73 -21.06
N PHE D 298 -7.57 26.85 -21.74
CA PHE D 298 -8.26 28.13 -21.87
C PHE D 298 -9.50 28.11 -20.98
N HIS D 299 -9.44 28.85 -19.87
CA HIS D 299 -10.54 28.95 -18.93
C HIS D 299 -11.11 30.36 -19.00
N VAL D 300 -12.44 30.46 -19.00
CA VAL D 300 -13.14 31.73 -19.11
C VAL D 300 -13.93 31.91 -17.82
N ASP D 301 -13.51 32.87 -16.98
CA ASP D 301 -14.22 33.19 -15.74
C ASP D 301 -15.39 34.09 -16.07
N ALA D 302 -16.51 33.46 -16.43
CA ALA D 302 -17.75 34.14 -16.78
C ALA D 302 -18.78 34.07 -15.67
N ALA D 303 -18.34 33.99 -14.41
CA ALA D 303 -19.26 33.89 -13.30
C ALA D 303 -20.27 35.04 -13.31
N TRP D 304 -19.80 36.24 -13.61
CA TRP D 304 -20.63 37.44 -13.56
C TRP D 304 -21.32 37.69 -14.91
N GLY D 305 -20.57 37.63 -16.00
CA GLY D 305 -21.08 37.92 -17.32
C GLY D 305 -21.59 36.74 -18.11
N GLY D 306 -21.54 35.53 -17.55
CA GLY D 306 -22.01 34.38 -18.29
C GLY D 306 -23.50 34.41 -18.56
N SER D 307 -24.27 35.10 -17.72
CA SER D 307 -25.71 35.15 -17.92
C SER D 307 -26.09 35.85 -19.21
N VAL D 308 -25.18 36.65 -19.78
CA VAL D 308 -25.47 37.35 -21.01
C VAL D 308 -25.72 36.39 -22.16
N LEU D 309 -25.21 35.16 -22.07
CA LEU D 309 -25.43 34.18 -23.13
C LEU D 309 -26.90 33.85 -23.35
N LEU D 310 -27.79 34.30 -22.45
CA LEU D 310 -29.21 34.04 -22.59
C LEU D 310 -29.92 35.06 -23.46
N SER D 311 -29.25 36.15 -23.83
CA SER D 311 -29.85 37.20 -24.65
C SER D 311 -29.18 37.21 -26.02
N ARG D 312 -29.99 37.01 -27.07
CA ARG D 312 -29.46 37.08 -28.43
C ARG D 312 -28.88 38.46 -28.72
N THR D 313 -29.44 39.49 -28.09
CA THR D 313 -28.95 40.84 -28.31
C THR D 313 -27.51 40.99 -27.85
N HIS D 314 -27.23 40.64 -26.59
CA HIS D 314 -25.96 40.98 -25.97
C HIS D 314 -24.98 39.81 -25.88
N ARG D 315 -25.34 38.62 -26.35
CA ARG D 315 -24.45 37.48 -26.21
C ARG D 315 -23.21 37.59 -27.08
N HIS D 316 -23.13 38.60 -27.95
CA HIS D 316 -21.92 38.82 -28.73
C HIS D 316 -20.74 39.17 -27.83
N LEU D 317 -21.00 39.59 -26.60
CA LEU D 317 -19.94 39.93 -25.67
C LEU D 317 -19.05 38.73 -25.35
N LEU D 318 -19.54 37.51 -25.51
CA LEU D 318 -18.77 36.31 -25.23
C LEU D 318 -18.44 35.52 -26.48
N ASP D 319 -18.23 36.20 -27.61
CA ASP D 319 -17.88 35.49 -28.84
C ASP D 319 -16.51 34.84 -28.70
N GLY D 320 -16.43 33.56 -29.05
CA GLY D 320 -15.23 32.78 -28.87
C GLY D 320 -15.21 31.95 -27.61
N ILE D 321 -16.21 32.08 -26.75
CA ILE D 321 -16.25 31.28 -25.52
C ILE D 321 -16.40 29.80 -25.85
N GLN D 322 -17.00 29.47 -26.99
CA GLN D 322 -17.15 28.07 -27.39
C GLN D 322 -15.81 27.40 -27.67
N ARG D 323 -14.72 28.18 -27.77
CA ARG D 323 -13.38 27.65 -27.98
C ARG D 323 -12.66 27.37 -26.67
N ALA D 324 -13.34 27.53 -25.53
CA ALA D 324 -12.71 27.37 -24.23
C ALA D 324 -12.68 25.91 -23.80
N ASP D 325 -11.70 25.58 -22.96
CA ASP D 325 -11.65 24.25 -22.36
C ASP D 325 -12.55 24.16 -21.13
N SER D 326 -12.78 25.28 -20.44
CA SER D 326 -13.63 25.30 -19.26
C SER D 326 -14.27 26.68 -19.12
N VAL D 327 -15.41 26.72 -18.41
CA VAL D 327 -16.13 27.97 -18.22
C VAL D 327 -16.82 27.98 -16.85
N ALA D 328 -16.51 28.99 -16.03
CA ALA D 328 -17.17 29.22 -14.76
C ALA D 328 -18.34 30.18 -14.95
N TRP D 329 -19.50 29.85 -14.38
CA TRP D 329 -20.73 30.58 -14.66
C TRP D 329 -21.62 30.56 -13.42
N ASN D 330 -21.93 31.75 -12.89
CA ASN D 330 -22.78 31.88 -11.70
C ASN D 330 -24.12 32.49 -12.07
N PRO D 331 -25.17 31.68 -12.30
CA PRO D 331 -26.49 32.27 -12.55
C PRO D 331 -27.13 32.93 -11.34
N HIS D 332 -26.57 32.80 -10.14
CA HIS D 332 -27.22 33.42 -8.99
C HIS D 332 -27.06 34.93 -8.97
N LYS D 333 -26.08 35.48 -9.67
CA LYS D 333 -25.82 36.92 -9.60
C LYS D 333 -26.81 37.71 -10.47
N LEU D 334 -26.76 37.52 -11.79
CA LEU D 334 -27.55 38.39 -12.66
C LEU D 334 -29.02 37.98 -12.68
N LEU D 335 -29.31 36.68 -12.74
CA LEU D 335 -30.68 36.19 -12.83
C LEU D 335 -31.38 36.14 -11.48
N ALA D 336 -30.67 36.44 -10.39
CA ALA D 336 -31.26 36.47 -9.05
C ALA D 336 -31.73 35.10 -8.58
N ALA D 337 -30.93 34.07 -8.83
CA ALA D 337 -31.29 32.72 -8.40
C ALA D 337 -30.93 32.42 -6.95
N GLY D 338 -29.97 33.12 -6.38
CA GLY D 338 -29.55 32.88 -5.01
C GLY D 338 -28.27 32.09 -4.83
N LEU D 339 -27.41 32.56 -3.94
CA LEU D 339 -26.08 31.98 -3.73
C LEU D 339 -26.18 30.57 -3.14
N GLN D 340 -25.24 29.68 -3.49
CA GLN D 340 -24.12 29.88 -4.41
C GLN D 340 -24.32 29.03 -5.67
N CYS D 341 -25.13 29.53 -6.60
CA CYS D 341 -25.34 28.88 -7.89
C CYS D 341 -24.12 29.21 -8.76
N SER D 342 -23.14 28.31 -8.74
CA SER D 342 -21.89 28.49 -9.48
C SER D 342 -21.55 27.17 -10.15
N ALA D 343 -21.54 27.17 -11.48
CA ALA D 343 -21.31 25.96 -12.25
C ALA D 343 -19.91 25.97 -12.88
N LEU D 344 -19.44 24.77 -13.21
CA LEU D 344 -18.20 24.59 -13.95
C LEU D 344 -18.50 23.68 -15.12
N LEU D 345 -18.43 24.22 -16.33
CA LEU D 345 -18.72 23.44 -17.53
C LEU D 345 -17.40 23.04 -18.20
N LEU D 346 -17.41 21.88 -18.85
CA LEU D 346 -16.21 21.36 -19.49
C LEU D 346 -16.53 20.86 -20.89
N ARG D 347 -15.63 21.15 -21.84
CA ARG D 347 -15.71 20.62 -23.19
C ARG D 347 -15.25 19.17 -23.24
N ASP D 348 -14.57 18.71 -22.18
CA ASP D 348 -14.04 17.36 -22.13
C ASP D 348 -15.16 16.32 -22.10
N THR D 349 -14.92 15.21 -22.78
CA THR D 349 -15.87 14.09 -22.82
C THR D 349 -15.19 12.78 -22.47
N SER D 350 -14.10 12.83 -21.69
CA SER D 350 -13.37 11.64 -21.30
C SER D 350 -13.41 11.42 -19.79
N ASN D 351 -14.38 12.03 -19.11
CA ASN D 351 -14.47 11.93 -17.66
C ASN D 351 -13.18 12.40 -17.00
N LEU D 352 -12.55 13.42 -17.58
CA LEU D 352 -11.39 14.02 -16.93
C LEU D 352 -11.76 14.50 -15.54
N LEU D 353 -13.01 14.93 -15.35
CA LEU D 353 -13.44 15.42 -14.04
C LEU D 353 -13.41 14.30 -13.02
N LYS D 354 -13.89 13.11 -13.40
CA LYS D 354 -13.85 11.97 -12.47
C LYS D 354 -12.44 11.42 -12.32
N ARG D 355 -11.70 11.29 -13.43
CA ARG D 355 -10.34 10.77 -13.35
C ARG D 355 -9.44 11.67 -12.53
N CYS D 356 -9.78 12.95 -12.39
CA CYS D 356 -8.93 13.89 -11.68
C CYS D 356 -9.27 13.95 -10.20
N HIS D 357 -10.57 14.05 -9.87
CA HIS D 357 -11.01 14.15 -8.50
C HIS D 357 -11.61 12.87 -7.95
N GLY D 358 -11.61 11.78 -8.71
CA GLY D 358 -12.19 10.54 -8.22
C GLY D 358 -11.30 9.80 -7.24
N SER D 359 -11.88 8.78 -6.62
CA SER D 359 -11.16 7.91 -5.69
C SER D 359 -11.22 6.46 -6.15
N GLN D 367 -20.29 -3.09 -7.44
CA GLN D 367 -20.75 -3.55 -8.74
C GLN D 367 -22.25 -3.77 -8.72
N ASP D 368 -22.74 -4.28 -7.59
CA ASP D 368 -24.12 -4.74 -7.47
C ASP D 368 -25.06 -3.65 -6.97
N LYS D 369 -24.77 -2.38 -7.25
CA LYS D 369 -25.79 -1.37 -7.11
C LYS D 369 -26.85 -1.56 -8.18
N PHE D 370 -28.09 -1.23 -7.85
CA PHE D 370 -29.24 -1.52 -8.71
C PHE D 370 -29.63 -0.32 -9.56
N TYR D 371 -28.64 0.51 -9.92
CA TYR D 371 -28.84 1.63 -10.84
C TYR D 371 -27.51 1.97 -11.48
N ASP D 372 -27.59 2.66 -12.63
CA ASP D 372 -26.40 3.07 -13.37
C ASP D 372 -25.52 3.97 -12.51
N VAL D 373 -24.39 3.46 -12.03
CA VAL D 373 -23.54 4.25 -11.14
C VAL D 373 -22.95 5.47 -11.83
N ALA D 374 -23.13 5.59 -13.15
CA ALA D 374 -22.72 6.81 -13.84
C ALA D 374 -23.49 8.03 -13.34
N LEU D 375 -24.62 7.82 -12.67
CA LEU D 375 -25.43 8.93 -12.17
C LEU D 375 -24.79 9.57 -10.93
N ASP D 376 -24.03 8.82 -10.16
CA ASP D 376 -23.36 9.38 -8.99
C ASP D 376 -22.27 10.37 -9.43
N THR D 377 -22.25 11.54 -8.81
CA THR D 377 -21.27 12.57 -9.14
C THR D 377 -20.32 12.85 -7.99
N GLY D 378 -20.14 11.88 -7.08
CA GLY D 378 -19.26 12.09 -5.95
C GLY D 378 -17.80 12.13 -6.36
N ASP D 379 -17.42 11.33 -7.36
CA ASP D 379 -16.04 11.29 -7.82
C ASP D 379 -15.68 12.47 -8.70
N LYS D 380 -16.65 13.29 -9.10
CA LYS D 380 -16.35 14.44 -9.96
C LYS D 380 -15.77 15.61 -9.17
N VAL D 381 -16.20 15.79 -7.93
CA VAL D 381 -15.77 16.92 -7.10
C VAL D 381 -14.83 16.40 -6.03
N VAL D 382 -14.09 17.33 -5.40
CA VAL D 382 -13.23 16.96 -4.28
C VAL D 382 -13.97 16.96 -2.95
N GLN D 383 -15.19 17.51 -2.90
CA GLN D 383 -16.00 17.43 -1.70
C GLN D 383 -16.56 16.01 -1.55
N CYS D 384 -17.22 15.79 -0.42
CA CYS D 384 -17.98 14.56 -0.18
C CYS D 384 -19.46 14.87 -0.26
N GLY D 385 -20.02 15.59 0.71
CA GLY D 385 -21.38 16.08 0.62
C GLY D 385 -21.43 17.42 -0.10
N ARG D 386 -22.39 17.55 -1.02
CA ARG D 386 -22.54 18.74 -1.85
C ARG D 386 -24.00 19.15 -1.89
N ARG D 387 -24.25 20.44 -1.71
CA ARG D 387 -25.62 20.94 -1.69
C ARG D 387 -26.29 20.78 -3.04
N VAL D 388 -27.62 20.87 -3.03
CA VAL D 388 -28.43 20.88 -4.24
C VAL D 388 -28.63 22.33 -4.64
N ASP D 389 -27.98 22.73 -5.73
CA ASP D 389 -28.03 24.11 -6.20
C ASP D 389 -28.72 24.25 -7.55
N CYS D 390 -29.35 23.20 -8.06
CA CYS D 390 -29.95 23.23 -9.38
C CYS D 390 -31.43 23.55 -9.38
N LEU D 391 -32.14 23.26 -8.29
CA LEU D 391 -33.59 23.44 -8.30
C LEU D 391 -33.97 24.92 -8.38
N LYS D 392 -33.29 25.77 -7.59
CA LYS D 392 -33.65 27.18 -7.57
C LYS D 392 -33.58 27.80 -8.96
N LEU D 393 -32.54 27.45 -9.73
CA LEU D 393 -32.44 27.97 -11.09
C LEU D 393 -33.47 27.29 -12.00
N TRP D 394 -33.60 25.98 -11.90
CA TRP D 394 -34.49 25.24 -12.79
C TRP D 394 -35.94 25.70 -12.66
N LEU D 395 -36.39 25.96 -11.43
CA LEU D 395 -37.78 26.36 -11.25
C LEU D 395 -38.05 27.72 -11.88
N MET D 396 -37.19 28.71 -11.60
CA MET D 396 -37.35 30.02 -12.22
C MET D 396 -37.30 29.92 -13.74
N TRP D 397 -36.31 29.19 -14.25
CA TRP D 397 -36.21 28.99 -15.70
C TRP D 397 -37.46 28.32 -16.24
N LYS D 398 -38.09 27.43 -15.47
CA LYS D 398 -39.34 26.82 -15.93
C LYS D 398 -40.49 27.82 -15.89
N ALA D 399 -40.49 28.70 -14.89
CA ALA D 399 -41.59 29.65 -14.75
C ALA D 399 -41.42 30.86 -15.66
N GLN D 400 -40.20 31.40 -15.76
CA GLN D 400 -39.96 32.54 -16.63
C GLN D 400 -39.82 32.11 -18.09
N GLY D 401 -39.28 30.92 -18.34
CA GLY D 401 -38.96 30.51 -19.68
C GLY D 401 -37.74 31.23 -20.19
N GLY D 402 -37.07 30.69 -21.21
CA GLY D 402 -35.92 31.36 -21.75
C GLY D 402 -36.19 32.80 -22.12
N GLN D 403 -37.42 33.10 -22.55
CA GLN D 403 -37.75 34.46 -22.96
C GLN D 403 -37.75 35.40 -21.76
N GLY D 404 -38.41 34.99 -20.67
CA GLY D 404 -38.46 35.85 -19.49
C GLY D 404 -37.09 36.18 -18.94
N LEU D 405 -36.14 35.25 -19.06
CA LEU D 405 -34.80 35.50 -18.56
C LEU D 405 -34.00 36.40 -19.50
N GLU D 406 -34.20 36.25 -20.80
CA GLU D 406 -33.59 37.18 -21.75
C GLU D 406 -34.05 38.60 -21.44
N ARG D 407 -35.36 38.79 -21.30
CA ARG D 407 -35.91 40.10 -20.99
C ARG D 407 -35.25 40.74 -19.79
N ARG D 408 -34.95 39.94 -18.75
CA ARG D 408 -34.30 40.50 -17.57
C ARG D 408 -32.90 40.99 -17.89
N ILE D 409 -32.16 40.24 -18.70
CA ILE D 409 -30.84 40.68 -19.13
C ILE D 409 -30.97 41.92 -19.99
N ASP D 410 -31.89 41.90 -20.95
CA ASP D 410 -32.14 43.05 -21.82
C ASP D 410 -32.61 44.24 -21.00
N GLN D 411 -33.43 43.99 -19.96
CA GLN D 411 -33.92 45.07 -19.12
C GLN D 411 -32.80 45.65 -18.27
N ALA D 412 -31.79 44.86 -17.94
CA ALA D 412 -30.67 45.38 -17.17
C ALA D 412 -29.78 46.27 -18.02
N PHE D 413 -29.52 45.85 -19.26
CA PHE D 413 -28.76 46.71 -20.16
C PHE D 413 -29.50 48.01 -20.44
N ALA D 414 -30.81 47.94 -20.66
CA ALA D 414 -31.59 49.15 -20.93
C ALA D 414 -31.47 50.16 -19.80
N LEU D 415 -31.71 49.73 -18.56
CA LEU D 415 -31.61 50.64 -17.43
C LEU D 415 -30.18 51.11 -17.20
N THR D 416 -29.19 50.32 -17.61
CA THR D 416 -27.81 50.78 -17.51
C THR D 416 -27.57 51.96 -18.44
N ARG D 417 -28.17 51.92 -19.64
CA ARG D 417 -28.05 53.05 -20.56
C ARG D 417 -28.71 54.30 -19.96
N TYR D 418 -29.88 54.13 -19.33
CA TYR D 418 -30.55 55.26 -18.70
C TYR D 418 -29.67 55.88 -17.61
N LEU D 419 -28.97 55.05 -16.84
CA LEU D 419 -28.08 55.58 -15.82
C LEU D 419 -26.95 56.40 -16.46
N VAL D 420 -26.39 55.90 -17.56
CA VAL D 420 -25.31 56.62 -18.24
C VAL D 420 -25.83 57.94 -18.81
N GLU D 421 -27.03 57.93 -19.39
CA GLU D 421 -27.62 59.16 -19.89
C GLU D 421 -27.71 60.20 -18.78
N GLU D 422 -28.28 59.82 -17.64
CA GLU D 422 -28.47 60.76 -16.54
C GLU D 422 -27.16 61.24 -15.93
N ILE D 423 -26.12 60.42 -15.96
CA ILE D 423 -24.84 60.85 -15.40
C ILE D 423 -24.20 61.92 -16.27
N LYS D 424 -24.28 61.75 -17.60
CA LYS D 424 -23.64 62.70 -18.50
C LYS D 424 -24.37 64.04 -18.53
N LYS D 425 -25.68 64.02 -18.25
CA LYS D 425 -26.46 65.26 -18.28
C LYS D 425 -26.35 66.05 -16.99
N ARG D 426 -26.06 65.39 -15.87
CA ARG D 426 -26.02 66.07 -14.59
C ARG D 426 -24.61 66.56 -14.29
N GLU D 427 -24.51 67.76 -13.73
CA GLU D 427 -23.24 68.29 -13.28
C GLU D 427 -22.86 67.64 -11.95
N GLY D 428 -21.55 67.42 -11.78
CA GLY D 428 -21.05 66.77 -10.60
C GLY D 428 -20.90 65.27 -10.74
N PHE D 429 -21.51 64.67 -11.75
CA PHE D 429 -21.38 63.26 -12.03
C PHE D 429 -20.47 63.07 -13.24
N GLU D 430 -19.44 62.25 -13.07
CA GLU D 430 -18.44 62.01 -14.10
C GLU D 430 -18.30 60.52 -14.29
N LEU D 431 -18.48 60.05 -15.53
CA LEU D 431 -18.33 58.64 -15.85
C LEU D 431 -16.84 58.29 -15.93
N VAL D 432 -16.48 57.17 -15.30
CA VAL D 432 -15.10 56.70 -15.34
C VAL D 432 -14.75 56.18 -16.73
N MET D 433 -15.66 55.44 -17.34
CA MET D 433 -15.44 54.87 -18.66
C MET D 433 -16.79 54.43 -19.20
N GLU D 434 -16.85 54.22 -20.51
CA GLU D 434 -18.09 53.76 -21.12
C GLU D 434 -18.35 52.33 -20.66
N PRO D 435 -19.53 52.02 -20.13
CA PRO D 435 -19.77 50.66 -19.61
C PRO D 435 -20.13 49.68 -20.71
N GLU D 436 -19.47 48.53 -20.68
CA GLU D 436 -19.75 47.43 -21.60
C GLU D 436 -20.78 46.48 -21.06
N PHE D 437 -21.04 46.53 -19.75
CA PHE D 437 -21.95 45.61 -19.06
C PHE D 437 -22.98 46.42 -18.26
N VAL D 438 -23.37 45.94 -17.08
CA VAL D 438 -24.31 46.65 -16.22
C VAL D 438 -23.62 47.37 -15.07
N ASN D 439 -22.29 47.37 -15.02
CA ASN D 439 -21.53 48.09 -14.00
C ASN D 439 -21.20 49.48 -14.49
N VAL D 440 -21.70 50.49 -13.79
CA VAL D 440 -21.49 51.89 -14.15
C VAL D 440 -20.61 52.53 -13.08
N CYS D 441 -19.36 52.77 -13.43
CA CYS D 441 -18.42 53.42 -12.52
C CYS D 441 -18.41 54.93 -12.77
N PHE D 442 -18.51 55.69 -11.69
CA PHE D 442 -18.59 57.14 -11.82
C PHE D 442 -18.20 57.80 -10.50
N TRP D 443 -17.62 58.98 -10.60
CA TRP D 443 -17.37 59.81 -9.43
C TRP D 443 -18.58 60.71 -9.16
N PHE D 444 -18.59 61.29 -7.97
CA PHE D 444 -19.47 62.42 -7.67
C PHE D 444 -18.56 63.57 -7.26
N VAL D 445 -18.44 64.56 -8.15
CA VAL D 445 -17.61 65.74 -7.90
C VAL D 445 -18.40 66.70 -7.03
N PRO D 446 -17.99 66.96 -5.79
CA PRO D 446 -18.77 67.86 -4.93
C PRO D 446 -18.61 69.31 -5.39
N PRO D 447 -19.52 70.18 -4.98
CA PRO D 447 -19.42 71.58 -5.43
C PRO D 447 -18.06 72.22 -5.18
N SER D 448 -17.41 71.88 -4.06
CA SER D 448 -16.15 72.51 -3.71
C SER D 448 -15.02 72.13 -4.67
N LEU D 449 -15.21 71.14 -5.53
CA LEU D 449 -14.19 70.71 -6.46
C LEU D 449 -14.56 70.89 -7.92
N ARG D 450 -15.77 71.35 -8.23
CA ARG D 450 -16.18 71.49 -9.61
C ARG D 450 -15.39 72.61 -10.28
N GLY D 451 -14.74 72.28 -11.39
CA GLY D 451 -13.89 73.21 -12.10
C GLY D 451 -12.44 73.21 -11.65
N LYS D 452 -12.13 72.58 -10.51
CA LYS D 452 -10.78 72.54 -9.97
C LYS D 452 -10.04 71.26 -10.37
N LYS D 453 -10.33 70.75 -11.56
CA LYS D 453 -9.76 69.48 -11.99
C LYS D 453 -8.25 69.57 -12.23
N GLU D 454 -7.75 70.75 -12.59
CA GLU D 454 -6.34 70.97 -12.81
C GLU D 454 -5.56 71.29 -11.54
N SER D 455 -6.24 71.34 -10.40
CA SER D 455 -5.54 71.58 -9.14
C SER D 455 -4.57 70.44 -8.85
N PRO D 456 -3.41 70.74 -8.25
CA PRO D 456 -2.43 69.65 -7.99
C PRO D 456 -2.89 68.62 -6.97
N ASP D 457 -3.81 68.97 -6.06
CA ASP D 457 -4.29 68.04 -5.05
C ASP D 457 -5.76 67.68 -5.27
N TYR D 458 -6.26 67.86 -6.50
CA TYR D 458 -7.65 67.53 -6.80
C TYR D 458 -7.94 66.06 -6.58
N SER D 459 -7.05 65.18 -7.05
CA SER D 459 -7.31 63.75 -6.95
C SER D 459 -7.47 63.32 -5.50
N GLN D 460 -6.49 63.63 -4.65
CA GLN D 460 -6.58 63.21 -3.25
C GLN D 460 -7.83 63.75 -2.57
N ARG D 461 -8.26 64.97 -2.91
CA ARG D 461 -9.48 65.50 -2.30
C ARG D 461 -10.71 64.73 -2.80
N LEU D 462 -10.74 64.35 -4.08
CA LEU D 462 -11.89 63.64 -4.62
C LEU D 462 -12.01 62.24 -4.02
N SER D 463 -10.88 61.61 -3.68
CA SER D 463 -10.91 60.27 -3.11
C SER D 463 -11.61 60.24 -1.76
N GLN D 464 -11.72 61.38 -1.07
CA GLN D 464 -12.40 61.43 0.20
C GLN D 464 -13.91 61.63 0.07
N VAL D 465 -14.42 61.73 -1.15
CA VAL D 465 -15.85 62.02 -1.35
C VAL D 465 -16.69 60.76 -1.28
N ALA D 466 -16.34 59.75 -2.07
CA ALA D 466 -17.13 58.52 -2.05
C ALA D 466 -17.13 57.88 -0.67
N PRO D 467 -16.01 57.78 0.05
CA PRO D 467 -16.07 57.19 1.41
C PRO D 467 -17.02 57.91 2.34
N VAL D 468 -17.11 59.24 2.25
CA VAL D 468 -18.01 60.01 3.10
C VAL D 468 -19.45 59.86 2.63
N LEU D 469 -19.66 59.80 1.31
CA LEU D 469 -21.01 59.59 0.81
C LEU D 469 -21.54 58.21 1.19
N LYS D 470 -20.66 57.22 1.25
CA LYS D 470 -21.07 55.88 1.69
C LYS D 470 -21.50 55.89 3.14
N GLU D 471 -20.73 56.58 3.99
CA GLU D 471 -21.07 56.62 5.42
C GLU D 471 -22.44 57.25 5.64
N ARG D 472 -22.77 58.31 4.88
CA ARG D 472 -24.01 59.03 5.10
C ARG D 472 -25.21 58.27 4.55
N MET D 473 -25.04 57.56 3.43
CA MET D 473 -26.16 56.83 2.86
C MET D 473 -26.43 55.56 3.67
N VAL D 474 -25.40 54.95 4.24
CA VAL D 474 -25.58 53.72 5.01
C VAL D 474 -26.29 54.01 6.34
N LYS D 475 -25.83 55.04 7.05
CA LYS D 475 -26.43 55.36 8.34
C LYS D 475 -27.83 55.93 8.17
N LYS D 476 -28.10 56.61 7.05
CA LYS D 476 -29.44 57.07 6.77
C LYS D 476 -30.34 55.94 6.27
N GLY D 477 -29.76 54.95 5.59
CA GLY D 477 -30.52 53.79 5.17
C GLY D 477 -31.30 53.95 3.89
N THR D 478 -30.91 54.89 3.02
CA THR D 478 -31.64 55.14 1.79
C THR D 478 -31.12 54.32 0.61
N MET D 479 -29.86 53.89 0.65
CA MET D 479 -29.28 53.13 -0.45
C MET D 479 -27.88 52.69 -0.07
N MET D 480 -27.35 51.73 -0.81
CA MET D 480 -25.99 51.25 -0.62
C MET D 480 -25.34 51.10 -1.99
N ILE D 481 -24.33 51.92 -2.26
CA ILE D 481 -23.58 51.85 -3.51
C ILE D 481 -22.14 51.54 -3.16
N GLY D 482 -21.53 50.62 -3.90
CA GLY D 482 -20.14 50.29 -3.64
C GLY D 482 -19.19 51.32 -4.22
N TYR D 483 -18.00 51.38 -3.64
CA TYR D 483 -16.94 52.24 -4.15
C TYR D 483 -15.60 51.61 -3.85
N GLN D 484 -14.63 51.87 -4.73
CA GLN D 484 -13.28 51.33 -4.53
C GLN D 484 -12.29 52.17 -5.34
N PRO D 485 -11.03 52.22 -4.94
CA PRO D 485 -9.99 52.75 -5.83
C PRO D 485 -9.57 51.67 -6.82
N HIS D 486 -8.99 52.11 -7.93
CA HIS D 486 -8.59 51.20 -9.00
C HIS D 486 -7.28 51.70 -9.60
N GLY D 487 -6.21 51.62 -8.82
CA GLY D 487 -4.89 52.01 -9.27
C GLY D 487 -4.72 53.51 -9.25
N THR D 488 -4.51 54.09 -10.44
CA THR D 488 -4.37 55.53 -10.56
C THR D 488 -5.67 56.26 -10.31
N ARG D 489 -6.81 55.60 -10.51
CA ARG D 489 -8.11 56.25 -10.34
C ARG D 489 -8.51 56.30 -8.88
N ALA D 490 -8.95 57.46 -8.43
CA ALA D 490 -9.37 57.66 -7.05
C ALA D 490 -10.69 56.94 -6.79
N ASN D 491 -11.09 56.92 -5.52
CA ASN D 491 -12.31 56.24 -5.09
C ASN D 491 -13.51 56.68 -5.92
N PHE D 492 -14.07 55.76 -6.70
CA PHE D 492 -15.26 56.02 -7.50
C PHE D 492 -16.33 54.98 -7.21
N PHE D 493 -17.58 55.35 -7.48
CA PHE D 493 -18.70 54.46 -7.23
C PHE D 493 -18.76 53.36 -8.28
N ARG D 494 -19.50 52.29 -7.94
CA ARG D 494 -19.76 51.19 -8.87
C ARG D 494 -21.22 50.77 -8.68
N MET D 495 -22.11 51.39 -9.44
CA MET D 495 -23.49 50.95 -9.50
C MET D 495 -23.57 49.58 -10.16
N VAL D 496 -24.65 48.85 -9.87
CA VAL D 496 -24.90 47.55 -10.49
C VAL D 496 -26.38 47.49 -10.83
N VAL D 497 -26.71 47.61 -12.11
CA VAL D 497 -28.11 47.58 -12.56
C VAL D 497 -28.42 46.12 -12.87
N ALA D 498 -28.75 45.37 -11.83
CA ALA D 498 -29.08 43.95 -11.93
C ALA D 498 -30.39 43.58 -11.28
N ASN D 499 -30.90 44.37 -10.34
CA ASN D 499 -32.15 44.06 -9.69
C ASN D 499 -33.28 43.97 -10.72
N PRO D 500 -34.04 42.87 -10.76
CA PRO D 500 -35.09 42.76 -11.77
C PRO D 500 -36.25 43.74 -11.58
N ILE D 501 -36.43 44.29 -10.39
CA ILE D 501 -37.53 45.21 -10.13
C ILE D 501 -37.08 46.67 -10.18
N LEU D 502 -35.87 46.93 -10.69
CA LEU D 502 -35.40 48.31 -10.78
C LEU D 502 -36.26 49.09 -11.76
N ALA D 503 -36.36 50.40 -11.54
CA ALA D 503 -37.08 51.30 -12.43
C ALA D 503 -36.30 52.60 -12.53
N GLN D 504 -36.63 53.38 -13.56
CA GLN D 504 -35.96 54.67 -13.73
C GLN D 504 -36.14 55.55 -12.51
N ALA D 505 -37.29 55.46 -11.85
CA ALA D 505 -37.52 56.28 -10.67
C ALA D 505 -36.47 56.06 -9.59
N ASP D 506 -35.99 54.81 -9.47
CA ASP D 506 -34.95 54.52 -8.49
C ASP D 506 -33.62 55.13 -8.91
N ILE D 507 -33.34 55.17 -10.21
CA ILE D 507 -32.11 55.80 -10.68
C ILE D 507 -32.20 57.31 -10.55
N ASP D 508 -33.41 57.87 -10.65
CA ASP D 508 -33.59 59.29 -10.38
C ASP D 508 -33.39 59.60 -8.90
N PHE D 509 -33.66 58.62 -8.03
CA PHE D 509 -33.53 58.83 -6.60
C PHE D 509 -32.07 58.81 -6.14
N LEU D 510 -31.32 57.77 -6.50
CA LEU D 510 -29.96 57.64 -6.00
C LEU D 510 -29.11 58.82 -6.46
N LEU D 511 -29.33 59.29 -7.69
CA LEU D 511 -28.62 60.46 -8.18
C LEU D 511 -29.07 61.71 -7.44
N GLY D 512 -30.38 61.88 -7.28
CA GLY D 512 -30.88 62.96 -6.44
C GLY D 512 -30.48 62.83 -4.99
N GLU D 513 -30.40 61.59 -4.50
CA GLU D 513 -29.99 61.38 -3.10
C GLU D 513 -28.53 61.73 -2.89
N LEU D 514 -27.65 61.33 -3.82
CA LEU D 514 -26.24 61.68 -3.69
C LEU D 514 -26.05 63.20 -3.66
N GLU D 515 -26.70 63.92 -4.59
CA GLU D 515 -26.60 65.38 -4.61
C GLU D 515 -26.96 65.97 -3.25
N LEU D 516 -28.00 65.42 -2.61
CA LEU D 516 -28.41 65.89 -1.29
C LEU D 516 -27.34 65.60 -0.24
N LEU D 517 -26.85 64.35 -0.21
CA LEU D 517 -25.93 63.94 0.84
C LEU D 517 -24.54 64.53 0.66
N GLY D 518 -24.22 65.06 -0.52
CA GLY D 518 -22.89 65.58 -0.77
C GLY D 518 -22.86 67.04 -1.15
N GLN D 519 -23.90 67.79 -0.79
CA GLN D 519 -23.95 69.21 -1.14
C GLN D 519 -23.04 70.06 -0.26
N ASP D 520 -22.61 69.56 0.90
CA ASP D 520 -21.75 70.31 1.80
C ASP D 520 -20.29 69.89 1.70
N LEU D 521 -19.95 69.00 0.76
CA LEU D 521 -18.59 68.50 0.63
C LEU D 521 -17.75 69.40 -0.27
S SO4 E . 19.66 -29.54 10.23
O1 SO4 E . 18.85 -28.58 9.50
O2 SO4 E . 20.43 -28.84 11.26
O3 SO4 E . 18.80 -30.53 10.88
O4 SO4 E . 20.57 -30.21 9.32
NA NA F . 30.41 -39.05 39.01
NA NA G . 17.74 -12.93 -40.32
NA NA H . -21.44 65.34 -16.00
#